data_7UAL
#
_entry.id   7UAL
#
loop_
_entity.id
_entity.type
_entity.pdbx_description
1 polymer 'Glucose-6-phosphate 1-dehydrogenase'
2 non-polymer 'NADP NICOTINAMIDE-ADENINE-DINUCLEOTIDE PHOSPHATE'
3 non-polymer 6-O-phosphono-beta-D-glucopyranose
#
_entity_poly.entity_id   1
_entity_poly.type   'polypeptide(L)'
_entity_poly.pdbx_seq_one_letter_code
;MAEQVALSRTQVCGILREELFQGDAFHQSDTHIFIIMGASGDLAKKKIYPTIWWLFRDGLLPENTFIVGYARSRLTVADI
RKQSEPFFKATPEEKLKLEDFFARNSYVAGQYDDAASYQRLNSHMNALHLGSQANRLFYLALPPTVYEAVTKNIHESCMS
QIGWNRIIVEKPFGRDLQSSDRLSNHISSLFREDQIYRINHYLGKEMVQNLMVLRFANRIFGPIWNRDNIACVILTFKEP
FGTEGRGGYFDEFGIIRDVMQNHLLQMLCLVAMEKPASTNSDDVRDEKVKVLKCISEVQANNVVLGQYVGNPDGEGEATK
GYLDDPTVPRGSTTATFAAVVLYVENERWDGVPFILRCGKALNERKAEVRLQFHDVAGDIFHQQCKRNELVIRVQPNEAV
YTKMMTKKPGMFFNPEESELDLTYGNRYKNVKLPDAYERLILDVFCGSQMHFVRSDELREAWRIFTPLLHQIELEKPKPI
PYIYGSRGPTEADELMKRVGFQYEGTYKWVNPHKLLEHHHHHH
;
_entity_poly.pdbx_strand_id   A,B,C,D
#
loop_
_chem_comp.id
_chem_comp.type
_chem_comp.name
_chem_comp.formula
BG6 D-saccharide, beta linking 6-O-phosphono-beta-D-glucopyranose 'C6 H13 O9 P'
NAP non-polymer 'NADP NICOTINAMIDE-ADENINE-DINUCLEOTIDE PHOSPHATE' 'C21 H28 N7 O17 P3'
#
# COMPACT_ATOMS: atom_id res chain seq x y z
N GLN A 28 -11.57 -26.05 -42.38
CA GLN A 28 -13.01 -26.21 -42.56
C GLN A 28 -13.79 -25.28 -41.66
N SER A 29 -14.73 -24.53 -42.24
CA SER A 29 -15.59 -23.62 -41.51
C SER A 29 -16.94 -24.30 -41.28
N ASP A 30 -17.23 -24.62 -40.03
CA ASP A 30 -18.49 -25.27 -39.70
C ASP A 30 -19.67 -24.33 -39.95
N THR A 31 -20.79 -24.92 -40.33
CA THR A 31 -21.99 -24.13 -40.60
C THR A 31 -22.55 -23.56 -39.30
N HIS A 32 -22.99 -22.30 -39.37
CA HIS A 32 -23.61 -21.63 -38.24
C HIS A 32 -24.99 -21.12 -38.67
N ILE A 33 -25.99 -21.37 -37.83
CA ILE A 33 -27.35 -20.95 -38.12
C ILE A 33 -27.84 -20.06 -36.98
N PHE A 34 -28.31 -18.87 -37.33
CA PHE A 34 -28.79 -17.89 -36.37
C PHE A 34 -30.31 -17.86 -36.45
N ILE A 35 -30.96 -18.47 -35.47
CA ILE A 35 -32.41 -18.61 -35.44
C ILE A 35 -32.96 -17.51 -34.55
N ILE A 36 -33.98 -16.80 -35.04
CA ILE A 36 -34.55 -15.65 -34.36
C ILE A 36 -36.00 -15.97 -34.02
N MET A 37 -36.27 -16.17 -32.73
CA MET A 37 -37.66 -16.22 -32.28
C MET A 37 -38.28 -14.83 -32.37
N GLY A 38 -39.56 -14.79 -32.75
CA GLY A 38 -40.25 -13.52 -32.86
C GLY A 38 -39.64 -12.62 -33.92
N ALA A 39 -39.38 -13.18 -35.10
CA ALA A 39 -38.77 -12.41 -36.18
C ALA A 39 -39.62 -11.22 -36.57
N SER A 40 -40.93 -11.31 -36.42
CA SER A 40 -41.83 -10.20 -36.68
C SER A 40 -41.86 -9.20 -35.52
N GLY A 41 -41.09 -9.44 -34.46
CA GLY A 41 -41.14 -8.57 -33.31
C GLY A 41 -40.50 -7.22 -33.56
N ASP A 42 -40.89 -6.26 -32.71
CA ASP A 42 -40.34 -4.91 -32.80
C ASP A 42 -38.84 -4.90 -32.51
N LEU A 43 -38.44 -5.51 -31.39
CA LEU A 43 -37.03 -5.53 -31.04
C LEU A 43 -36.21 -6.25 -32.10
N ALA A 44 -36.73 -7.38 -32.61
CA ALA A 44 -36.04 -8.08 -33.68
C ALA A 44 -35.77 -7.15 -34.86
N LYS A 45 -36.83 -6.61 -35.45
CA LYS A 45 -36.68 -5.85 -36.68
C LYS A 45 -35.87 -4.57 -36.49
N LYS A 46 -35.89 -3.97 -35.30
CA LYS A 46 -35.14 -2.73 -35.15
C LYS A 46 -33.73 -2.91 -34.60
N LYS A 47 -33.41 -4.06 -34.01
CA LYS A 47 -32.08 -4.16 -33.44
C LYS A 47 -31.31 -5.39 -33.89
N ILE A 48 -31.96 -6.54 -34.03
CA ILE A 48 -31.22 -7.79 -34.26
C ILE A 48 -30.91 -7.97 -35.73
N TYR A 49 -31.93 -7.81 -36.59
CA TYR A 49 -31.69 -7.92 -38.03
C TYR A 49 -30.68 -6.90 -38.53
N PRO A 50 -30.76 -5.60 -38.17
CA PRO A 50 -29.65 -4.70 -38.52
C PRO A 50 -28.32 -5.15 -37.93
N THR A 51 -28.32 -5.70 -36.72
CA THR A 51 -27.07 -6.13 -36.10
C THR A 51 -26.43 -7.27 -36.89
N ILE A 52 -27.22 -8.31 -37.21
CA ILE A 52 -26.67 -9.43 -37.95
C ILE A 52 -26.30 -9.02 -39.36
N TRP A 53 -27.05 -8.10 -39.97
CA TRP A 53 -26.69 -7.60 -41.29
C TRP A 53 -25.36 -6.86 -41.26
N TRP A 54 -25.15 -6.02 -40.25
CA TRP A 54 -23.87 -5.32 -40.12
C TRP A 54 -22.73 -6.29 -39.87
N LEU A 55 -22.97 -7.31 -39.05
CA LEU A 55 -21.93 -8.29 -38.78
C LEU A 55 -21.57 -9.09 -40.03
N PHE A 56 -22.56 -9.42 -40.85
CA PHE A 56 -22.28 -10.13 -42.09
C PHE A 56 -21.61 -9.23 -43.12
N ARG A 57 -21.97 -7.95 -43.14
CA ARG A 57 -21.39 -7.01 -44.12
C ARG A 57 -19.90 -6.84 -43.91
N ASP A 58 -19.43 -6.87 -42.67
CA ASP A 58 -18.01 -6.75 -42.38
C ASP A 58 -17.26 -8.06 -42.49
N GLY A 59 -17.95 -9.15 -42.84
CA GLY A 59 -17.30 -10.44 -42.96
C GLY A 59 -16.80 -11.01 -41.66
N LEU A 60 -17.52 -10.77 -40.55
CA LEU A 60 -17.16 -11.31 -39.26
C LEU A 60 -17.83 -12.64 -38.97
N LEU A 61 -18.82 -13.03 -39.76
CA LEU A 61 -19.51 -14.30 -39.60
C LEU A 61 -18.77 -15.42 -40.32
N PRO A 62 -18.98 -16.66 -39.91
CA PRO A 62 -18.46 -17.79 -40.68
C PRO A 62 -19.05 -17.81 -42.08
N GLU A 63 -18.28 -18.35 -43.03
CA GLU A 63 -18.69 -18.30 -44.43
C GLU A 63 -20.02 -19.01 -44.65
N ASN A 64 -20.20 -20.19 -44.05
CA ASN A 64 -21.43 -20.94 -44.19
C ASN A 64 -22.37 -20.61 -43.02
N THR A 65 -22.91 -19.39 -43.06
CA THR A 65 -23.82 -18.91 -42.03
C THR A 65 -25.18 -18.61 -42.64
N PHE A 66 -26.23 -19.09 -41.99
CA PHE A 66 -27.59 -18.86 -42.43
C PHE A 66 -28.42 -18.34 -41.27
N ILE A 67 -29.52 -17.67 -41.60
CA ILE A 67 -30.40 -17.04 -40.61
C ILE A 67 -31.83 -17.51 -40.88
N VAL A 68 -32.50 -17.97 -39.82
CA VAL A 68 -33.87 -18.45 -39.90
C VAL A 68 -34.75 -17.60 -39.00
N GLY A 69 -35.83 -17.08 -39.55
CA GLY A 69 -36.79 -16.30 -38.79
C GLY A 69 -37.97 -17.15 -38.35
N TYR A 70 -38.57 -16.77 -37.22
CA TYR A 70 -39.68 -17.53 -36.68
C TYR A 70 -40.53 -16.60 -35.81
N ALA A 71 -41.85 -16.66 -36.03
CA ALA A 71 -42.81 -15.87 -35.26
C ALA A 71 -44.20 -16.40 -35.58
N ARG A 72 -45.21 -15.83 -34.92
CA ARG A 72 -46.59 -16.21 -35.20
C ARG A 72 -47.09 -15.62 -36.51
N SER A 73 -46.57 -14.47 -36.91
CA SER A 73 -47.03 -13.82 -38.14
C SER A 73 -46.66 -14.67 -39.36
N ARG A 74 -47.58 -14.73 -40.32
CA ARG A 74 -47.37 -15.47 -41.55
C ARG A 74 -46.64 -14.65 -42.60
N LEU A 75 -45.53 -14.04 -42.19
CA LEU A 75 -44.75 -13.20 -43.08
C LEU A 75 -43.88 -14.06 -44.00
N THR A 76 -43.12 -13.39 -44.87
CA THR A 76 -42.18 -14.04 -45.76
C THR A 76 -40.81 -13.39 -45.59
N VAL A 77 -39.82 -13.91 -46.31
CA VAL A 77 -38.49 -13.30 -46.29
C VAL A 77 -38.57 -11.88 -46.85
N ALA A 78 -39.36 -11.68 -47.91
CA ALA A 78 -39.51 -10.35 -48.48
C ALA A 78 -40.21 -9.41 -47.52
N ASP A 79 -41.19 -9.92 -46.76
CA ASP A 79 -41.93 -9.06 -45.83
C ASP A 79 -41.01 -8.50 -44.74
N ILE A 80 -40.26 -9.38 -44.06
CA ILE A 80 -39.32 -8.91 -43.06
C ILE A 80 -38.21 -8.11 -43.71
N ARG A 81 -37.85 -8.43 -44.95
CA ARG A 81 -36.84 -7.66 -45.68
C ARG A 81 -37.27 -6.21 -45.81
N LYS A 82 -38.47 -5.97 -46.32
CA LYS A 82 -38.94 -4.60 -46.51
C LYS A 82 -39.26 -3.93 -45.18
N GLN A 83 -39.60 -4.72 -44.16
CA GLN A 83 -39.85 -4.14 -42.85
C GLN A 83 -38.56 -3.66 -42.19
N SER A 84 -37.45 -4.34 -42.44
CA SER A 84 -36.20 -4.04 -41.75
C SER A 84 -35.17 -3.30 -42.62
N GLU A 85 -35.48 -3.02 -43.88
CA GLU A 85 -34.59 -2.16 -44.68
C GLU A 85 -34.29 -0.81 -44.05
N PRO A 86 -35.28 -0.05 -43.55
CA PRO A 86 -34.95 1.31 -43.05
C PRO A 86 -34.00 1.32 -41.87
N PHE A 87 -33.88 0.24 -41.12
CA PHE A 87 -33.00 0.19 -39.95
C PHE A 87 -31.61 -0.36 -40.26
N PHE A 88 -31.37 -0.82 -41.50
CA PHE A 88 -30.03 -1.27 -41.86
C PHE A 88 -29.06 -0.12 -42.08
N LYS A 89 -29.56 1.08 -42.40
CA LYS A 89 -28.72 2.19 -42.83
C LYS A 89 -27.86 1.78 -44.02
N ALA A 90 -28.45 1.03 -44.95
CA ALA A 90 -27.72 0.46 -46.06
C ALA A 90 -27.37 1.54 -47.08
N THR A 91 -26.44 1.19 -47.98
CA THR A 91 -25.95 2.08 -49.01
C THR A 91 -26.09 1.42 -50.38
N PRO A 92 -26.22 2.22 -51.44
CA PRO A 92 -26.39 1.62 -52.78
C PRO A 92 -25.24 0.73 -53.22
N GLU A 93 -24.01 1.03 -52.81
CA GLU A 93 -22.87 0.20 -53.20
C GLU A 93 -22.83 -1.13 -52.47
N GLU A 94 -23.66 -1.33 -51.46
CA GLU A 94 -23.72 -2.59 -50.72
C GLU A 94 -24.90 -3.47 -51.16
N LYS A 95 -25.47 -3.19 -52.33
CA LYS A 95 -26.65 -3.94 -52.77
C LYS A 95 -26.33 -5.40 -53.03
N LEU A 96 -25.16 -5.71 -53.58
CA LEU A 96 -24.80 -7.09 -53.84
C LEU A 96 -24.69 -7.88 -52.54
N LYS A 97 -24.05 -7.31 -51.52
CA LYS A 97 -23.94 -7.99 -50.24
C LYS A 97 -25.29 -8.08 -49.54
N LEU A 98 -26.15 -7.07 -49.70
CA LEU A 98 -27.50 -7.16 -49.15
C LEU A 98 -28.29 -8.28 -49.80
N GLU A 99 -28.15 -8.43 -51.13
CA GLU A 99 -28.83 -9.52 -51.83
C GLU A 99 -28.31 -10.87 -51.38
N ASP A 100 -26.99 -10.99 -51.18
CA ASP A 100 -26.44 -12.22 -50.62
C ASP A 100 -27.01 -12.48 -49.22
N PHE A 101 -27.06 -11.45 -48.39
CA PHE A 101 -27.58 -11.56 -47.04
C PHE A 101 -29.00 -12.10 -47.04
N PHE A 102 -29.87 -11.55 -47.90
CA PHE A 102 -31.24 -12.03 -47.94
C PHE A 102 -31.41 -13.31 -48.76
N ALA A 103 -30.38 -13.71 -49.51
CA ALA A 103 -30.38 -15.06 -50.07
C ALA A 103 -30.05 -16.08 -48.99
N ARG A 104 -29.31 -15.67 -47.95
CA ARG A 104 -29.02 -16.55 -46.83
C ARG A 104 -30.06 -16.46 -45.71
N ASN A 105 -31.12 -15.68 -45.89
CA ASN A 105 -32.16 -15.54 -44.88
C ASN A 105 -33.36 -16.43 -45.22
N SER A 106 -34.13 -16.74 -44.18
CA SER A 106 -35.32 -17.56 -44.31
C SER A 106 -36.28 -17.23 -43.17
N TYR A 107 -37.54 -17.62 -43.35
CA TYR A 107 -38.58 -17.38 -42.36
C TYR A 107 -39.56 -18.53 -42.33
N VAL A 108 -39.97 -18.92 -41.13
CA VAL A 108 -40.92 -20.00 -40.91
C VAL A 108 -41.96 -19.52 -39.90
N ALA A 109 -43.23 -19.69 -40.24
CA ALA A 109 -44.32 -19.30 -39.35
C ALA A 109 -44.70 -20.46 -38.45
N GLY A 110 -45.11 -20.13 -37.22
CA GLY A 110 -45.50 -21.16 -36.27
C GLY A 110 -45.95 -20.55 -34.97
N GLN A 111 -46.08 -21.40 -33.96
CA GLN A 111 -46.52 -21.00 -32.63
C GLN A 111 -45.41 -21.21 -31.62
N TYR A 112 -45.52 -20.49 -30.50
CA TYR A 112 -44.51 -20.57 -29.45
C TYR A 112 -44.73 -21.74 -28.50
N ASP A 113 -45.85 -22.46 -28.64
CA ASP A 113 -46.13 -23.61 -27.80
C ASP A 113 -46.50 -24.87 -28.57
N ASP A 114 -46.86 -24.77 -29.84
CA ASP A 114 -47.22 -25.93 -30.65
C ASP A 114 -45.94 -26.59 -31.16
N ALA A 115 -45.73 -27.85 -30.77
CA ALA A 115 -44.49 -28.53 -31.14
C ALA A 115 -44.37 -28.73 -32.64
N ALA A 116 -45.50 -28.97 -33.32
CA ALA A 116 -45.48 -29.25 -34.75
C ALA A 116 -44.71 -28.19 -35.51
N SER A 117 -44.92 -26.91 -35.16
CA SER A 117 -44.11 -25.85 -35.75
C SER A 117 -42.64 -26.01 -35.40
N TYR A 118 -42.34 -26.57 -34.23
CA TYR A 118 -40.93 -26.72 -33.85
C TYR A 118 -40.23 -27.80 -34.67
N GLN A 119 -40.87 -28.95 -34.89
CA GLN A 119 -40.19 -29.89 -35.78
C GLN A 119 -40.29 -29.45 -37.24
N ARG A 120 -41.27 -28.63 -37.60
CA ARG A 120 -41.25 -28.03 -38.94
C ARG A 120 -40.03 -27.14 -39.11
N LEU A 121 -39.72 -26.33 -38.11
CA LEU A 121 -38.52 -25.51 -38.14
C LEU A 121 -37.27 -26.38 -38.15
N ASN A 122 -37.29 -27.49 -37.40
CA ASN A 122 -36.14 -28.38 -37.37
C ASN A 122 -35.90 -29.01 -38.74
N SER A 123 -36.97 -29.47 -39.40
CA SER A 123 -36.83 -30.03 -40.74
C SER A 123 -36.39 -28.98 -41.75
N HIS A 124 -36.90 -27.75 -41.65
CA HIS A 124 -36.45 -26.68 -42.52
C HIS A 124 -34.97 -26.38 -42.30
N MET A 125 -34.56 -26.30 -41.03
CA MET A 125 -33.20 -25.96 -40.67
C MET A 125 -32.24 -27.06 -41.08
N ASN A 126 -32.67 -28.32 -40.97
CA ASN A 126 -31.86 -29.45 -41.43
C ASN A 126 -31.74 -29.50 -42.94
N ALA A 127 -32.66 -28.87 -43.66
CA ALA A 127 -32.65 -28.97 -45.12
C ALA A 127 -31.81 -27.86 -45.74
N LEU A 128 -30.57 -27.76 -45.27
CA LEU A 128 -29.61 -26.76 -45.71
C LEU A 128 -28.31 -27.45 -46.06
N HIS A 129 -27.28 -26.66 -46.37
CA HIS A 129 -25.98 -27.25 -46.60
C HIS A 129 -25.42 -27.53 -45.22
N LEU A 130 -24.95 -28.75 -44.98
CA LEU A 130 -24.46 -29.10 -43.66
C LEU A 130 -25.51 -28.76 -42.61
N GLY A 131 -26.78 -28.82 -42.99
CA GLY A 131 -27.85 -28.48 -42.07
C GLY A 131 -27.97 -29.42 -40.91
N SER A 132 -26.92 -30.18 -40.63
CA SER A 132 -26.93 -31.11 -39.52
C SER A 132 -25.72 -30.83 -38.66
N GLN A 133 -24.53 -30.88 -39.24
CA GLN A 133 -23.36 -30.52 -38.47
C GLN A 133 -23.32 -29.04 -38.10
N ALA A 134 -24.38 -28.29 -38.44
CA ALA A 134 -24.38 -26.85 -38.24
C ALA A 134 -24.40 -26.49 -36.76
N ASN A 135 -23.81 -25.33 -36.46
CA ASN A 135 -23.83 -24.78 -35.11
C ASN A 135 -25.07 -23.89 -34.99
N ARG A 136 -26.08 -24.39 -34.29
CA ARG A 136 -27.34 -23.68 -34.16
C ARG A 136 -27.26 -22.65 -33.04
N LEU A 137 -27.84 -21.46 -33.29
CA LEU A 137 -27.80 -20.35 -32.35
C LEU A 137 -29.16 -19.68 -32.35
N PHE A 138 -29.80 -19.63 -31.18
CA PHE A 138 -31.16 -19.13 -31.05
C PHE A 138 -31.18 -17.79 -30.33
N TYR A 139 -32.01 -16.87 -30.81
CA TYR A 139 -32.25 -15.60 -30.16
C TYR A 139 -33.72 -15.52 -29.78
N LEU A 140 -34.00 -15.28 -28.50
CA LEU A 140 -35.38 -15.22 -28.00
C LEU A 140 -35.75 -13.75 -27.78
N ALA A 141 -36.17 -13.10 -28.86
CA ALA A 141 -36.63 -11.70 -28.79
C ALA A 141 -38.14 -11.68 -28.59
N LEU A 142 -38.55 -12.15 -27.42
CA LEU A 142 -39.95 -12.37 -27.09
C LEU A 142 -40.28 -11.77 -25.73
N PRO A 143 -41.56 -11.51 -25.47
CA PRO A 143 -41.95 -11.09 -24.12
C PRO A 143 -41.65 -12.18 -23.12
N PRO A 144 -41.42 -11.83 -21.85
CA PRO A 144 -41.03 -12.84 -20.85
C PRO A 144 -42.08 -13.91 -20.61
N THR A 145 -43.34 -13.66 -20.96
CA THR A 145 -44.42 -14.59 -20.64
C THR A 145 -44.35 -15.89 -21.44
N VAL A 146 -43.52 -15.97 -22.47
CA VAL A 146 -43.45 -17.15 -23.33
C VAL A 146 -42.08 -17.83 -23.26
N TYR A 147 -41.20 -17.36 -22.38
CA TYR A 147 -39.88 -17.98 -22.25
C TYR A 147 -40.01 -19.44 -21.84
N GLU A 148 -40.92 -19.73 -20.93
CA GLU A 148 -41.17 -21.12 -20.50
C GLU A 148 -41.38 -22.03 -21.71
N ALA A 149 -42.42 -21.73 -22.49
CA ALA A 149 -42.79 -22.59 -23.61
C ALA A 149 -41.70 -22.63 -24.67
N VAL A 150 -41.12 -21.47 -25.00
CA VAL A 150 -40.13 -21.44 -26.07
C VAL A 150 -38.89 -22.24 -25.68
N THR A 151 -38.41 -22.05 -24.45
CA THR A 151 -37.23 -22.78 -24.01
C THR A 151 -37.49 -24.27 -23.94
N LYS A 152 -38.63 -24.69 -23.39
CA LYS A 152 -38.89 -26.12 -23.27
C LYS A 152 -39.03 -26.75 -24.65
N ASN A 153 -39.70 -26.08 -25.59
CA ASN A 153 -39.87 -26.66 -26.92
C ASN A 153 -38.55 -26.70 -27.67
N ILE A 154 -37.74 -25.65 -27.54
CA ILE A 154 -36.44 -25.63 -28.21
C ILE A 154 -35.56 -26.76 -27.67
N HIS A 155 -35.56 -26.95 -26.35
CA HIS A 155 -34.77 -28.04 -25.79
C HIS A 155 -35.27 -29.41 -26.25
N GLU A 156 -36.59 -29.59 -26.30
CA GLU A 156 -37.13 -30.90 -26.62
C GLU A 156 -37.09 -31.23 -28.10
N SER A 157 -36.98 -30.24 -28.98
CA SER A 157 -37.14 -30.53 -30.41
C SER A 157 -36.03 -29.99 -31.30
N CYS A 158 -35.39 -28.89 -30.92
CA CYS A 158 -34.57 -28.16 -31.86
C CYS A 158 -33.09 -28.12 -31.49
N MET A 159 -32.52 -29.26 -31.11
CA MET A 159 -31.11 -29.35 -30.78
C MET A 159 -30.32 -30.03 -31.89
N SER A 160 -29.09 -29.54 -32.11
CA SER A 160 -28.16 -30.18 -33.04
C SER A 160 -27.41 -31.28 -32.32
N GLN A 161 -27.35 -32.45 -32.94
CA GLN A 161 -26.67 -33.60 -32.34
C GLN A 161 -25.17 -33.58 -32.57
N ILE A 162 -24.66 -32.68 -33.42
CA ILE A 162 -23.23 -32.59 -33.71
C ILE A 162 -22.64 -31.26 -33.21
N GLY A 163 -23.13 -30.15 -33.73
CA GLY A 163 -22.63 -28.85 -33.32
C GLY A 163 -23.23 -28.37 -32.01
N TRP A 164 -22.66 -27.29 -31.49
CA TRP A 164 -23.14 -26.74 -30.24
C TRP A 164 -24.45 -25.98 -30.45
N ASN A 165 -25.22 -25.86 -29.37
CA ASN A 165 -26.48 -25.13 -29.39
C ASN A 165 -26.48 -24.14 -28.23
N ARG A 166 -26.63 -22.86 -28.54
CA ARG A 166 -26.61 -21.81 -27.53
C ARG A 166 -27.86 -20.96 -27.67
N ILE A 167 -28.55 -20.74 -26.55
CA ILE A 167 -29.78 -19.96 -26.52
C ILE A 167 -29.46 -18.57 -26.00
N ILE A 168 -30.29 -17.60 -26.39
CA ILE A 168 -30.11 -16.21 -26.00
C ILE A 168 -31.41 -15.70 -25.40
N VAL A 169 -31.35 -15.19 -24.18
CA VAL A 169 -32.51 -14.64 -23.49
C VAL A 169 -32.30 -13.14 -23.32
N GLU A 170 -33.39 -12.43 -23.06
CA GLU A 170 -33.38 -10.98 -23.07
C GLU A 170 -34.01 -10.43 -21.78
N LYS A 171 -33.62 -9.20 -21.45
CA LYS A 171 -34.24 -8.46 -20.36
C LYS A 171 -35.73 -8.27 -20.64
N PRO A 172 -36.58 -8.28 -19.60
CA PRO A 172 -36.33 -8.46 -18.16
C PRO A 172 -36.27 -9.92 -17.71
N PHE A 173 -35.71 -10.13 -16.53
CA PHE A 173 -35.64 -11.45 -15.89
C PHE A 173 -36.48 -11.38 -14.62
N GLY A 174 -37.78 -11.64 -14.76
CA GLY A 174 -38.67 -11.65 -13.62
C GLY A 174 -38.95 -10.24 -13.09
N ARG A 175 -39.66 -10.21 -11.96
CA ARG A 175 -40.01 -8.97 -11.29
C ARG A 175 -39.38 -8.83 -9.91
N ASP A 176 -39.08 -9.93 -9.24
CA ASP A 176 -38.44 -9.89 -7.93
C ASP A 176 -37.56 -11.13 -7.80
N LEU A 177 -37.17 -11.45 -6.56
CA LEU A 177 -36.26 -12.58 -6.35
C LEU A 177 -36.89 -13.90 -6.79
N GLN A 178 -38.12 -14.17 -6.35
CA GLN A 178 -38.72 -15.46 -6.64
C GLN A 178 -39.14 -15.57 -8.11
N SER A 179 -39.66 -14.48 -8.68
CA SER A 179 -40.10 -14.52 -10.08
C SER A 179 -38.92 -14.75 -11.01
N SER A 180 -37.79 -14.11 -10.74
CA SER A 180 -36.60 -14.36 -11.53
C SER A 180 -35.99 -15.71 -11.23
N ASP A 181 -36.07 -16.15 -9.97
CA ASP A 181 -35.49 -17.43 -9.59
C ASP A 181 -36.18 -18.59 -10.29
N ARG A 182 -37.50 -18.55 -10.38
CA ARG A 182 -38.22 -19.64 -11.04
C ARG A 182 -37.84 -19.73 -12.52
N LEU A 183 -37.75 -18.57 -13.19
CA LEU A 183 -37.36 -18.58 -14.61
C LEU A 183 -35.93 -19.05 -14.80
N SER A 184 -35.02 -18.60 -13.92
CA SER A 184 -33.62 -19.00 -14.04
C SER A 184 -33.46 -20.50 -13.78
N ASN A 185 -34.21 -21.04 -12.81
CA ASN A 185 -34.14 -22.47 -12.55
C ASN A 185 -34.73 -23.27 -13.69
N HIS A 186 -35.83 -22.79 -14.30
CA HIS A 186 -36.39 -23.50 -15.44
C HIS A 186 -35.43 -23.49 -16.63
N ILE A 187 -34.78 -22.36 -16.88
CA ILE A 187 -33.84 -22.31 -18.00
C ILE A 187 -32.62 -23.17 -17.72
N SER A 188 -32.08 -23.11 -16.49
CA SER A 188 -30.90 -23.89 -16.15
C SER A 188 -31.20 -25.39 -16.11
N SER A 189 -32.43 -25.77 -15.77
CA SER A 189 -32.80 -27.17 -15.75
C SER A 189 -32.79 -27.80 -17.13
N LEU A 190 -32.83 -26.98 -18.19
CA LEU A 190 -32.84 -27.47 -19.56
C LEU A 190 -31.54 -27.22 -20.31
N PHE A 191 -30.80 -26.17 -19.97
CA PHE A 191 -29.57 -25.83 -20.65
C PHE A 191 -28.44 -25.68 -19.63
N ARG A 192 -27.24 -26.02 -20.06
CA ARG A 192 -26.07 -25.82 -19.22
C ARG A 192 -25.66 -24.35 -19.23
N GLU A 193 -24.81 -23.98 -18.26
CA GLU A 193 -24.39 -22.59 -18.13
C GLU A 193 -23.55 -22.12 -19.31
N ASP A 194 -22.96 -23.04 -20.07
CA ASP A 194 -22.24 -22.67 -21.29
C ASP A 194 -23.16 -22.53 -22.49
N GLN A 195 -24.45 -22.82 -22.35
CA GLN A 195 -25.41 -22.66 -23.43
C GLN A 195 -26.44 -21.58 -23.16
N ILE A 196 -26.50 -21.04 -21.95
CA ILE A 196 -27.40 -19.94 -21.61
C ILE A 196 -26.63 -18.64 -21.77
N TYR A 197 -27.10 -17.78 -22.67
CA TYR A 197 -26.48 -16.48 -22.93
C TYR A 197 -27.49 -15.41 -22.57
N ARG A 198 -27.28 -14.75 -21.42
CA ARG A 198 -28.18 -13.74 -20.94
C ARG A 198 -27.71 -12.37 -21.42
N ILE A 199 -28.56 -11.67 -22.16
CA ILE A 199 -28.19 -10.40 -22.76
C ILE A 199 -28.39 -9.26 -21.77
N ASN A 200 -27.34 -8.49 -21.56
CA ASN A 200 -27.42 -7.19 -20.90
C ASN A 200 -26.59 -6.25 -21.78
N HIS A 201 -27.26 -5.56 -22.71
CA HIS A 201 -26.56 -4.87 -23.78
C HIS A 201 -25.59 -3.82 -23.27
N TYR A 202 -25.76 -3.35 -22.03
CA TYR A 202 -24.76 -2.48 -21.45
C TYR A 202 -23.45 -3.20 -21.18
N LEU A 203 -23.44 -4.53 -21.15
CA LEU A 203 -22.18 -5.25 -21.13
C LEU A 203 -21.47 -5.23 -22.48
N GLY A 204 -22.21 -4.93 -23.55
CA GLY A 204 -21.61 -4.78 -24.87
C GLY A 204 -21.06 -3.41 -25.18
N LYS A 205 -21.25 -2.45 -24.29
CA LYS A 205 -20.74 -1.10 -24.52
C LYS A 205 -19.22 -1.09 -24.48
N GLU A 206 -18.64 -0.11 -25.17
CA GLU A 206 -17.19 -0.05 -25.30
C GLU A 206 -16.53 0.24 -23.95
N MET A 207 -16.99 1.27 -23.25
CA MET A 207 -16.39 1.64 -21.97
C MET A 207 -16.61 0.57 -20.91
N VAL A 208 -17.77 -0.10 -20.96
CA VAL A 208 -18.08 -1.09 -19.94
C VAL A 208 -17.10 -2.26 -19.99
N GLN A 209 -16.78 -2.74 -21.19
CA GLN A 209 -15.76 -3.77 -21.30
C GLN A 209 -14.36 -3.20 -21.12
N ASN A 210 -14.15 -1.94 -21.51
CA ASN A 210 -12.86 -1.29 -21.28
C ASN A 210 -12.56 -1.12 -19.80
N LEU A 211 -13.58 -1.19 -18.94
CA LEU A 211 -13.37 -1.11 -17.50
C LEU A 211 -12.34 -2.13 -17.04
N MET A 212 -12.43 -3.36 -17.55
CA MET A 212 -11.51 -4.41 -17.13
C MET A 212 -10.08 -4.10 -17.54
N VAL A 213 -9.89 -3.56 -18.75
CA VAL A 213 -8.55 -3.22 -19.20
C VAL A 213 -8.00 -2.03 -18.41
N LEU A 214 -8.86 -1.06 -18.10
CA LEU A 214 -8.48 0.03 -17.20
C LEU A 214 -8.00 -0.50 -15.86
N ARG A 215 -8.73 -1.47 -15.29
CA ARG A 215 -8.46 -1.89 -13.93
C ARG A 215 -7.26 -2.83 -13.84
N PHE A 216 -7.28 -3.92 -14.62
CA PHE A 216 -6.36 -5.03 -14.41
C PHE A 216 -5.22 -5.07 -15.42
N ALA A 217 -5.05 -4.03 -16.23
CA ALA A 217 -3.94 -3.95 -17.15
C ALA A 217 -3.09 -2.69 -16.97
N ASN A 218 -3.46 -1.81 -16.03
CA ASN A 218 -2.73 -0.58 -15.77
C ASN A 218 -2.29 -0.56 -14.32
N ARG A 219 -1.02 -0.21 -14.10
CA ARG A 219 -0.50 -0.06 -12.75
C ARG A 219 -0.82 1.30 -12.15
N ILE A 220 -1.36 2.24 -12.94
CA ILE A 220 -1.74 3.54 -12.41
C ILE A 220 -3.13 3.54 -11.79
N PHE A 221 -3.91 2.47 -12.00
CA PHE A 221 -5.26 2.37 -11.44
C PHE A 221 -5.44 1.13 -10.58
N GLY A 222 -4.37 0.41 -10.26
CA GLY A 222 -4.47 -0.79 -9.47
C GLY A 222 -4.30 -0.59 -7.99
N PRO A 223 -3.18 0.00 -7.56
CA PRO A 223 -2.98 0.25 -6.13
C PRO A 223 -4.01 1.18 -5.51
N ILE A 224 -4.58 2.10 -6.28
CA ILE A 224 -5.49 3.10 -5.74
C ILE A 224 -6.95 2.67 -5.88
N TRP A 225 -7.21 1.43 -6.28
CA TRP A 225 -8.57 0.97 -6.52
C TRP A 225 -9.10 0.21 -5.29
N ASN A 226 -9.24 0.93 -4.18
CA ASN A 226 -9.67 0.31 -2.93
C ASN A 226 -10.29 1.37 -2.04
N ARG A 227 -10.79 0.92 -0.89
CA ARG A 227 -11.42 1.82 0.07
C ARG A 227 -10.44 2.80 0.70
N ASP A 228 -9.13 2.50 0.64
CA ASP A 228 -8.14 3.37 1.24
C ASP A 228 -7.99 4.68 0.47
N ASN A 229 -8.44 4.74 -0.78
CA ASN A 229 -8.28 5.93 -1.60
C ASN A 229 -9.57 6.45 -2.21
N ILE A 230 -10.64 5.69 -2.21
CA ILE A 230 -11.91 6.09 -2.83
C ILE A 230 -12.89 6.49 -1.74
N ALA A 231 -13.47 7.67 -1.87
CA ALA A 231 -14.44 8.17 -0.91
C ALA A 231 -15.84 7.66 -1.18
N CYS A 232 -16.28 7.67 -2.43
CA CYS A 232 -17.59 7.16 -2.80
C CYS A 232 -17.56 6.74 -4.26
N VAL A 233 -18.54 5.93 -4.64
CA VAL A 233 -18.68 5.45 -6.01
C VAL A 233 -20.05 5.86 -6.51
N ILE A 234 -20.08 6.55 -7.65
CA ILE A 234 -21.32 7.03 -8.25
C ILE A 234 -21.41 6.49 -9.66
N LEU A 235 -22.51 5.79 -9.95
CA LEU A 235 -22.81 5.32 -11.30
C LEU A 235 -24.06 6.05 -11.78
N THR A 236 -23.90 6.87 -12.81
CA THR A 236 -24.94 7.78 -13.26
C THR A 236 -25.62 7.25 -14.50
N PHE A 237 -26.95 7.33 -14.53
CA PHE A 237 -27.75 7.00 -15.70
C PHE A 237 -28.83 8.04 -15.84
N LYS A 238 -28.85 8.73 -16.99
CA LYS A 238 -29.80 9.81 -17.22
C LYS A 238 -30.41 9.68 -18.59
N GLU A 239 -31.69 10.04 -18.70
CA GLU A 239 -32.40 10.07 -19.97
C GLU A 239 -33.12 11.41 -20.09
N PRO A 240 -32.96 12.12 -21.21
CA PRO A 240 -33.61 13.44 -21.35
C PRO A 240 -35.08 13.36 -21.73
N PHE A 241 -35.64 12.16 -21.82
CA PHE A 241 -37.04 11.98 -22.18
C PHE A 241 -37.71 11.06 -21.18
N GLY A 242 -39.02 11.24 -21.03
CA GLY A 242 -39.81 10.40 -20.16
C GLY A 242 -40.23 9.13 -20.86
N THR A 243 -41.31 8.52 -20.33
CA THR A 243 -41.84 7.32 -20.96
C THR A 243 -42.43 7.58 -22.33
N GLU A 244 -42.79 8.83 -22.62
CA GLU A 244 -43.27 9.30 -23.93
C GLU A 244 -44.23 8.30 -24.59
N GLY A 245 -45.35 8.06 -23.91
CA GLY A 245 -46.45 7.32 -24.49
C GLY A 245 -46.44 5.83 -24.30
N ARG A 246 -45.49 5.28 -23.55
CA ARG A 246 -45.47 3.85 -23.23
C ARG A 246 -45.46 3.63 -21.72
N GLY A 247 -46.13 4.52 -20.97
CA GLY A 247 -46.11 4.45 -19.52
C GLY A 247 -46.69 3.18 -18.95
N GLY A 248 -47.49 2.45 -19.74
CA GLY A 248 -48.05 1.20 -19.24
C GLY A 248 -46.99 0.17 -18.91
N TYR A 249 -46.00 0.02 -19.79
CA TYR A 249 -44.94 -0.96 -19.56
C TYR A 249 -44.02 -0.52 -18.43
N PHE A 250 -43.72 0.78 -18.34
CA PHE A 250 -42.82 1.28 -17.31
C PHE A 250 -43.48 1.28 -15.94
N ASP A 251 -44.82 1.41 -15.90
CA ASP A 251 -45.52 1.41 -14.61
C ASP A 251 -45.39 0.07 -13.91
N GLU A 252 -45.43 -1.02 -14.67
CA GLU A 252 -45.31 -2.34 -14.07
C GLU A 252 -43.96 -2.54 -13.39
N PHE A 253 -42.88 -2.04 -14.01
CA PHE A 253 -41.53 -2.32 -13.53
C PHE A 253 -41.01 -1.24 -12.59
N GLY A 254 -40.93 0.00 -13.06
CA GLY A 254 -40.26 1.04 -12.32
C GLY A 254 -38.80 1.18 -12.72
N ILE A 255 -38.26 2.38 -12.48
CA ILE A 255 -36.89 2.67 -12.90
C ILE A 255 -35.91 1.77 -12.18
N ILE A 256 -36.22 1.37 -10.94
CA ILE A 256 -35.33 0.49 -10.19
C ILE A 256 -35.14 -0.82 -10.94
N ARG A 257 -36.22 -1.58 -11.11
CA ARG A 257 -36.16 -2.83 -11.84
C ARG A 257 -35.69 -2.64 -13.28
N ASP A 258 -35.90 -1.46 -13.86
CA ASP A 258 -35.54 -1.24 -15.25
C ASP A 258 -34.04 -1.10 -15.44
N VAL A 259 -33.38 -0.32 -14.58
CA VAL A 259 -31.99 0.07 -14.78
C VAL A 259 -31.09 -0.43 -13.65
N MET A 260 -31.49 -0.20 -12.40
CA MET A 260 -30.58 -0.42 -11.27
C MET A 260 -30.25 -1.90 -11.13
N GLN A 261 -31.24 -2.78 -11.33
CA GLN A 261 -31.03 -4.19 -11.09
C GLN A 261 -30.02 -4.80 -12.05
N ASN A 262 -29.97 -4.32 -13.30
CA ASN A 262 -29.10 -4.91 -14.30
C ASN A 262 -27.97 -4.00 -14.75
N HIS A 263 -28.26 -2.82 -15.31
CA HIS A 263 -27.22 -2.03 -15.95
C HIS A 263 -26.26 -1.45 -14.93
N LEU A 264 -26.79 -0.64 -14.01
CA LEU A 264 -25.97 -0.03 -12.97
C LEU A 264 -25.29 -1.09 -12.12
N LEU A 265 -25.98 -2.19 -11.86
CA LEU A 265 -25.41 -3.21 -10.98
C LEU A 265 -24.27 -3.96 -11.65
N GLN A 266 -24.38 -4.26 -12.94
CA GLN A 266 -23.27 -4.89 -13.65
C GLN A 266 -22.10 -3.93 -13.80
N MET A 267 -22.38 -2.63 -13.99
CA MET A 267 -21.30 -1.66 -13.97
C MET A 267 -20.61 -1.63 -12.61
N LEU A 268 -21.38 -1.72 -11.53
CA LEU A 268 -20.80 -1.82 -10.19
C LEU A 268 -19.95 -3.07 -10.04
N CYS A 269 -20.43 -4.20 -10.56
CA CYS A 269 -19.66 -5.43 -10.48
C CYS A 269 -18.33 -5.31 -11.20
N LEU A 270 -18.34 -4.75 -12.41
CA LEU A 270 -17.10 -4.61 -13.17
C LEU A 270 -16.17 -3.60 -12.51
N VAL A 271 -16.72 -2.58 -11.85
CA VAL A 271 -15.87 -1.63 -11.13
C VAL A 271 -15.22 -2.28 -9.92
N ALA A 272 -15.98 -3.06 -9.17
CA ALA A 272 -15.55 -3.56 -7.87
C ALA A 272 -14.99 -4.97 -7.91
N MET A 273 -14.94 -5.61 -9.06
CA MET A 273 -14.50 -7.00 -9.12
C MET A 273 -13.00 -7.12 -8.86
N GLU A 274 -12.62 -8.21 -8.19
CA GLU A 274 -11.21 -8.50 -8.00
C GLU A 274 -10.61 -9.02 -9.32
N LYS A 275 -9.28 -8.97 -9.40
CA LYS A 275 -8.61 -9.39 -10.61
C LYS A 275 -8.83 -10.87 -10.87
N PRO A 276 -9.30 -11.26 -12.04
CA PRO A 276 -9.51 -12.68 -12.33
C PRO A 276 -8.19 -13.42 -12.48
N ALA A 277 -8.25 -14.74 -12.28
CA ALA A 277 -7.08 -15.58 -12.50
C ALA A 277 -6.66 -15.55 -13.95
N SER A 278 -7.62 -15.54 -14.87
CA SER A 278 -7.35 -15.48 -16.30
C SER A 278 -8.52 -14.82 -17.00
N THR A 279 -8.34 -14.52 -18.27
CA THR A 279 -9.38 -13.87 -19.07
C THR A 279 -10.48 -14.83 -19.50
N ASN A 280 -10.56 -16.02 -18.92
CA ASN A 280 -11.67 -16.92 -19.21
C ASN A 280 -12.97 -16.33 -18.68
N SER A 281 -14.08 -16.70 -19.32
CA SER A 281 -15.38 -16.18 -18.92
C SER A 281 -15.72 -16.60 -17.49
N ASP A 282 -15.45 -17.85 -17.14
CA ASP A 282 -15.82 -18.36 -15.83
C ASP A 282 -15.15 -17.59 -14.71
N ASP A 283 -13.86 -17.26 -14.87
CA ASP A 283 -13.16 -16.50 -13.83
C ASP A 283 -13.77 -15.12 -13.63
N VAL A 284 -14.07 -14.42 -14.73
CA VAL A 284 -14.62 -13.08 -14.64
C VAL A 284 -16.00 -13.12 -13.98
N ARG A 285 -16.84 -14.06 -14.40
CA ARG A 285 -18.17 -14.15 -13.79
C ARG A 285 -18.10 -14.59 -12.34
N ASP A 286 -17.12 -15.43 -11.98
CA ASP A 286 -16.93 -15.81 -10.58
C ASP A 286 -16.53 -14.60 -9.74
N GLU A 287 -15.63 -13.77 -10.25
CA GLU A 287 -15.27 -12.55 -9.52
C GLU A 287 -16.48 -11.63 -9.36
N LYS A 288 -17.27 -11.49 -10.43
CA LYS A 288 -18.44 -10.62 -10.36
C LYS A 288 -19.46 -11.11 -9.33
N VAL A 289 -19.73 -12.43 -9.32
CA VAL A 289 -20.69 -12.94 -8.36
C VAL A 289 -20.13 -12.90 -6.94
N LYS A 290 -18.80 -13.06 -6.79
CA LYS A 290 -18.18 -12.92 -5.48
C LYS A 290 -18.37 -11.50 -4.95
N VAL A 291 -18.20 -10.50 -5.80
CA VAL A 291 -18.44 -9.12 -5.38
C VAL A 291 -19.91 -8.90 -5.04
N LEU A 292 -20.81 -9.46 -5.85
CA LEU A 292 -22.24 -9.36 -5.56
C LEU A 292 -22.59 -9.96 -4.21
N LYS A 293 -21.92 -11.06 -3.83
CA LYS A 293 -22.20 -11.70 -2.55
C LYS A 293 -21.88 -10.81 -1.35
N CYS A 294 -21.05 -9.79 -1.54
CA CYS A 294 -20.60 -8.94 -0.45
C CYS A 294 -21.45 -7.69 -0.27
N ILE A 295 -22.53 -7.54 -1.01
CA ILE A 295 -23.40 -6.36 -0.93
C ILE A 295 -24.57 -6.68 -0.01
N SER A 296 -24.76 -5.82 1.00
CA SER A 296 -25.89 -5.97 1.91
C SER A 296 -27.18 -5.53 1.24
N GLU A 297 -28.30 -5.97 1.81
CA GLU A 297 -29.61 -5.65 1.24
C GLU A 297 -29.90 -4.16 1.39
N VAL A 298 -30.67 -3.63 0.45
CA VAL A 298 -30.93 -2.19 0.38
C VAL A 298 -31.88 -1.79 1.50
N GLN A 299 -31.41 -0.90 2.38
CA GLN A 299 -32.28 -0.29 3.38
C GLN A 299 -33.13 0.79 2.73
N ALA A 300 -34.35 0.95 3.24
CA ALA A 300 -35.28 1.93 2.68
C ALA A 300 -34.97 3.36 3.11
N ASN A 301 -33.91 3.57 3.89
CA ASN A 301 -33.50 4.90 4.31
C ASN A 301 -32.42 5.49 3.41
N ASN A 302 -32.03 4.78 2.35
CA ASN A 302 -31.01 5.25 1.42
C ASN A 302 -31.54 5.32 -0.01
N VAL A 303 -32.86 5.41 -0.20
CA VAL A 303 -33.48 5.42 -1.50
C VAL A 303 -34.29 6.70 -1.66
N VAL A 304 -34.07 7.42 -2.76
CA VAL A 304 -34.81 8.63 -3.08
C VAL A 304 -35.58 8.36 -4.38
N LEU A 305 -36.89 8.22 -4.28
CA LEU A 305 -37.75 7.96 -5.42
C LEU A 305 -38.33 9.26 -5.96
N GLY A 306 -38.34 9.41 -7.27
CA GLY A 306 -38.89 10.59 -7.89
C GLY A 306 -39.78 10.31 -9.09
N GLN A 307 -40.88 11.05 -9.20
CA GLN A 307 -41.79 10.95 -10.34
C GLN A 307 -41.93 12.32 -10.97
N TYR A 308 -41.69 12.40 -12.28
CA TYR A 308 -41.64 13.69 -12.94
C TYR A 308 -43.03 14.25 -13.20
N VAL A 309 -43.13 15.57 -13.19
CA VAL A 309 -44.37 16.30 -13.45
C VAL A 309 -44.13 17.24 -14.62
N GLY A 310 -45.15 17.43 -15.44
CA GLY A 310 -45.02 18.19 -16.67
C GLY A 310 -44.51 19.61 -16.48
N ASN A 311 -43.52 19.98 -17.29
CA ASN A 311 -42.97 21.33 -17.24
C ASN A 311 -43.97 22.31 -17.84
N PRO A 312 -44.42 23.33 -17.11
CA PRO A 312 -45.42 24.25 -17.66
C PRO A 312 -44.95 25.02 -18.88
N ASP A 313 -43.64 25.21 -19.07
CA ASP A 313 -43.12 25.95 -20.20
C ASP A 313 -42.26 25.07 -21.11
N GLY A 314 -42.58 23.78 -21.18
CA GLY A 314 -41.86 22.87 -22.03
C GLY A 314 -42.31 22.92 -23.48
N GLU A 315 -41.69 22.08 -24.29
CA GLU A 315 -41.98 22.00 -25.72
C GLU A 315 -42.41 20.58 -26.04
N GLY A 316 -43.65 20.42 -26.50
CA GLY A 316 -44.15 19.12 -26.91
C GLY A 316 -44.26 18.12 -25.77
N GLU A 317 -43.38 17.12 -25.78
CA GLU A 317 -43.46 16.06 -24.78
C GLU A 317 -43.16 16.55 -23.38
N ALA A 318 -42.35 17.61 -23.26
CA ALA A 318 -41.94 18.10 -21.94
C ALA A 318 -43.08 18.74 -21.16
N THR A 319 -44.22 19.02 -21.80
CA THR A 319 -45.33 19.67 -21.11
C THR A 319 -46.22 18.70 -20.35
N LYS A 320 -45.98 17.39 -20.47
CA LYS A 320 -46.79 16.38 -19.80
C LYS A 320 -45.96 15.65 -18.76
N GLY A 321 -46.60 15.27 -17.66
CA GLY A 321 -45.95 14.52 -16.60
C GLY A 321 -46.23 13.03 -16.70
N TYR A 322 -45.70 12.30 -15.72
CA TYR A 322 -45.90 10.86 -15.71
C TYR A 322 -47.36 10.49 -15.49
N LEU A 323 -48.11 11.34 -14.80
CA LEU A 323 -49.53 11.12 -14.59
C LEU A 323 -50.39 11.71 -15.69
N ASP A 324 -49.78 12.30 -16.73
CA ASP A 324 -50.50 12.88 -17.85
C ASP A 324 -50.50 11.97 -19.07
N ASP A 325 -50.27 10.67 -18.87
CA ASP A 325 -50.21 9.72 -19.97
C ASP A 325 -51.40 8.77 -19.88
N PRO A 326 -52.21 8.66 -20.93
CA PRO A 326 -53.47 7.89 -20.83
C PRO A 326 -53.31 6.47 -20.35
N THR A 327 -52.26 5.76 -20.78
CA THR A 327 -52.14 4.35 -20.42
C THR A 327 -51.55 4.14 -19.03
N VAL A 328 -51.10 5.19 -18.36
CA VAL A 328 -50.64 5.07 -16.98
C VAL A 328 -51.85 4.93 -16.05
N PRO A 329 -51.91 3.92 -15.19
CA PRO A 329 -53.02 3.83 -14.24
C PRO A 329 -53.10 5.06 -13.35
N ARG A 330 -54.33 5.46 -13.03
CA ARG A 330 -54.55 6.69 -12.27
C ARG A 330 -53.95 6.57 -10.87
N GLY A 331 -53.37 7.67 -10.39
CA GLY A 331 -52.80 7.72 -9.07
C GLY A 331 -51.65 6.75 -8.85
N SER A 332 -50.73 6.69 -9.81
CA SER A 332 -49.61 5.77 -9.75
C SER A 332 -48.40 6.45 -9.15
N THR A 333 -47.81 5.81 -8.14
CA THR A 333 -46.64 6.33 -7.44
C THR A 333 -45.34 5.71 -7.96
N THR A 334 -45.32 5.26 -9.21
CA THR A 334 -44.12 4.70 -9.79
C THR A 334 -43.06 5.79 -9.95
N ALA A 335 -41.82 5.44 -9.65
CA ALA A 335 -40.71 6.39 -9.68
C ALA A 335 -39.96 6.31 -10.99
N THR A 336 -39.66 7.47 -11.57
CA THR A 336 -38.84 7.58 -12.77
C THR A 336 -37.44 8.08 -12.46
N PHE A 337 -37.04 8.05 -11.19
CA PHE A 337 -35.72 8.47 -10.76
C PHE A 337 -35.43 7.77 -9.43
N ALA A 338 -34.15 7.45 -9.22
CA ALA A 338 -33.77 6.73 -8.01
C ALA A 338 -32.29 6.94 -7.74
N ALA A 339 -31.98 7.16 -6.46
CA ALA A 339 -30.59 7.23 -5.99
C ALA A 339 -30.48 6.31 -4.78
N VAL A 340 -29.74 5.21 -4.94
CA VAL A 340 -29.64 4.18 -3.93
C VAL A 340 -28.17 3.97 -3.59
N VAL A 341 -27.86 3.90 -2.30
CA VAL A 341 -26.50 3.70 -1.80
C VAL A 341 -26.30 2.24 -1.46
N LEU A 342 -25.24 1.64 -2.00
CA LEU A 342 -24.90 0.26 -1.74
C LEU A 342 -23.54 0.19 -1.05
N TYR A 343 -23.40 -0.79 -0.16
CA TYR A 343 -22.16 -1.01 0.56
C TYR A 343 -21.67 -2.42 0.29
N VAL A 344 -20.42 -2.54 -0.16
CA VAL A 344 -19.80 -3.83 -0.45
C VAL A 344 -18.91 -4.17 0.74
N GLU A 345 -19.45 -4.95 1.67
CA GLU A 345 -18.75 -5.29 2.91
C GLU A 345 -17.70 -6.35 2.61
N ASN A 346 -16.55 -5.90 2.13
CA ASN A 346 -15.40 -6.76 1.90
C ASN A 346 -14.13 -5.97 2.22
N GLU A 347 -12.97 -6.62 2.04
CA GLU A 347 -11.71 -6.00 2.42
C GLU A 347 -11.41 -4.77 1.57
N ARG A 348 -11.82 -4.77 0.31
CA ARG A 348 -11.48 -3.69 -0.61
C ARG A 348 -12.48 -2.54 -0.60
N TRP A 349 -13.74 -2.79 -0.27
CA TRP A 349 -14.79 -1.80 -0.42
C TRP A 349 -15.57 -1.58 0.87
N ASP A 350 -14.94 -1.83 2.02
CA ASP A 350 -15.65 -1.67 3.29
C ASP A 350 -15.84 -0.20 3.62
N GLY A 351 -17.11 0.22 3.73
CA GLY A 351 -17.44 1.57 4.11
C GLY A 351 -17.66 2.53 2.97
N VAL A 352 -17.18 2.21 1.77
CA VAL A 352 -17.33 3.10 0.62
C VAL A 352 -18.76 2.99 0.08
N PRO A 353 -19.50 4.09 0.03
CA PRO A 353 -20.86 4.04 -0.52
C PRO A 353 -20.83 3.89 -2.03
N PHE A 354 -21.87 3.25 -2.55
CA PHE A 354 -22.04 3.05 -3.99
C PHE A 354 -23.39 3.64 -4.38
N ILE A 355 -23.38 4.90 -4.78
CA ILE A 355 -24.61 5.61 -5.14
C ILE A 355 -24.95 5.29 -6.60
N LEU A 356 -26.08 4.62 -6.81
CA LEU A 356 -26.56 4.30 -8.14
C LEU A 356 -27.68 5.28 -8.47
N ARG A 357 -27.33 6.37 -9.14
CA ARG A 357 -28.27 7.45 -9.45
C ARG A 357 -28.74 7.30 -10.89
N CYS A 358 -30.01 6.90 -11.06
CA CYS A 358 -30.62 6.78 -12.38
C CYS A 358 -31.92 7.57 -12.39
N GLY A 359 -32.30 8.03 -13.58
CA GLY A 359 -33.53 8.78 -13.71
C GLY A 359 -33.93 9.10 -15.13
N LYS A 360 -35.21 8.90 -15.44
CA LYS A 360 -35.75 9.27 -16.74
C LYS A 360 -36.35 10.67 -16.68
N ALA A 361 -36.52 11.26 -17.86
CA ALA A 361 -37.00 12.65 -18.00
C ALA A 361 -36.05 13.63 -17.31
N LEU A 362 -34.76 13.29 -17.27
CA LEU A 362 -33.76 14.16 -16.67
C LEU A 362 -33.30 15.18 -17.72
N ASN A 363 -32.20 15.88 -17.43
CA ASN A 363 -31.77 16.99 -18.27
C ASN A 363 -30.87 16.57 -19.44
N GLU A 364 -30.48 15.30 -19.52
CA GLU A 364 -29.62 14.86 -20.61
C GLU A 364 -29.62 13.33 -20.64
N ARG A 365 -28.93 12.78 -21.64
CA ARG A 365 -28.69 11.35 -21.76
C ARG A 365 -27.23 11.09 -21.42
N LYS A 366 -26.99 10.23 -20.44
CA LYS A 366 -25.63 10.00 -19.98
C LYS A 366 -25.50 8.78 -19.07
N ALA A 367 -24.60 7.87 -19.42
CA ALA A 367 -24.21 6.77 -18.55
C ALA A 367 -22.79 7.03 -18.09
N GLU A 368 -22.58 7.07 -16.77
CA GLU A 368 -21.34 7.57 -16.22
C GLU A 368 -20.90 6.69 -15.05
N VAL A 369 -19.60 6.49 -14.93
CA VAL A 369 -19.00 5.85 -13.77
C VAL A 369 -18.10 6.89 -13.11
N ARG A 370 -18.48 7.35 -11.94
CA ARG A 370 -17.77 8.42 -11.24
C ARG A 370 -17.21 7.88 -9.93
N LEU A 371 -15.87 7.86 -9.83
CA LEU A 371 -15.17 7.40 -8.65
C LEU A 371 -14.57 8.61 -7.96
N GLN A 372 -15.17 9.04 -6.85
CA GLN A 372 -14.65 10.17 -6.09
C GLN A 372 -13.66 9.67 -5.05
N PHE A 373 -12.43 10.15 -5.14
CA PHE A 373 -11.36 9.75 -4.24
C PHE A 373 -11.41 10.58 -2.96
N HIS A 374 -10.72 10.08 -1.94
CA HIS A 374 -10.68 10.77 -0.65
C HIS A 374 -9.84 12.04 -0.76
N ASP A 375 -10.02 12.93 0.22
CA ASP A 375 -9.16 14.10 0.34
C ASP A 375 -7.72 13.66 0.53
N VAL A 376 -6.80 14.38 -0.11
CA VAL A 376 -5.38 14.08 0.03
C VAL A 376 -4.97 14.32 1.47
N ALA A 377 -4.44 13.28 2.11
CA ALA A 377 -4.11 13.38 3.53
C ALA A 377 -3.01 14.40 3.76
N GLY A 378 -3.14 15.17 4.84
CA GLY A 378 -2.18 16.21 5.14
C GLY A 378 -2.15 17.30 4.10
N ASP A 379 -3.32 17.83 3.77
CA ASP A 379 -3.44 18.87 2.73
C ASP A 379 -2.60 20.07 3.14
N ILE A 380 -1.65 20.44 2.28
CA ILE A 380 -0.75 21.55 2.53
C ILE A 380 -1.06 22.75 1.65
N PHE A 381 -2.15 22.70 0.88
CA PHE A 381 -2.52 23.77 -0.03
C PHE A 381 -3.66 24.63 0.50
N HIS A 382 -3.86 24.64 1.83
CA HIS A 382 -4.83 25.51 2.48
C HIS A 382 -6.24 25.27 1.94
N GLN A 383 -6.67 24.01 2.03
CA GLN A 383 -8.02 23.55 1.63
C GLN A 383 -8.45 24.09 0.27
N GLN A 384 -7.47 24.38 -0.59
CA GLN A 384 -7.78 24.77 -1.96
C GLN A 384 -8.00 23.56 -2.87
N CYS A 385 -7.57 22.38 -2.44
CA CYS A 385 -7.73 21.16 -3.21
C CYS A 385 -9.09 20.53 -2.96
N LYS A 386 -9.53 19.73 -3.91
CA LYS A 386 -10.80 19.02 -3.82
C LYS A 386 -10.59 17.58 -4.26
N ARG A 387 -11.62 16.77 -4.05
CA ARG A 387 -11.50 15.34 -4.28
C ARG A 387 -11.31 15.05 -5.77
N ASN A 388 -10.30 14.24 -6.09
CA ASN A 388 -10.13 13.76 -7.45
C ASN A 388 -11.27 12.81 -7.81
N GLU A 389 -11.60 12.77 -9.10
CA GLU A 389 -12.71 11.95 -9.57
C GLU A 389 -12.29 11.23 -10.84
N LEU A 390 -12.32 9.91 -10.80
CA LEU A 390 -12.13 9.08 -12.00
C LEU A 390 -13.47 8.89 -12.68
N VAL A 391 -13.58 9.36 -13.92
CA VAL A 391 -14.83 9.30 -14.66
C VAL A 391 -14.61 8.48 -15.92
N ILE A 392 -15.51 7.53 -16.17
CA ILE A 392 -15.48 6.71 -17.38
C ILE A 392 -16.89 6.79 -17.97
N ARG A 393 -17.09 7.72 -18.90
CA ARG A 393 -18.40 7.98 -19.47
C ARG A 393 -18.71 6.93 -20.53
N VAL A 394 -19.66 6.05 -20.23
CA VAL A 394 -20.03 5.00 -21.18
C VAL A 394 -20.65 5.59 -22.43
N GLN A 395 -21.56 6.54 -22.26
CA GLN A 395 -22.26 7.16 -23.38
C GLN A 395 -22.88 8.46 -22.91
N PRO A 396 -22.98 9.47 -23.79
CA PRO A 396 -22.46 9.47 -25.15
C PRO A 396 -21.02 9.99 -25.19
N ASN A 397 -20.39 9.92 -26.37
CA ASN A 397 -19.03 10.43 -26.56
C ASN A 397 -18.07 9.78 -25.56
N GLU A 398 -17.89 8.48 -25.75
CA GLU A 398 -17.07 7.64 -24.88
C GLU A 398 -15.74 8.32 -24.55
N ALA A 399 -15.48 8.51 -23.25
CA ALA A 399 -14.26 9.17 -22.83
C ALA A 399 -13.94 8.77 -21.40
N VAL A 400 -12.65 8.63 -21.11
CA VAL A 400 -12.16 8.36 -19.77
C VAL A 400 -11.28 9.53 -19.35
N TYR A 401 -11.67 10.23 -18.29
CA TYR A 401 -10.91 11.35 -17.80
C TYR A 401 -10.90 11.36 -16.27
N THR A 402 -9.81 11.86 -15.71
CA THR A 402 -9.61 11.93 -14.27
C THR A 402 -9.61 13.40 -13.88
N LYS A 403 -10.61 13.82 -13.10
CA LYS A 403 -10.66 15.22 -12.68
C LYS A 403 -9.55 15.48 -11.69
N MET A 404 -8.43 15.96 -12.21
CA MET A 404 -7.16 16.07 -11.50
C MET A 404 -6.86 17.52 -11.10
N MET A 405 -5.99 17.66 -10.11
CA MET A 405 -5.60 18.98 -9.60
C MET A 405 -4.26 19.38 -10.20
N THR A 406 -4.29 20.39 -11.07
CA THR A 406 -3.10 20.99 -11.64
C THR A 406 -2.97 22.43 -11.17
N LYS A 407 -1.76 22.95 -11.24
CA LYS A 407 -1.52 24.34 -10.86
C LYS A 407 -2.18 25.27 -11.88
N LYS A 408 -2.66 26.40 -11.40
CA LYS A 408 -3.37 27.35 -12.25
C LYS A 408 -2.43 27.91 -13.30
N PRO A 409 -2.72 27.71 -14.60
CA PRO A 409 -1.83 28.26 -15.64
C PRO A 409 -1.78 29.78 -15.56
N GLY A 410 -0.61 30.31 -15.86
CA GLY A 410 -0.39 31.74 -15.80
C GLY A 410 0.36 32.18 -14.57
N MET A 411 0.09 33.43 -14.17
CA MET A 411 0.80 34.06 -13.06
C MET A 411 0.09 33.74 -11.74
N PHE A 412 0.01 32.45 -11.43
CA PHE A 412 -0.69 31.99 -10.24
C PHE A 412 0.06 30.85 -9.59
N PHE A 413 -0.27 30.57 -8.34
CA PHE A 413 0.32 29.47 -7.58
C PHE A 413 -0.71 28.49 -7.03
N ASN A 414 -1.97 28.87 -6.91
CA ASN A 414 -3.00 27.98 -6.41
C ASN A 414 -3.41 26.97 -7.47
N PRO A 415 -3.86 25.78 -7.06
CA PRO A 415 -4.32 24.79 -8.03
C PRO A 415 -5.80 24.95 -8.37
N GLU A 416 -6.13 24.58 -9.61
CA GLU A 416 -7.50 24.46 -10.05
C GLU A 416 -7.77 23.01 -10.45
N GLU A 417 -9.05 22.70 -10.63
CA GLU A 417 -9.46 21.35 -10.99
C GLU A 417 -9.44 21.19 -12.50
N SER A 418 -8.60 20.29 -13.00
CA SER A 418 -8.51 20.01 -14.42
C SER A 418 -8.73 18.52 -14.66
N GLU A 419 -8.50 18.04 -15.88
CA GLU A 419 -8.72 16.64 -16.19
C GLU A 419 -7.66 16.14 -17.16
N LEU A 420 -7.32 14.86 -17.01
CA LEU A 420 -6.50 14.13 -17.98
C LEU A 420 -7.47 13.37 -18.88
N ASP A 421 -7.72 13.91 -20.07
CA ASP A 421 -8.83 13.47 -20.90
C ASP A 421 -8.35 12.54 -22.00
N LEU A 422 -9.07 11.43 -22.16
CA LEU A 422 -8.92 10.53 -23.31
C LEU A 422 -10.31 10.35 -23.90
N THR A 423 -10.55 10.97 -25.05
CA THR A 423 -11.86 10.97 -25.69
C THR A 423 -11.79 10.19 -27.00
N TYR A 424 -12.68 9.21 -27.14
CA TYR A 424 -12.82 8.48 -28.39
C TYR A 424 -13.67 9.32 -29.35
N GLY A 425 -13.05 9.81 -30.41
CA GLY A 425 -13.66 10.77 -31.29
C GLY A 425 -12.67 11.86 -31.65
N ASN A 426 -11.74 12.13 -30.73
CA ASN A 426 -10.62 13.00 -30.98
C ASN A 426 -9.29 12.26 -31.07
N ARG A 427 -9.23 11.03 -30.55
CA ARG A 427 -8.06 10.18 -30.62
C ARG A 427 -8.22 9.00 -31.57
N TYR A 428 -9.43 8.45 -31.67
CA TYR A 428 -9.71 7.34 -32.56
C TYR A 428 -10.87 7.71 -33.49
N LYS A 429 -10.78 8.89 -34.12
CA LYS A 429 -11.87 9.40 -34.93
C LYS A 429 -12.17 8.50 -36.12
N ASN A 430 -11.12 7.97 -36.77
CA ASN A 430 -11.30 7.23 -38.01
C ASN A 430 -11.91 5.85 -37.79
N VAL A 431 -11.86 5.31 -36.58
CA VAL A 431 -12.47 4.01 -36.32
C VAL A 431 -13.91 4.24 -35.88
N LYS A 432 -14.77 3.29 -36.23
CA LYS A 432 -16.19 3.35 -35.91
C LYS A 432 -16.48 2.56 -34.65
N LEU A 433 -17.27 3.15 -33.75
CA LEU A 433 -17.65 2.48 -32.51
C LEU A 433 -18.88 1.61 -32.79
N PRO A 434 -18.76 0.29 -32.73
CA PRO A 434 -19.87 -0.57 -33.11
C PRO A 434 -20.94 -0.61 -32.02
N ASP A 435 -22.15 -1.00 -32.43
CA ASP A 435 -23.24 -1.17 -31.48
C ASP A 435 -22.94 -2.33 -30.55
N ALA A 436 -23.52 -2.26 -29.34
CA ALA A 436 -23.27 -3.30 -28.34
C ALA A 436 -23.78 -4.66 -28.80
N TYR A 437 -24.95 -4.69 -29.45
CA TYR A 437 -25.52 -5.95 -29.89
C TYR A 437 -24.60 -6.65 -30.89
N GLU A 438 -23.90 -5.88 -31.73
CA GLU A 438 -22.98 -6.47 -32.69
C GLU A 438 -21.91 -7.30 -32.00
N ARG A 439 -21.23 -6.69 -31.03
CA ARG A 439 -20.16 -7.40 -30.33
C ARG A 439 -20.70 -8.51 -29.46
N LEU A 440 -21.89 -8.33 -28.88
CA LEU A 440 -22.50 -9.40 -28.09
C LEU A 440 -22.78 -10.63 -28.95
N ILE A 441 -23.39 -10.42 -30.13
CA ILE A 441 -23.70 -11.54 -31.00
C ILE A 441 -22.41 -12.17 -31.54
N LEU A 442 -21.40 -11.36 -31.82
CA LEU A 442 -20.12 -11.92 -32.24
C LEU A 442 -19.50 -12.78 -31.14
N ASP A 443 -19.64 -12.34 -29.89
CA ASP A 443 -19.14 -13.14 -28.77
C ASP A 443 -19.91 -14.46 -28.64
N VAL A 444 -21.23 -14.42 -28.84
CA VAL A 444 -22.00 -15.66 -28.82
C VAL A 444 -21.53 -16.59 -29.92
N PHE A 445 -21.27 -16.05 -31.12
CA PHE A 445 -20.77 -16.87 -32.21
C PHE A 445 -19.41 -17.47 -31.89
N CYS A 446 -18.53 -16.68 -31.27
CA CYS A 446 -17.19 -17.15 -30.93
C CYS A 446 -17.14 -17.98 -29.66
N GLY A 447 -18.25 -18.09 -28.93
CA GLY A 447 -18.30 -18.86 -27.71
C GLY A 447 -17.77 -18.16 -26.48
N SER A 448 -17.41 -16.88 -26.57
CA SER A 448 -16.91 -16.14 -25.43
C SER A 448 -18.10 -15.64 -24.61
N GLN A 449 -18.28 -16.20 -23.42
CA GLN A 449 -19.37 -15.83 -22.51
C GLN A 449 -18.89 -14.87 -21.43
N MET A 450 -17.93 -14.00 -21.77
CA MET A 450 -17.38 -13.07 -20.79
C MET A 450 -18.40 -12.05 -20.33
N HIS A 451 -19.16 -11.48 -21.26
CA HIS A 451 -20.00 -10.31 -21.00
C HIS A 451 -21.47 -10.68 -20.88
N PHE A 452 -21.78 -11.82 -20.25
CA PHE A 452 -23.14 -12.28 -20.11
C PHE A 452 -23.42 -12.61 -18.66
N VAL A 453 -24.67 -12.42 -18.25
CA VAL A 453 -25.05 -12.57 -16.85
C VAL A 453 -25.23 -14.04 -16.53
N ARG A 454 -24.66 -14.47 -15.40
CA ARG A 454 -24.85 -15.82 -14.91
C ARG A 454 -26.06 -15.89 -13.99
N SER A 455 -26.53 -17.10 -13.73
CA SER A 455 -27.73 -17.29 -12.92
C SER A 455 -27.51 -16.77 -11.50
N ASP A 456 -26.39 -17.12 -10.88
CA ASP A 456 -26.12 -16.67 -9.52
C ASP A 456 -25.98 -15.16 -9.45
N GLU A 457 -25.44 -14.55 -10.50
CA GLU A 457 -25.39 -13.09 -10.56
C GLU A 457 -26.80 -12.51 -10.52
N LEU A 458 -27.74 -13.13 -11.25
CA LEU A 458 -29.13 -12.70 -11.17
C LEU A 458 -29.69 -12.87 -9.77
N ARG A 459 -29.38 -13.99 -9.11
CA ARG A 459 -29.91 -14.21 -7.76
C ARG A 459 -29.42 -13.14 -6.80
N GLU A 460 -28.12 -12.81 -6.85
CA GLU A 460 -27.61 -11.76 -5.97
C GLU A 460 -28.17 -10.39 -6.33
N ALA A 461 -28.21 -10.06 -7.63
CA ALA A 461 -28.74 -8.78 -8.06
C ALA A 461 -30.19 -8.60 -7.65
N TRP A 462 -30.94 -9.70 -7.58
CA TRP A 462 -32.34 -9.60 -7.19
C TRP A 462 -32.52 -9.61 -5.67
N ARG A 463 -31.67 -10.33 -4.94
CA ARG A 463 -31.79 -10.35 -3.49
C ARG A 463 -31.28 -9.07 -2.84
N ILE A 464 -30.44 -8.30 -3.55
CA ILE A 464 -30.06 -6.99 -3.03
C ILE A 464 -31.26 -6.05 -2.97
N PHE A 465 -32.14 -6.13 -3.95
CA PHE A 465 -33.22 -5.15 -4.09
C PHE A 465 -34.60 -5.66 -3.73
N THR A 466 -34.80 -6.98 -3.63
CA THR A 466 -36.16 -7.52 -3.51
C THR A 466 -36.93 -7.01 -2.29
N PRO A 467 -36.37 -7.01 -1.07
CA PRO A 467 -37.14 -6.44 0.05
C PRO A 467 -37.50 -4.98 -0.15
N LEU A 468 -36.61 -4.19 -0.75
CA LEU A 468 -36.91 -2.79 -1.01
C LEU A 468 -38.08 -2.64 -1.98
N LEU A 469 -38.05 -3.38 -3.08
CA LEU A 469 -39.15 -3.30 -4.04
C LEU A 469 -40.45 -3.80 -3.44
N HIS A 470 -40.39 -4.86 -2.63
CA HIS A 470 -41.61 -5.37 -2.00
C HIS A 470 -42.19 -4.35 -1.02
N GLN A 471 -41.34 -3.70 -0.22
CA GLN A 471 -41.83 -2.69 0.70
C GLN A 471 -42.40 -1.49 -0.04
N ILE A 472 -41.75 -1.08 -1.13
CA ILE A 472 -42.28 0.03 -1.93
C ILE A 472 -43.64 -0.33 -2.51
N GLU A 473 -43.77 -1.55 -3.05
CA GLU A 473 -45.04 -1.98 -3.62
C GLU A 473 -46.13 -2.05 -2.57
N LEU A 474 -45.80 -2.54 -1.37
CA LEU A 474 -46.83 -2.69 -0.33
C LEU A 474 -47.25 -1.33 0.22
N GLU A 475 -46.28 -0.46 0.52
CA GLU A 475 -46.58 0.79 1.21
C GLU A 475 -47.17 1.86 0.28
N LYS A 476 -46.84 1.81 -1.00
CA LYS A 476 -47.13 2.90 -1.94
C LYS A 476 -46.59 4.22 -1.41
N PRO A 477 -45.26 4.42 -1.37
CA PRO A 477 -44.74 5.71 -0.91
C PRO A 477 -45.02 6.83 -1.90
N LYS A 478 -44.64 8.05 -1.55
CA LYS A 478 -44.85 9.20 -2.43
C LYS A 478 -43.50 9.67 -2.96
N PRO A 479 -43.23 9.51 -4.25
CA PRO A 479 -41.98 10.03 -4.81
C PRO A 479 -41.97 11.55 -4.81
N ILE A 480 -40.78 12.12 -4.67
CA ILE A 480 -40.62 13.57 -4.66
C ILE A 480 -40.84 14.09 -6.07
N PRO A 481 -41.83 14.95 -6.30
CA PRO A 481 -42.05 15.48 -7.64
C PRO A 481 -40.88 16.33 -8.11
N TYR A 482 -40.58 16.24 -9.40
CA TYR A 482 -39.55 17.07 -10.01
C TYR A 482 -39.99 17.46 -11.41
N ILE A 483 -39.65 18.68 -11.80
CA ILE A 483 -40.10 19.23 -13.08
C ILE A 483 -39.43 18.48 -14.22
N TYR A 484 -40.19 18.24 -15.30
CA TYR A 484 -39.64 17.61 -16.48
C TYR A 484 -38.47 18.43 -17.01
N GLY A 485 -37.37 17.75 -17.32
CA GLY A 485 -36.16 18.40 -17.80
C GLY A 485 -35.22 18.88 -16.71
N SER A 486 -35.62 18.78 -15.45
CA SER A 486 -34.76 19.16 -14.34
C SER A 486 -33.82 18.00 -14.00
N ARG A 487 -33.12 18.12 -12.87
CA ARG A 487 -32.17 17.09 -12.43
C ARG A 487 -32.74 16.20 -11.34
N GLY A 488 -34.06 16.09 -11.24
CA GLY A 488 -34.67 15.25 -10.25
C GLY A 488 -34.78 15.89 -8.90
N PRO A 489 -35.21 15.12 -7.90
CA PRO A 489 -35.38 15.67 -6.55
C PRO A 489 -34.07 16.16 -5.95
N THR A 490 -34.16 17.23 -5.16
CA THR A 490 -33.01 17.70 -4.40
C THR A 490 -32.70 16.78 -3.22
N GLU A 491 -33.67 15.99 -2.77
CA GLU A 491 -33.41 15.02 -1.71
C GLU A 491 -32.36 14.00 -2.14
N ALA A 492 -32.27 13.73 -3.45
CA ALA A 492 -31.18 12.88 -3.94
C ALA A 492 -29.82 13.52 -3.67
N ASP A 493 -29.71 14.83 -3.92
CA ASP A 493 -28.46 15.54 -3.61
C ASP A 493 -28.19 15.54 -2.11
N GLU A 494 -29.24 15.71 -1.30
CA GLU A 494 -29.08 15.66 0.14
C GLU A 494 -28.54 14.29 0.58
N LEU A 495 -29.10 13.22 0.02
CA LEU A 495 -28.60 11.87 0.32
C LEU A 495 -27.16 11.70 -0.12
N MET A 496 -26.82 12.20 -1.31
CA MET A 496 -25.46 12.06 -1.82
C MET A 496 -24.46 12.77 -0.92
N LYS A 497 -24.81 13.98 -0.46
CA LYS A 497 -23.89 14.69 0.43
C LYS A 497 -23.89 14.07 1.83
N ARG A 498 -24.99 13.44 2.23
CA ARG A 498 -25.04 12.78 3.53
C ARG A 498 -24.14 11.55 3.57
N VAL A 499 -24.12 10.77 2.49
CA VAL A 499 -23.37 9.51 2.48
C VAL A 499 -21.89 9.68 2.22
N GLY A 500 -21.42 10.91 1.99
CA GLY A 500 -19.99 11.13 1.86
C GLY A 500 -19.56 11.86 0.60
N PHE A 501 -20.42 11.89 -0.41
CA PHE A 501 -20.07 12.53 -1.67
C PHE A 501 -20.08 14.04 -1.51
N GLN A 502 -19.01 14.70 -1.97
CA GLN A 502 -18.86 16.14 -1.85
C GLN A 502 -19.02 16.76 -3.24
N TYR A 503 -20.14 17.44 -3.45
CA TYR A 503 -20.39 18.18 -4.67
C TYR A 503 -20.05 19.66 -4.44
N GLU A 504 -19.26 20.22 -5.34
CA GLU A 504 -18.78 21.60 -5.20
C GLU A 504 -19.30 22.53 -6.29
N GLY A 505 -19.45 22.03 -7.51
CA GLY A 505 -19.95 22.85 -8.60
C GLY A 505 -18.96 23.86 -9.16
N THR A 506 -17.70 23.79 -8.78
CA THR A 506 -16.68 24.71 -9.27
C THR A 506 -15.94 24.20 -10.50
N TYR A 507 -16.31 23.03 -11.01
CA TYR A 507 -15.63 22.45 -12.16
C TYR A 507 -16.13 23.11 -13.43
N LYS A 508 -15.26 23.87 -14.10
CA LYS A 508 -15.55 24.53 -15.37
C LYS A 508 -14.75 23.83 -16.46
N TRP A 509 -15.43 23.37 -17.50
CA TRP A 509 -14.80 22.63 -18.58
C TRP A 509 -15.11 23.30 -19.92
N VAL A 510 -14.08 23.37 -20.77
CA VAL A 510 -14.22 23.90 -22.12
C VAL A 510 -13.68 22.86 -23.09
N ASN A 511 -14.40 22.64 -24.18
CA ASN A 511 -14.03 21.63 -25.16
C ASN A 511 -12.74 21.99 -25.90
N GLN B 28 -0.09 51.04 2.61
CA GLN B 28 1.14 51.61 2.08
C GLN B 28 1.92 50.60 1.23
N SER B 29 2.31 51.02 0.04
CA SER B 29 3.09 50.19 -0.87
C SER B 29 4.55 50.60 -0.77
N ASP B 30 5.37 49.72 -0.21
CA ASP B 30 6.78 50.01 -0.05
C ASP B 30 7.47 50.12 -1.40
N THR B 31 8.44 51.03 -1.49
CA THR B 31 9.20 51.20 -2.72
C THR B 31 10.10 49.99 -2.95
N HIS B 32 10.18 49.56 -4.20
CA HIS B 32 11.03 48.45 -4.60
C HIS B 32 11.96 48.90 -5.72
N ILE B 33 13.22 48.46 -5.64
CA ILE B 33 14.24 48.83 -6.61
C ILE B 33 14.81 47.56 -7.23
N PHE B 34 14.87 47.54 -8.56
CA PHE B 34 15.37 46.40 -9.32
C PHE B 34 16.70 46.79 -9.94
N ILE B 35 17.78 46.16 -9.49
CA ILE B 35 19.13 46.48 -9.94
C ILE B 35 19.64 45.33 -10.79
N ILE B 36 20.10 45.65 -12.00
CA ILE B 36 20.60 44.66 -12.96
C ILE B 36 22.09 44.92 -13.13
N MET B 37 22.90 44.11 -12.48
CA MET B 37 24.35 44.19 -12.66
C MET B 37 24.72 43.69 -14.05
N GLY B 38 25.64 44.40 -14.70
CA GLY B 38 25.99 44.09 -16.07
C GLY B 38 24.84 44.29 -17.02
N ALA B 39 24.15 45.43 -16.91
CA ALA B 39 22.97 45.69 -17.71
C ALA B 39 23.26 45.74 -19.20
N SER B 40 24.51 46.00 -19.58
CA SER B 40 24.92 45.99 -20.98
C SER B 40 25.23 44.59 -21.49
N GLY B 41 25.10 43.57 -20.64
CA GLY B 41 25.51 42.23 -21.01
C GLY B 41 24.57 41.58 -22.00
N ASP B 42 25.07 40.49 -22.60
CA ASP B 42 24.27 39.72 -23.54
C ASP B 42 23.02 39.17 -22.87
N LEU B 43 23.20 38.45 -21.75
CA LEU B 43 22.06 37.88 -21.04
C LEU B 43 21.11 38.98 -20.59
N ALA B 44 21.66 40.10 -20.13
CA ALA B 44 20.84 41.21 -19.65
C ALA B 44 19.85 41.66 -20.72
N LYS B 45 20.37 42.20 -21.83
CA LYS B 45 19.50 42.75 -22.86
C LYS B 45 18.67 41.69 -23.57
N LYS B 46 19.12 40.42 -23.58
CA LYS B 46 18.26 39.38 -24.18
C LYS B 46 17.11 38.99 -23.26
N LYS B 47 17.31 38.94 -21.95
CA LYS B 47 16.30 38.27 -21.16
C LYS B 47 15.75 39.09 -20.00
N ILE B 48 16.59 39.84 -19.30
CA ILE B 48 16.15 40.38 -18.02
C ILE B 48 15.37 41.68 -18.21
N TYR B 49 15.79 42.54 -19.15
CA TYR B 49 15.02 43.75 -19.43
C TYR B 49 13.64 43.43 -20.02
N PRO B 50 13.52 42.58 -21.05
CA PRO B 50 12.16 42.22 -21.50
C PRO B 50 11.33 41.55 -20.41
N THR B 51 11.95 40.75 -19.55
CA THR B 51 11.20 40.09 -18.48
C THR B 51 10.62 41.11 -17.51
N ILE B 52 11.45 42.03 -17.02
CA ILE B 52 10.96 43.03 -16.08
C ILE B 52 9.98 43.97 -16.76
N TRP B 53 10.16 44.26 -18.05
CA TRP B 53 9.20 45.07 -18.77
C TRP B 53 7.85 44.38 -18.87
N TRP B 54 7.85 43.09 -19.17
CA TRP B 54 6.59 42.34 -19.23
C TRP B 54 5.91 42.30 -17.85
N LEU B 55 6.70 42.11 -16.80
CA LEU B 55 6.12 42.08 -15.45
C LEU B 55 5.53 43.44 -15.08
N PHE B 56 6.19 44.53 -15.45
CA PHE B 56 5.66 45.86 -15.13
C PHE B 56 4.46 46.19 -16.01
N ARG B 57 4.39 45.63 -17.21
CA ARG B 57 3.29 45.92 -18.12
C ARG B 57 1.96 45.42 -17.55
N ASP B 58 1.96 44.23 -16.95
CA ASP B 58 0.75 43.64 -16.41
C ASP B 58 0.40 44.14 -15.02
N GLY B 59 1.16 45.09 -14.48
CA GLY B 59 0.88 45.62 -13.16
C GLY B 59 1.13 44.65 -12.04
N LEU B 60 2.01 43.68 -12.22
CA LEU B 60 2.34 42.71 -11.18
C LEU B 60 3.33 43.26 -10.17
N LEU B 61 3.99 44.37 -10.46
CA LEU B 61 4.97 45.04 -9.62
C LEU B 61 4.30 46.09 -8.75
N PRO B 62 4.90 46.40 -7.59
CA PRO B 62 4.40 47.52 -6.79
C PRO B 62 4.54 48.83 -7.54
N GLU B 63 3.61 49.74 -7.28
CA GLU B 63 3.57 50.98 -8.05
C GLU B 63 4.69 51.95 -7.69
N ASN B 64 5.44 51.71 -6.61
CA ASN B 64 6.72 52.39 -6.39
C ASN B 64 7.84 51.42 -6.75
N THR B 65 8.08 51.28 -8.06
CA THR B 65 9.13 50.41 -8.57
C THR B 65 10.06 51.21 -9.47
N PHE B 66 11.37 51.08 -9.23
CA PHE B 66 12.38 51.73 -10.06
C PHE B 66 13.45 50.70 -10.39
N ILE B 67 14.11 50.91 -11.53
CA ILE B 67 15.12 49.98 -12.03
C ILE B 67 16.40 50.76 -12.32
N VAL B 68 17.52 50.26 -11.81
CA VAL B 68 18.83 50.89 -12.00
C VAL B 68 19.75 49.87 -12.67
N GLY B 69 20.41 50.29 -13.74
CA GLY B 69 21.39 49.46 -14.43
C GLY B 69 22.80 49.81 -14.02
N TYR B 70 23.70 48.83 -14.16
CA TYR B 70 25.10 49.04 -13.80
C TYR B 70 25.98 48.09 -14.60
N ALA B 71 27.04 48.63 -15.18
CA ALA B 71 28.03 47.87 -15.95
C ALA B 71 29.21 48.78 -16.22
N ARG B 72 30.24 48.23 -16.84
CA ARG B 72 31.41 49.03 -17.20
C ARG B 72 31.15 49.93 -18.40
N SER B 73 30.22 49.54 -19.27
CA SER B 73 29.96 50.32 -20.48
C SER B 73 29.34 51.67 -20.12
N ARG B 74 29.72 52.68 -20.88
CA ARG B 74 29.24 54.05 -20.66
C ARG B 74 28.02 54.32 -21.54
N LEU B 75 26.96 53.58 -21.26
CA LEU B 75 25.68 53.74 -21.95
C LEU B 75 24.73 54.57 -21.09
N THR B 76 23.58 54.89 -21.66
CA THR B 76 22.56 55.69 -21.00
C THR B 76 21.23 54.94 -21.02
N VAL B 77 20.21 55.59 -20.46
CA VAL B 77 18.87 55.00 -20.47
C VAL B 77 18.37 54.86 -21.90
N ALA B 78 18.60 55.89 -22.73
CA ALA B 78 18.20 55.81 -24.13
C ALA B 78 18.98 54.72 -24.87
N ASP B 79 20.26 54.55 -24.55
CA ASP B 79 21.06 53.53 -25.20
C ASP B 79 20.54 52.13 -24.88
N ILE B 80 20.30 51.85 -23.59
CA ILE B 80 19.74 50.56 -23.20
C ILE B 80 18.36 50.37 -23.82
N ARG B 81 17.57 51.45 -23.88
CA ARG B 81 16.26 51.38 -24.50
C ARG B 81 16.36 50.95 -25.97
N LYS B 82 17.19 51.64 -26.74
CA LYS B 82 17.29 51.33 -28.16
C LYS B 82 17.93 49.97 -28.40
N GLN B 83 18.78 49.52 -27.47
CA GLN B 83 19.40 48.20 -27.63
C GLN B 83 18.42 47.07 -27.30
N SER B 84 17.54 47.27 -26.32
CA SER B 84 16.65 46.21 -25.87
C SER B 84 15.23 46.31 -26.46
N GLU B 85 14.95 47.33 -27.28
CA GLU B 85 13.63 47.43 -27.90
C GLU B 85 13.26 46.20 -28.74
N PRO B 86 14.11 45.69 -29.63
CA PRO B 86 13.68 44.56 -30.47
C PRO B 86 13.32 43.31 -29.68
N PHE B 87 13.83 43.17 -28.46
CA PHE B 87 13.56 42.00 -27.64
C PHE B 87 12.37 42.19 -26.70
N PHE B 88 11.80 43.40 -26.65
CA PHE B 88 10.62 43.63 -25.84
C PHE B 88 9.35 43.04 -26.46
N LYS B 89 9.37 42.77 -27.77
CA LYS B 89 8.17 42.31 -28.49
C LYS B 89 7.02 43.29 -28.30
N ALA B 90 7.32 44.58 -28.43
CA ALA B 90 6.36 45.63 -28.15
C ALA B 90 5.32 45.74 -29.27
N THR B 91 4.20 46.37 -28.95
CA THR B 91 3.08 46.58 -29.85
C THR B 91 2.72 48.05 -29.89
N PRO B 92 2.06 48.51 -30.97
CA PRO B 92 1.77 49.95 -31.10
C PRO B 92 0.89 50.52 -29.99
N GLU B 93 0.11 49.70 -29.29
CA GLU B 93 -0.85 50.22 -28.34
C GLU B 93 -0.27 50.48 -26.96
N GLU B 94 1.03 50.26 -26.76
CA GLU B 94 1.62 50.34 -25.43
C GLU B 94 2.82 51.29 -25.33
N LYS B 95 2.98 52.21 -26.30
CA LYS B 95 3.99 53.26 -26.14
C LYS B 95 3.96 53.89 -24.75
N LEU B 96 2.81 54.43 -24.35
CA LEU B 96 2.73 55.15 -23.08
C LEU B 96 3.30 54.31 -21.93
N LYS B 97 3.04 53.00 -21.96
CA LYS B 97 3.66 52.11 -20.98
C LYS B 97 5.17 52.07 -21.15
N LEU B 98 5.67 52.07 -22.39
CA LEU B 98 7.12 52.13 -22.58
C LEU B 98 7.73 53.42 -22.03
N GLU B 99 7.12 54.57 -22.31
CA GLU B 99 7.66 55.81 -21.74
C GLU B 99 7.62 55.81 -20.23
N ASP B 100 6.54 55.28 -19.63
CA ASP B 100 6.51 55.16 -18.17
C ASP B 100 7.65 54.27 -17.68
N PHE B 101 7.82 53.11 -18.31
CA PHE B 101 8.82 52.14 -17.90
C PHE B 101 10.23 52.74 -17.97
N PHE B 102 10.54 53.42 -19.07
CA PHE B 102 11.86 54.01 -19.24
C PHE B 102 12.02 55.32 -18.48
N ALA B 103 10.93 55.93 -18.01
CA ALA B 103 11.03 57.00 -17.04
C ALA B 103 11.36 56.48 -15.65
N ARG B 104 10.94 55.25 -15.36
CA ARG B 104 11.35 54.57 -14.13
C ARG B 104 12.67 53.83 -14.28
N ASN B 105 13.32 53.95 -15.43
CA ASN B 105 14.60 53.29 -15.69
C ASN B 105 15.76 54.25 -15.51
N SER B 106 16.91 53.72 -15.11
CA SER B 106 18.12 54.51 -14.96
C SER B 106 19.33 53.60 -15.14
N TYR B 107 20.47 54.22 -15.45
CA TYR B 107 21.72 53.50 -15.65
C TYR B 107 22.84 54.21 -14.90
N VAL B 108 23.76 53.42 -14.35
CA VAL B 108 24.92 53.93 -13.63
C VAL B 108 26.15 53.19 -14.12
N ALA B 109 27.21 53.93 -14.41
CA ALA B 109 28.46 53.31 -14.86
C ALA B 109 29.39 53.10 -13.67
N GLY B 110 30.38 52.25 -13.87
CA GLY B 110 31.35 51.97 -12.82
C GLY B 110 32.13 50.71 -13.11
N GLN B 111 32.83 50.24 -12.08
CA GLN B 111 33.64 49.04 -12.14
C GLN B 111 33.13 48.01 -11.15
N TYR B 112 33.54 46.76 -11.35
CA TYR B 112 33.13 45.66 -10.49
C TYR B 112 34.06 45.46 -9.29
N ASP B 113 35.19 46.17 -9.23
CA ASP B 113 36.12 46.08 -8.12
C ASP B 113 36.38 47.40 -7.43
N ASP B 114 36.06 48.53 -8.05
CA ASP B 114 36.30 49.83 -7.44
C ASP B 114 35.15 50.18 -6.51
N ALA B 115 35.46 50.46 -5.24
CA ALA B 115 34.44 50.81 -4.28
C ALA B 115 33.74 52.12 -4.63
N ALA B 116 34.52 53.10 -5.11
CA ALA B 116 33.97 54.43 -5.39
C ALA B 116 32.77 54.35 -6.30
N SER B 117 32.80 53.46 -7.29
CA SER B 117 31.63 53.24 -8.13
C SER B 117 30.45 52.73 -7.30
N TYR B 118 30.73 51.93 -6.27
CA TYR B 118 29.64 51.39 -5.47
C TYR B 118 29.02 52.45 -4.56
N GLN B 119 29.82 53.31 -3.93
CA GLN B 119 29.20 54.40 -3.18
C GLN B 119 28.51 55.39 -4.10
N ARG B 120 29.03 55.58 -5.32
CA ARG B 120 28.32 56.44 -6.27
C ARG B 120 26.96 55.84 -6.64
N LEU B 121 26.92 54.52 -6.86
CA LEU B 121 25.65 53.85 -7.12
C LEU B 121 24.71 53.99 -5.94
N ASN B 122 25.22 53.83 -4.72
CA ASN B 122 24.37 53.96 -3.54
C ASN B 122 23.81 55.37 -3.43
N SER B 123 24.63 56.39 -3.68
CA SER B 123 24.15 57.76 -3.64
C SER B 123 23.11 58.02 -4.73
N HIS B 124 23.34 57.51 -5.95
CA HIS B 124 22.38 57.71 -7.03
C HIS B 124 21.05 57.03 -6.73
N MET B 125 21.10 55.78 -6.23
CA MET B 125 19.90 55.00 -6.03
C MET B 125 19.15 55.40 -4.75
N ASN B 126 19.84 56.01 -3.77
CA ASN B 126 19.15 56.60 -2.64
C ASN B 126 18.43 57.88 -3.03
N ALA B 127 18.90 58.55 -4.10
CA ALA B 127 18.35 59.83 -4.52
C ALA B 127 17.12 59.63 -5.41
N LEU B 128 16.21 58.81 -4.89
CA LEU B 128 14.98 58.54 -5.59
C LEU B 128 13.95 58.57 -4.51
N HIS B 129 12.69 58.76 -4.88
CA HIS B 129 11.62 58.73 -3.89
C HIS B 129 11.77 57.57 -2.93
N LEU B 130 11.51 57.80 -1.65
CA LEU B 130 11.64 56.74 -0.65
C LEU B 130 12.91 55.95 -0.86
N GLY B 131 13.95 56.60 -1.36
CA GLY B 131 15.19 55.91 -1.65
C GLY B 131 15.90 55.42 -0.40
N SER B 132 15.23 55.44 0.74
CA SER B 132 15.84 54.89 1.94
C SER B 132 15.10 53.70 2.50
N GLN B 133 13.77 53.75 2.51
CA GLN B 133 12.94 52.62 2.90
C GLN B 133 12.71 51.65 1.75
N ALA B 134 13.25 51.94 0.58
CA ALA B 134 13.01 51.10 -0.60
C ALA B 134 13.60 49.71 -0.42
N ASN B 135 12.88 48.72 -0.92
CA ASN B 135 13.33 47.32 -0.88
C ASN B 135 14.27 47.09 -2.06
N ARG B 136 15.57 47.11 -1.81
CA ARG B 136 16.54 46.89 -2.87
C ARG B 136 16.56 45.42 -3.27
N LEU B 137 16.70 45.18 -4.57
CA LEU B 137 16.69 43.82 -5.12
C LEU B 137 17.66 43.79 -6.28
N PHE B 138 18.70 42.95 -6.18
CA PHE B 138 19.81 42.97 -7.12
C PHE B 138 19.83 41.70 -7.97
N TYR B 139 20.17 41.88 -9.25
CA TYR B 139 20.36 40.78 -10.18
C TYR B 139 21.79 40.80 -10.69
N LEU B 140 22.41 39.63 -10.77
CA LEU B 140 23.81 39.50 -11.19
C LEU B 140 23.86 38.80 -12.54
N ALA B 141 23.78 39.58 -13.61
CA ALA B 141 23.94 39.05 -14.97
C ALA B 141 25.39 39.22 -15.43
N LEU B 142 26.28 38.58 -14.69
CA LEU B 142 27.71 38.72 -14.86
C LEU B 142 28.37 37.35 -14.95
N PRO B 143 29.56 37.27 -15.55
CA PRO B 143 30.28 36.00 -15.55
C PRO B 143 30.65 35.61 -14.14
N PRO B 144 30.75 34.31 -13.86
CA PRO B 144 31.06 33.86 -12.48
C PRO B 144 32.42 34.33 -11.97
N THR B 145 33.32 34.75 -12.86
CA THR B 145 34.66 35.13 -12.43
C THR B 145 34.67 36.36 -11.55
N VAL B 146 33.58 37.13 -11.49
CA VAL B 146 33.52 38.36 -10.73
C VAL B 146 32.48 38.32 -9.62
N TYR B 147 31.84 37.16 -9.40
CA TYR B 147 30.85 37.06 -8.34
C TYR B 147 31.46 37.38 -6.98
N GLU B 148 32.66 36.87 -6.70
CA GLU B 148 33.28 37.10 -5.40
C GLU B 148 33.43 38.59 -5.12
N ALA B 149 34.07 39.32 -6.04
CA ALA B 149 34.30 40.75 -5.85
C ALA B 149 32.99 41.52 -5.80
N VAL B 150 32.04 41.19 -6.70
CA VAL B 150 30.79 41.94 -6.75
C VAL B 150 30.00 41.74 -5.46
N THR B 151 29.89 40.51 -4.97
CA THR B 151 29.18 40.27 -3.72
C THR B 151 29.86 40.94 -2.55
N LYS B 152 31.20 40.89 -2.50
CA LYS B 152 31.91 41.58 -1.42
C LYS B 152 31.59 43.07 -1.42
N ASN B 153 31.71 43.70 -2.58
CA ASN B 153 31.47 45.14 -2.67
C ASN B 153 30.02 45.50 -2.36
N ILE B 154 29.07 44.71 -2.87
CA ILE B 154 27.66 45.03 -2.67
C ILE B 154 27.27 44.85 -1.21
N HIS B 155 27.87 43.86 -0.53
CA HIS B 155 27.59 43.71 0.90
C HIS B 155 28.24 44.84 1.70
N GLU B 156 29.45 45.25 1.32
CA GLU B 156 30.13 46.27 2.11
C GLU B 156 29.62 47.69 1.84
N SER B 157 28.92 47.91 0.73
CA SER B 157 28.56 49.29 0.37
C SER B 157 27.08 49.50 0.09
N CYS B 158 26.41 48.52 -0.52
CA CYS B 158 25.10 48.77 -1.11
C CYS B 158 23.98 47.99 -0.44
N MET B 159 23.94 47.98 0.89
CA MET B 159 22.91 47.27 1.64
C MET B 159 21.91 48.26 2.22
N SER B 160 20.62 47.98 2.04
CA SER B 160 19.57 48.80 2.63
C SER B 160 19.43 48.50 4.11
N GLN B 161 19.32 49.55 4.92
CA GLN B 161 19.20 49.41 6.36
C GLN B 161 17.76 49.43 6.85
N ILE B 162 16.79 49.60 5.95
CA ILE B 162 15.38 49.62 6.34
C ILE B 162 14.65 48.47 5.67
N GLY B 163 14.62 48.47 4.33
CA GLY B 163 13.97 47.40 3.60
C GLY B 163 14.87 46.19 3.43
N TRP B 164 14.27 45.10 2.97
CA TRP B 164 15.02 43.87 2.77
C TRP B 164 15.91 43.98 1.54
N ASN B 165 16.96 43.15 1.52
CA ASN B 165 17.88 43.09 0.40
C ASN B 165 18.02 41.64 -0.04
N ARG B 166 17.83 41.40 -1.34
CA ARG B 166 17.93 40.06 -1.90
C ARG B 166 18.85 40.09 -3.11
N ILE B 167 19.79 39.14 -3.15
CA ILE B 167 20.80 39.07 -4.20
C ILE B 167 20.50 37.86 -5.06
N ILE B 168 20.61 38.02 -6.38
CA ILE B 168 20.26 36.99 -7.34
C ILE B 168 21.51 36.64 -8.14
N VAL B 169 21.89 35.36 -8.12
CA VAL B 169 23.05 34.88 -8.86
C VAL B 169 22.56 34.01 -10.01
N GLU B 170 23.50 33.64 -10.88
CA GLU B 170 23.15 32.96 -12.13
C GLU B 170 24.07 31.77 -12.38
N LYS B 171 23.56 30.82 -13.16
CA LYS B 171 24.34 29.70 -13.64
C LYS B 171 25.53 30.20 -14.45
N PRO B 172 26.68 29.52 -14.40
CA PRO B 172 27.05 28.32 -13.64
C PRO B 172 27.54 28.59 -12.22
N PHE B 173 27.54 27.54 -11.40
CA PHE B 173 28.05 27.59 -10.03
C PHE B 173 29.26 26.68 -9.94
N GLY B 174 30.43 27.23 -10.29
CA GLY B 174 31.66 26.47 -10.24
C GLY B 174 31.74 25.42 -11.33
N ARG B 175 32.82 24.64 -11.27
CA ARG B 175 33.06 23.56 -12.23
C ARG B 175 33.01 22.17 -11.61
N ASP B 176 33.32 22.05 -10.32
CA ASP B 176 33.25 20.77 -9.63
C ASP B 176 32.89 21.05 -8.17
N LEU B 177 33.12 20.07 -7.29
CA LEU B 177 32.67 20.20 -5.90
C LEU B 177 33.35 21.36 -5.20
N GLN B 178 34.68 21.40 -5.23
CA GLN B 178 35.40 22.41 -4.45
C GLN B 178 35.27 23.80 -5.06
N SER B 179 35.26 23.89 -6.39
CA SER B 179 35.12 25.20 -7.04
C SER B 179 33.77 25.81 -6.73
N SER B 180 32.71 24.99 -6.70
CA SER B 180 31.40 25.50 -6.31
C SER B 180 31.34 25.80 -4.82
N ASP B 181 31.98 24.96 -4.00
CA ASP B 181 31.93 25.15 -2.55
C ASP B 181 32.59 26.46 -2.14
N ARG B 182 33.73 26.82 -2.76
CA ARG B 182 34.42 28.04 -2.36
C ARG B 182 33.54 29.27 -2.63
N LEU B 183 32.91 29.33 -3.80
CA LEU B 183 32.06 30.48 -4.12
C LEU B 183 30.78 30.46 -3.28
N SER B 184 30.22 29.29 -3.03
CA SER B 184 29.03 29.20 -2.20
C SER B 184 29.31 29.64 -0.77
N ASN B 185 30.48 29.27 -0.23
CA ASN B 185 30.85 29.72 1.10
C ASN B 185 31.14 31.21 1.13
N HIS B 186 31.76 31.74 0.08
CA HIS B 186 32.01 33.18 0.04
C HIS B 186 30.69 33.96 0.01
N ILE B 187 29.72 33.49 -0.79
CA ILE B 187 28.43 34.17 -0.85
C ILE B 187 27.68 34.02 0.47
N SER B 188 27.67 32.81 1.04
CA SER B 188 26.93 32.57 2.27
C SER B 188 27.57 33.28 3.46
N SER B 189 28.89 33.48 3.43
CA SER B 189 29.55 34.21 4.52
C SER B 189 29.20 35.70 4.50
N LEU B 190 28.58 36.19 3.42
CA LEU B 190 28.22 37.60 3.31
C LEU B 190 26.72 37.85 3.37
N PHE B 191 25.90 36.87 3.01
CA PHE B 191 24.45 37.03 2.99
C PHE B 191 23.80 35.81 3.63
N ARG B 192 22.60 36.01 4.16
CA ARG B 192 21.85 34.92 4.77
C ARG B 192 21.14 34.11 3.69
N GLU B 193 20.68 32.91 4.08
CA GLU B 193 20.03 32.03 3.13
C GLU B 193 18.68 32.54 2.66
N ASP B 194 18.07 33.48 3.38
CA ASP B 194 16.81 34.08 2.95
C ASP B 194 17.02 35.27 2.02
N GLN B 195 18.27 35.61 1.72
CA GLN B 195 18.57 36.71 0.80
C GLN B 195 19.26 36.26 -0.48
N ILE B 196 19.82 35.06 -0.53
CA ILE B 196 20.49 34.55 -1.72
C ILE B 196 19.47 33.79 -2.56
N TYR B 197 19.35 34.19 -3.82
CA TYR B 197 18.38 33.59 -4.75
C TYR B 197 19.15 32.99 -5.92
N ARG B 198 19.36 31.68 -5.88
CA ARG B 198 20.08 31.01 -6.95
C ARG B 198 19.11 30.65 -8.07
N ILE B 199 19.43 31.09 -9.29
CA ILE B 199 18.52 30.95 -10.42
C ILE B 199 18.75 29.62 -11.13
N ASN B 200 17.67 28.86 -11.29
CA ASN B 200 17.62 27.72 -12.19
C ASN B 200 16.32 27.90 -12.96
N HIS B 201 16.41 28.50 -14.14
CA HIS B 201 15.21 28.95 -14.85
C HIS B 201 14.28 27.80 -15.20
N TYR B 202 14.77 26.56 -15.21
CA TYR B 202 13.85 25.43 -15.36
C TYR B 202 12.94 25.29 -14.14
N LEU B 203 13.41 25.66 -12.96
CA LEU B 203 12.51 25.72 -11.81
C LEU B 203 11.43 26.77 -12.02
N GLY B 204 11.64 27.73 -12.93
CA GLY B 204 10.62 28.68 -13.31
C GLY B 204 9.67 28.21 -14.38
N LYS B 205 9.92 27.04 -14.98
CA LYS B 205 9.03 26.51 -16.00
C LYS B 205 7.70 26.11 -15.39
N GLU B 206 6.66 26.09 -16.25
CA GLU B 206 5.32 25.78 -15.78
C GLU B 206 5.21 24.35 -15.28
N MET B 207 5.71 23.39 -16.07
CA MET B 207 5.58 21.98 -15.70
C MET B 207 6.41 21.63 -14.48
N VAL B 208 7.58 22.24 -14.33
CA VAL B 208 8.44 21.92 -13.19
C VAL B 208 7.74 22.31 -11.89
N GLN B 209 7.18 23.53 -11.84
CA GLN B 209 6.40 23.91 -10.68
C GLN B 209 5.17 23.03 -10.54
N ASN B 210 4.52 22.69 -11.65
CA ASN B 210 3.30 21.90 -11.60
C ASN B 210 3.55 20.50 -11.08
N LEU B 211 4.78 20.01 -11.14
CA LEU B 211 5.12 18.69 -10.62
C LEU B 211 4.68 18.55 -9.16
N MET B 212 4.87 19.60 -8.37
CA MET B 212 4.49 19.55 -6.96
C MET B 212 2.98 19.39 -6.79
N VAL B 213 2.19 20.08 -7.62
CA VAL B 213 0.74 19.92 -7.54
C VAL B 213 0.31 18.55 -8.04
N LEU B 214 0.96 18.04 -9.08
CA LEU B 214 0.73 16.65 -9.49
C LEU B 214 0.96 15.68 -8.35
N ARG B 215 2.07 15.84 -7.63
CA ARG B 215 2.44 14.83 -6.64
C ARG B 215 1.62 14.96 -5.37
N PHE B 216 1.57 16.16 -4.77
CA PHE B 216 1.11 16.33 -3.40
C PHE B 216 -0.30 16.89 -3.31
N ALA B 217 -1.03 16.98 -4.43
CA ALA B 217 -2.41 17.42 -4.41
C ALA B 217 -3.37 16.42 -5.04
N ASN B 218 -2.87 15.28 -5.52
CA ASN B 218 -3.70 14.28 -6.16
C ASN B 218 -3.56 12.95 -5.44
N ARG B 219 -4.68 12.28 -5.21
CA ARG B 219 -4.68 10.94 -4.64
C ARG B 219 -4.46 9.87 -5.70
N ILE B 220 -4.47 10.24 -6.99
CA ILE B 220 -4.23 9.27 -8.06
C ILE B 220 -2.77 9.14 -8.42
N PHE B 221 -1.90 10.01 -7.90
CA PHE B 221 -0.47 9.95 -8.18
C PHE B 221 0.37 9.83 -6.91
N GLY B 222 -0.26 9.61 -5.75
CA GLY B 222 0.47 9.52 -4.51
C GLY B 222 0.86 8.11 -4.11
N PRO B 223 -0.13 7.21 -4.02
CA PRO B 223 0.20 5.82 -3.66
C PRO B 223 1.12 5.12 -4.64
N ILE B 224 1.06 5.45 -5.92
CA ILE B 224 1.82 4.74 -6.94
C ILE B 224 3.15 5.44 -7.17
N TRP B 225 3.49 6.41 -6.33
CA TRP B 225 4.73 7.16 -6.49
C TRP B 225 5.81 6.59 -5.56
N ASN B 226 6.20 5.36 -5.85
CA ASN B 226 7.19 4.67 -5.02
C ASN B 226 7.85 3.58 -5.85
N ARG B 227 8.88 2.97 -5.26
CA ARG B 227 9.61 1.89 -5.91
C ARG B 227 8.73 0.66 -6.13
N ASP B 228 7.64 0.53 -5.37
CA ASP B 228 6.78 -0.64 -5.50
C ASP B 228 6.04 -0.67 -6.84
N ASN B 229 5.93 0.46 -7.53
CA ASN B 229 5.19 0.53 -8.78
C ASN B 229 5.97 1.13 -9.94
N ILE B 230 7.08 1.81 -9.70
CA ILE B 230 7.86 2.46 -10.76
C ILE B 230 9.06 1.59 -11.09
N ALA B 231 9.21 1.25 -12.37
CA ALA B 231 10.33 0.43 -12.79
C ALA B 231 11.60 1.27 -12.99
N CYS B 232 11.47 2.41 -13.66
CA CYS B 232 12.61 3.28 -13.90
C CYS B 232 12.11 4.69 -14.18
N VAL B 233 13.01 5.65 -14.03
CA VAL B 233 12.70 7.06 -14.23
C VAL B 233 13.63 7.61 -15.30
N ILE B 234 13.06 8.24 -16.32
CA ILE B 234 13.83 8.86 -17.39
C ILE B 234 13.48 10.34 -17.42
N LEU B 235 14.50 11.19 -17.33
CA LEU B 235 14.36 12.63 -17.50
C LEU B 235 15.10 13.02 -18.77
N THR B 236 14.35 13.41 -19.80
CA THR B 236 14.89 13.64 -21.13
C THR B 236 15.09 15.12 -21.38
N PHE B 237 16.25 15.46 -21.93
CA PHE B 237 16.54 16.82 -22.38
C PHE B 237 17.27 16.73 -23.72
N LYS B 238 16.64 17.24 -24.77
CA LYS B 238 17.21 17.17 -26.11
C LYS B 238 17.20 18.54 -26.75
N GLU B 239 18.22 18.80 -27.57
CA GLU B 239 18.33 20.04 -28.33
C GLU B 239 18.61 19.69 -29.78
N PRO B 240 17.91 20.31 -30.73
CA PRO B 240 18.13 19.99 -32.15
C PRO B 240 19.26 20.75 -32.78
N PHE B 241 19.98 21.59 -32.04
CA PHE B 241 21.08 22.37 -32.56
C PHE B 241 22.32 22.14 -31.70
N GLY B 242 23.47 22.21 -32.35
CA GLY B 242 24.74 22.04 -31.66
C GLY B 242 25.19 23.31 -30.97
N THR B 243 26.48 23.39 -30.70
CA THR B 243 27.05 24.57 -30.05
C THR B 243 27.00 25.81 -30.95
N GLU B 244 26.74 25.62 -32.25
CA GLU B 244 26.52 26.69 -33.24
C GLU B 244 27.47 27.87 -33.04
N GLY B 245 28.76 27.58 -33.17
CA GLY B 245 29.77 28.61 -33.15
C GLY B 245 30.14 29.15 -31.78
N ARG B 246 29.60 28.56 -30.71
CA ARG B 246 29.92 28.94 -29.35
C ARG B 246 30.63 27.80 -28.64
N GLY B 247 31.48 27.07 -29.39
CA GLY B 247 32.11 25.88 -28.86
C GLY B 247 33.18 26.14 -27.82
N GLY B 248 33.74 27.34 -27.80
CA GLY B 248 34.76 27.64 -26.80
C GLY B 248 34.22 27.59 -25.38
N TYR B 249 33.00 28.08 -25.18
CA TYR B 249 32.41 28.05 -23.84
C TYR B 249 31.96 26.65 -23.46
N PHE B 250 31.41 25.90 -24.42
CA PHE B 250 30.90 24.57 -24.11
C PHE B 250 32.02 23.56 -23.92
N ASP B 251 33.16 23.77 -24.57
CA ASP B 251 34.30 22.87 -24.38
C ASP B 251 34.80 22.92 -22.94
N GLU B 252 34.71 24.08 -22.31
CA GLU B 252 35.15 24.21 -20.92
C GLU B 252 34.31 23.34 -19.99
N PHE B 253 33.00 23.28 -20.22
CA PHE B 253 32.08 22.67 -19.26
C PHE B 253 31.67 21.25 -19.64
N GLY B 254 31.11 21.07 -20.83
CA GLY B 254 30.54 19.79 -21.19
C GLY B 254 29.06 19.71 -20.84
N ILE B 255 28.39 18.74 -21.48
CA ILE B 255 26.94 18.62 -21.33
C ILE B 255 26.55 18.30 -19.90
N ILE B 256 27.41 17.58 -19.17
CA ILE B 256 27.14 17.24 -17.78
C ILE B 256 26.98 18.53 -16.99
N ARG B 257 28.06 19.30 -16.89
CA ARG B 257 28.04 20.55 -16.14
C ARG B 257 27.01 21.52 -16.71
N ASP B 258 26.69 21.40 -17.99
CA ASP B 258 25.77 22.35 -18.60
C ASP B 258 24.33 22.10 -18.17
N VAL B 259 23.82 20.89 -18.39
CA VAL B 259 22.40 20.66 -18.15
C VAL B 259 22.15 19.57 -17.10
N MET B 260 23.03 18.56 -17.03
CA MET B 260 22.71 17.42 -16.19
C MET B 260 22.89 17.73 -14.72
N GLN B 261 23.92 18.51 -14.38
CA GLN B 261 24.20 18.81 -12.98
C GLN B 261 23.10 19.65 -12.36
N ASN B 262 22.41 20.48 -13.14
CA ASN B 262 21.42 21.40 -12.59
C ASN B 262 20.00 21.10 -13.03
N HIS B 263 19.69 21.12 -14.33
CA HIS B 263 18.29 21.09 -14.75
C HIS B 263 17.68 19.71 -14.51
N LEU B 264 18.24 18.68 -15.13
CA LEU B 264 17.73 17.33 -14.97
C LEU B 264 17.78 16.91 -13.51
N LEU B 265 18.82 17.30 -12.79
CA LEU B 265 18.97 16.83 -11.42
C LEU B 265 17.98 17.51 -10.48
N GLN B 266 17.69 18.80 -10.68
CA GLN B 266 16.65 19.45 -9.89
C GLN B 266 15.28 18.90 -10.23
N MET B 267 15.04 18.56 -11.50
CA MET B 267 13.79 17.88 -11.83
C MET B 267 13.70 16.53 -11.12
N LEU B 268 14.82 15.81 -11.03
CA LEU B 268 14.86 14.56 -10.28
C LEU B 268 14.54 14.79 -8.81
N CYS B 269 15.13 15.82 -8.21
CA CYS B 269 14.87 16.12 -6.81
C CYS B 269 13.41 16.43 -6.57
N LEU B 270 12.80 17.21 -7.46
CA LEU B 270 11.42 17.60 -7.27
C LEU B 270 10.46 16.46 -7.56
N VAL B 271 10.84 15.53 -8.45
CA VAL B 271 10.02 14.35 -8.69
C VAL B 271 10.10 13.39 -7.51
N ALA B 272 11.30 13.18 -6.96
CA ALA B 272 11.51 12.16 -5.95
C ALA B 272 11.30 12.68 -4.52
N MET B 273 11.02 13.96 -4.34
CA MET B 273 10.96 14.52 -3.00
C MET B 273 9.79 13.96 -2.19
N GLU B 274 9.99 13.87 -0.87
CA GLU B 274 8.90 13.53 0.02
C GLU B 274 7.99 14.72 0.22
N LYS B 275 6.75 14.44 0.61
CA LYS B 275 5.76 15.50 0.77
C LYS B 275 6.18 16.45 1.89
N PRO B 276 6.24 17.75 1.63
CA PRO B 276 6.66 18.69 2.68
C PRO B 276 5.60 18.84 3.76
N ALA B 277 6.06 19.30 4.93
CA ALA B 277 5.13 19.61 6.01
C ALA B 277 4.18 20.73 5.62
N SER B 278 4.68 21.74 4.92
CA SER B 278 3.86 22.86 4.47
C SER B 278 4.47 23.42 3.19
N THR B 279 3.70 24.29 2.54
CA THR B 279 4.13 24.91 1.29
C THR B 279 5.15 26.03 1.49
N ASN B 280 5.74 26.14 2.68
CA ASN B 280 6.83 27.09 2.86
C ASN B 280 8.04 26.67 2.04
N SER B 281 8.87 27.66 1.70
CA SER B 281 10.04 27.38 0.88
C SER B 281 11.00 26.44 1.57
N ASP B 282 11.24 26.66 2.87
CA ASP B 282 12.23 25.86 3.59
C ASP B 282 11.84 24.39 3.67
N ASP B 283 10.55 24.08 3.83
CA ASP B 283 10.12 22.68 3.84
C ASP B 283 10.44 22.00 2.51
N VAL B 284 10.08 22.64 1.39
CA VAL B 284 10.31 22.04 0.08
C VAL B 284 11.81 21.87 -0.17
N ARG B 285 12.59 22.89 0.17
CA ARG B 285 14.03 22.84 -0.06
C ARG B 285 14.69 21.76 0.81
N ASP B 286 14.20 21.61 2.05
CA ASP B 286 14.69 20.55 2.93
C ASP B 286 14.36 19.17 2.37
N GLU B 287 13.15 18.99 1.84
CA GLU B 287 12.80 17.71 1.23
C GLU B 287 13.68 17.42 0.03
N LYS B 288 13.94 18.44 -0.79
CA LYS B 288 14.78 18.25 -1.96
C LYS B 288 16.20 17.85 -1.58
N VAL B 289 16.78 18.53 -0.59
CA VAL B 289 18.14 18.16 -0.18
C VAL B 289 18.15 16.80 0.51
N LYS B 290 17.07 16.45 1.21
CA LYS B 290 16.98 15.12 1.79
C LYS B 290 17.01 14.04 0.72
N VAL B 291 16.31 14.27 -0.39
CA VAL B 291 16.37 13.34 -1.50
C VAL B 291 17.77 13.32 -2.12
N LEU B 292 18.40 14.49 -2.23
CA LEU B 292 19.76 14.55 -2.76
C LEU B 292 20.72 13.71 -1.92
N LYS B 293 20.57 13.76 -0.59
CA LYS B 293 21.49 13.07 0.30
C LYS B 293 21.44 11.55 0.17
N CYS B 294 20.43 11.00 -0.50
CA CYS B 294 20.27 9.56 -0.62
C CYS B 294 20.86 8.99 -1.91
N ILE B 295 21.58 9.81 -2.68
CA ILE B 295 22.13 9.40 -3.97
C ILE B 295 23.63 9.24 -3.83
N SER B 296 24.16 8.10 -4.30
CA SER B 296 25.58 7.83 -4.25
C SER B 296 26.30 8.45 -5.44
N GLU B 297 27.63 8.46 -5.37
CA GLU B 297 28.43 9.05 -6.43
C GLU B 297 28.26 8.28 -7.73
N VAL B 298 28.45 8.98 -8.85
CA VAL B 298 28.18 8.41 -10.17
C VAL B 298 29.33 7.49 -10.56
N GLN B 299 29.01 6.21 -10.76
CA GLN B 299 30.00 5.26 -11.26
C GLN B 299 30.25 5.48 -12.74
N ALA B 300 31.45 5.10 -13.18
CA ALA B 300 31.87 5.32 -14.56
C ALA B 300 31.41 4.23 -15.51
N ASN B 301 30.74 3.19 -15.02
CA ASN B 301 30.26 2.11 -15.86
C ASN B 301 28.80 2.28 -16.26
N ASN B 302 28.18 3.42 -15.91
CA ASN B 302 26.81 3.70 -16.28
C ASN B 302 26.67 5.04 -16.99
N VAL B 303 27.75 5.53 -17.59
CA VAL B 303 27.76 6.81 -18.29
C VAL B 303 28.13 6.56 -19.74
N VAL B 304 27.31 7.05 -20.67
CA VAL B 304 27.56 6.95 -22.10
C VAL B 304 27.75 8.37 -22.63
N LEU B 305 28.93 8.63 -23.18
CA LEU B 305 29.28 9.95 -23.69
C LEU B 305 29.26 9.95 -25.21
N GLY B 306 28.77 11.04 -25.78
CA GLY B 306 28.73 11.19 -27.22
C GLY B 306 29.15 12.58 -27.64
N GLN B 307 29.82 12.65 -28.79
CA GLN B 307 30.27 13.90 -29.37
C GLN B 307 29.88 13.91 -30.84
N TYR B 308 29.06 14.87 -31.24
CA TYR B 308 28.44 14.84 -32.55
C TYR B 308 29.45 15.20 -33.65
N VAL B 309 29.28 14.57 -34.80
CA VAL B 309 30.09 14.83 -35.98
C VAL B 309 29.16 15.24 -37.11
N GLY B 310 29.73 15.93 -38.10
CA GLY B 310 28.97 16.50 -39.18
C GLY B 310 28.16 15.51 -40.00
N ASN B 311 26.88 15.80 -40.18
CA ASN B 311 26.04 14.98 -41.05
C ASN B 311 26.44 15.23 -42.49
N PRO B 312 26.84 14.20 -43.25
CA PRO B 312 27.33 14.44 -44.62
C PRO B 312 26.26 14.94 -45.59
N ASP B 313 24.99 14.95 -45.21
CA ASP B 313 23.92 15.44 -46.07
C ASP B 313 23.01 16.39 -45.30
N GLY B 314 23.59 17.21 -44.44
CA GLY B 314 22.84 18.16 -43.65
C GLY B 314 22.63 19.47 -44.37
N GLU B 315 22.03 20.42 -43.65
CA GLU B 315 21.75 21.75 -44.18
C GLU B 315 22.32 22.79 -43.23
N GLY B 316 23.15 23.68 -43.77
CA GLY B 316 23.75 24.74 -42.97
C GLY B 316 24.70 24.23 -41.91
N GLU B 317 24.30 24.37 -40.65
CA GLU B 317 25.12 23.91 -39.53
C GLU B 317 25.05 22.41 -39.31
N ALA B 318 24.11 21.72 -39.95
CA ALA B 318 24.01 20.27 -39.79
C ALA B 318 25.14 19.54 -40.48
N THR B 319 25.84 20.18 -41.42
CA THR B 319 26.95 19.55 -42.12
C THR B 319 28.26 19.59 -41.34
N LYS B 320 28.31 20.31 -40.23
CA LYS B 320 29.52 20.42 -39.43
C LYS B 320 29.31 19.75 -38.07
N GLY B 321 30.36 19.12 -37.57
CA GLY B 321 30.35 18.51 -36.26
C GLY B 321 30.98 19.39 -35.20
N TYR B 322 31.12 18.82 -34.00
CA TYR B 322 31.74 19.57 -32.91
C TYR B 322 33.23 19.78 -33.14
N LEU B 323 33.87 18.94 -33.96
CA LEU B 323 35.27 19.14 -34.30
C LEU B 323 35.46 20.10 -35.46
N ASP B 324 34.37 20.54 -36.11
CA ASP B 324 34.45 21.42 -37.27
C ASP B 324 34.17 22.88 -36.90
N ASP B 325 34.43 23.25 -35.65
CA ASP B 325 34.21 24.60 -35.18
C ASP B 325 35.54 25.22 -34.78
N PRO B 326 35.96 26.33 -35.39
CA PRO B 326 37.33 26.83 -35.18
C PRO B 326 37.69 27.09 -33.73
N THR B 327 36.77 27.62 -32.92
CA THR B 327 37.12 28.00 -31.56
C THR B 327 37.25 26.80 -30.62
N VAL B 328 36.80 25.62 -31.04
CA VAL B 328 37.00 24.41 -30.23
C VAL B 328 38.46 23.97 -30.37
N PRO B 329 39.16 23.75 -29.27
CA PRO B 329 40.55 23.26 -29.37
C PRO B 329 40.62 21.92 -30.09
N ARG B 330 41.69 21.72 -30.84
CA ARG B 330 41.83 20.52 -31.64
C ARG B 330 41.96 19.29 -30.75
N GLY B 331 41.40 18.18 -31.21
CA GLY B 331 41.44 16.93 -30.46
C GLY B 331 40.69 17.01 -29.15
N SER B 332 39.49 17.59 -29.16
CA SER B 332 38.69 17.74 -27.96
C SER B 332 37.78 16.54 -27.79
N THR B 333 37.78 15.97 -26.59
CA THR B 333 36.97 14.80 -26.26
C THR B 333 35.72 15.16 -25.46
N THR B 334 35.35 16.44 -25.43
CA THR B 334 34.17 16.86 -24.69
C THR B 334 32.91 16.22 -25.27
N ALA B 335 32.01 15.81 -24.39
CA ALA B 335 30.80 15.10 -24.77
C ALA B 335 29.63 16.07 -24.90
N THR B 336 28.90 15.98 -26.00
CA THR B 336 27.70 16.77 -26.22
C THR B 336 26.43 15.96 -25.96
N PHE B 337 26.57 14.79 -25.35
CA PHE B 337 25.45 13.92 -25.03
C PHE B 337 25.86 13.04 -23.86
N ALA B 338 24.87 12.63 -23.07
CA ALA B 338 25.17 11.82 -21.90
C ALA B 338 23.90 11.14 -21.40
N ALA B 339 24.03 9.86 -21.04
CA ALA B 339 22.98 9.09 -20.39
C ALA B 339 23.57 8.52 -19.11
N VAL B 340 23.08 8.99 -17.96
CA VAL B 340 23.64 8.65 -16.66
C VAL B 340 22.54 8.02 -15.81
N VAL B 341 22.86 6.90 -15.18
CA VAL B 341 21.91 6.17 -14.35
C VAL B 341 22.18 6.52 -12.89
N LEU B 342 21.15 6.98 -12.20
CA LEU B 342 21.25 7.35 -10.79
C LEU B 342 20.31 6.49 -9.97
N TYR B 343 20.73 6.21 -8.73
CA TYR B 343 19.92 5.44 -7.79
C TYR B 343 19.74 6.25 -6.50
N VAL B 344 18.54 6.20 -5.95
CA VAL B 344 18.21 6.89 -4.71
C VAL B 344 18.01 5.82 -3.65
N GLU B 345 19.03 5.62 -2.80
CA GLU B 345 18.97 4.60 -1.76
C GLU B 345 18.18 5.16 -0.57
N ASN B 346 16.85 5.04 -0.69
CA ASN B 346 15.96 5.41 0.40
C ASN B 346 14.77 4.45 0.38
N GLU B 347 13.84 4.68 1.32
CA GLU B 347 12.70 3.77 1.46
C GLU B 347 11.77 3.80 0.27
N ARG B 348 11.70 4.90 -0.46
CA ARG B 348 10.74 5.05 -1.55
C ARG B 348 11.33 4.76 -2.93
N TRP B 349 12.64 4.92 -3.12
CA TRP B 349 13.25 4.82 -4.44
C TRP B 349 14.39 3.80 -4.49
N ASP B 350 14.38 2.81 -3.60
CA ASP B 350 15.47 1.84 -3.56
C ASP B 350 15.37 0.90 -4.75
N GLY B 351 16.44 0.84 -5.55
CA GLY B 351 16.51 -0.05 -6.67
C GLY B 351 16.02 0.52 -7.98
N VAL B 352 15.27 1.63 -7.95
CA VAL B 352 14.73 2.23 -9.16
C VAL B 352 15.81 3.08 -9.82
N PRO B 353 16.21 2.77 -11.05
CA PRO B 353 17.20 3.59 -11.73
C PRO B 353 16.62 4.90 -12.23
N PHE B 354 17.45 5.93 -12.20
CA PHE B 354 17.09 7.26 -12.68
C PHE B 354 18.00 7.59 -13.86
N ILE B 355 17.47 7.47 -15.08
CA ILE B 355 18.24 7.67 -16.29
C ILE B 355 18.11 9.13 -16.70
N LEU B 356 19.21 9.87 -16.64
CA LEU B 356 19.25 11.26 -17.09
C LEU B 356 19.92 11.28 -18.46
N ARG B 357 19.11 11.34 -19.51
CA ARG B 357 19.61 11.31 -20.88
C ARG B 357 19.46 12.71 -21.48
N CYS B 358 20.59 13.38 -21.67
CA CYS B 358 20.62 14.70 -22.26
C CYS B 358 21.65 14.75 -23.37
N GLY B 359 21.42 15.63 -24.34
CA GLY B 359 22.34 15.76 -25.46
C GLY B 359 21.99 16.88 -26.42
N LYS B 360 23.01 17.58 -26.91
CA LYS B 360 22.81 18.63 -27.89
C LYS B 360 23.02 18.07 -29.30
N ALA B 361 22.54 18.83 -30.29
CA ALA B 361 22.57 18.43 -31.69
C ALA B 361 21.80 17.13 -31.92
N LEU B 362 20.76 16.90 -31.13
CA LEU B 362 19.92 15.73 -31.27
C LEU B 362 18.84 16.01 -32.31
N ASN B 363 17.83 15.14 -32.38
CA ASN B 363 16.84 15.22 -33.45
C ASN B 363 15.69 16.19 -33.15
N GLU B 364 15.59 16.72 -31.94
CA GLU B 364 14.49 17.61 -31.60
C GLU B 364 14.84 18.37 -30.32
N ARG B 365 13.93 19.25 -29.92
CA ARG B 365 14.01 19.99 -28.66
C ARG B 365 12.91 19.49 -27.73
N LYS B 366 13.31 19.07 -26.52
CA LYS B 366 12.34 18.48 -25.61
C LYS B 366 12.88 18.32 -24.19
N ALA B 367 12.13 18.79 -23.21
CA ALA B 367 12.37 18.50 -21.80
C ALA B 367 11.19 17.68 -21.29
N GLU B 368 11.48 16.50 -20.74
CA GLU B 368 10.44 15.51 -20.53
C GLU B 368 10.74 14.71 -19.27
N VAL B 369 9.70 14.47 -18.48
CA VAL B 369 9.78 13.62 -17.30
C VAL B 369 8.98 12.36 -17.59
N ARG B 370 9.66 11.21 -17.62
CA ARG B 370 9.05 9.94 -17.98
C ARG B 370 9.24 8.95 -16.85
N LEU B 371 8.14 8.52 -16.24
CA LEU B 371 8.14 7.50 -15.19
C LEU B 371 7.58 6.21 -15.78
N GLN B 372 8.44 5.21 -15.98
CA GLN B 372 8.01 3.93 -16.49
C GLN B 372 7.66 3.01 -15.33
N PHE B 373 6.40 2.59 -15.26
CA PHE B 373 5.92 1.76 -14.17
C PHE B 373 6.26 0.29 -14.44
N HIS B 374 6.16 -0.51 -13.38
CA HIS B 374 6.41 -1.94 -13.50
C HIS B 374 5.30 -2.63 -14.28
N ASP B 375 5.61 -3.81 -14.80
CA ASP B 375 4.60 -4.66 -15.40
C ASP B 375 3.53 -5.00 -14.37
N VAL B 376 2.27 -5.00 -14.81
CA VAL B 376 1.18 -5.36 -13.91
C VAL B 376 1.35 -6.82 -13.51
N ALA B 377 1.47 -7.06 -12.20
CA ALA B 377 1.75 -8.40 -11.71
C ALA B 377 0.62 -9.36 -12.04
N GLY B 378 0.98 -10.58 -12.38
CA GLY B 378 0.01 -11.58 -12.76
C GLY B 378 -0.76 -11.21 -14.02
N ASP B 379 -0.03 -10.78 -15.05
CA ASP B 379 -0.66 -10.34 -16.29
C ASP B 379 -1.51 -11.47 -16.88
N ILE B 380 -2.76 -11.15 -17.18
CA ILE B 380 -3.72 -12.12 -17.70
C ILE B 380 -4.05 -11.87 -19.17
N PHE B 381 -3.35 -10.95 -19.81
CA PHE B 381 -3.62 -10.60 -21.21
C PHE B 381 -2.57 -11.15 -22.16
N HIS B 382 -1.83 -12.18 -21.74
CA HIS B 382 -0.89 -12.90 -22.61
C HIS B 382 0.18 -11.98 -23.17
N GLN B 383 0.85 -11.24 -22.28
CA GLN B 383 2.01 -10.42 -22.58
C GLN B 383 1.71 -9.28 -23.55
N GLN B 384 0.45 -9.05 -23.88
CA GLN B 384 0.10 -7.92 -24.74
C GLN B 384 0.18 -6.58 -24.02
N CYS B 385 0.08 -6.58 -22.69
CA CYS B 385 0.20 -5.34 -21.93
C CYS B 385 1.64 -4.86 -21.91
N LYS B 386 1.80 -3.55 -21.73
CA LYS B 386 3.10 -2.91 -21.68
C LYS B 386 3.15 -1.96 -20.50
N ARG B 387 4.37 -1.58 -20.12
CA ARG B 387 4.56 -0.73 -18.95
C ARG B 387 3.88 0.62 -19.13
N ASN B 388 3.11 1.03 -18.13
CA ASN B 388 2.56 2.37 -18.12
C ASN B 388 3.67 3.40 -17.96
N GLU B 389 3.46 4.58 -18.55
CA GLU B 389 4.46 5.64 -18.51
C GLU B 389 3.76 6.97 -18.25
N LEU B 390 3.90 7.48 -17.03
CA LEU B 390 3.44 8.83 -16.72
C LEU B 390 4.44 9.80 -17.31
N VAL B 391 4.00 10.58 -18.30
CA VAL B 391 4.88 11.45 -19.06
C VAL B 391 4.44 12.89 -18.85
N ILE B 392 5.40 13.75 -18.52
CA ILE B 392 5.17 15.18 -18.33
C ILE B 392 6.18 15.91 -19.20
N ARG B 393 5.71 16.52 -20.29
CA ARG B 393 6.58 17.23 -21.22
C ARG B 393 6.67 18.68 -20.79
N VAL B 394 7.83 19.07 -20.26
CA VAL B 394 8.02 20.44 -19.80
C VAL B 394 7.96 21.42 -20.97
N GLN B 395 8.63 21.09 -22.07
CA GLN B 395 8.67 21.97 -23.23
C GLN B 395 9.14 21.16 -24.43
N PRO B 396 8.62 21.45 -25.63
CA PRO B 396 7.56 22.43 -25.89
C PRO B 396 6.17 21.81 -25.76
N ASN B 397 5.12 22.63 -25.91
CA ASN B 397 3.75 22.17 -25.90
C ASN B 397 3.44 21.41 -24.59
N GLU B 398 3.51 22.18 -23.50
CA GLU B 398 3.30 21.65 -22.16
C GLU B 398 2.08 20.74 -22.10
N ALA B 399 2.31 19.49 -21.70
CA ALA B 399 1.22 18.51 -21.64
C ALA B 399 1.60 17.42 -20.66
N VAL B 400 0.59 16.88 -19.99
CA VAL B 400 0.74 15.75 -19.07
C VAL B 400 -0.12 14.61 -19.60
N TYR B 401 0.51 13.47 -19.85
CA TYR B 401 -0.22 12.31 -20.36
C TYR B 401 0.40 11.04 -19.81
N THR B 402 -0.45 10.10 -19.40
CA THR B 402 -0.03 8.82 -18.88
C THR B 402 -0.25 7.77 -19.96
N LYS B 403 0.83 7.13 -20.40
CA LYS B 403 0.72 6.10 -21.43
C LYS B 403 0.04 4.89 -20.82
N MET B 404 -1.26 4.77 -21.06
CA MET B 404 -2.09 3.72 -20.49
C MET B 404 -2.26 2.58 -21.48
N MET B 405 -2.84 1.48 -20.99
CA MET B 405 -3.21 0.34 -21.80
C MET B 405 -4.74 0.25 -21.78
N THR B 406 -5.37 0.60 -22.90
CA THR B 406 -6.80 0.50 -23.06
C THR B 406 -7.13 -0.53 -24.13
N LYS B 407 -8.38 -1.00 -24.11
CA LYS B 407 -8.82 -2.00 -25.07
C LYS B 407 -8.89 -1.39 -26.46
N LYS B 408 -8.52 -2.18 -27.46
CA LYS B 408 -8.50 -1.73 -28.85
C LYS B 408 -9.92 -1.43 -29.33
N PRO B 409 -10.22 -0.22 -29.78
CA PRO B 409 -11.60 0.12 -30.14
C PRO B 409 -12.13 -0.75 -31.27
N GLY B 410 -13.41 -1.11 -31.18
CA GLY B 410 -14.07 -1.86 -32.23
C GLY B 410 -14.06 -3.35 -32.03
N MET B 411 -14.16 -4.10 -33.14
CA MET B 411 -14.09 -5.56 -33.12
C MET B 411 -12.69 -6.06 -32.78
N PHE B 412 -12.22 -5.66 -31.59
CA PHE B 412 -10.99 -6.18 -31.03
C PHE B 412 -11.17 -6.32 -29.52
N PHE B 413 -10.32 -7.15 -28.92
CA PHE B 413 -10.33 -7.36 -27.48
C PHE B 413 -8.97 -7.21 -26.82
N ASN B 414 -7.88 -7.22 -27.58
CA ASN B 414 -6.54 -7.05 -27.04
C ASN B 414 -6.31 -5.59 -26.66
N PRO B 415 -5.59 -5.33 -25.57
CA PRO B 415 -5.28 -3.94 -25.21
C PRO B 415 -4.19 -3.36 -26.09
N GLU B 416 -4.15 -2.03 -26.12
CA GLU B 416 -3.12 -1.30 -26.84
C GLU B 416 -2.73 -0.06 -26.06
N GLU B 417 -1.57 0.50 -26.42
CA GLU B 417 -1.10 1.72 -25.79
C GLU B 417 -2.02 2.88 -26.12
N SER B 418 -2.34 3.68 -25.10
CA SER B 418 -3.11 4.90 -25.27
C SER B 418 -2.59 5.91 -24.24
N GLU B 419 -3.33 7.00 -24.06
CA GLU B 419 -2.90 8.01 -23.11
C GLU B 419 -4.10 8.80 -22.60
N LEU B 420 -3.98 9.29 -21.37
CA LEU B 420 -4.91 10.26 -20.81
C LEU B 420 -4.24 11.62 -20.95
N ASP B 421 -4.61 12.35 -21.99
CA ASP B 421 -3.86 13.52 -22.42
C ASP B 421 -4.49 14.80 -21.91
N LEU B 422 -3.68 15.65 -21.28
CA LEU B 422 -4.06 17.01 -20.94
C LEU B 422 -3.00 17.93 -21.52
N THR B 423 -3.35 18.64 -22.58
CA THR B 423 -2.41 19.48 -23.31
C THR B 423 -2.76 20.95 -23.13
N TYR B 424 -1.79 21.74 -22.69
CA TYR B 424 -2.01 23.17 -22.50
C TYR B 424 -1.80 23.85 -23.85
N GLY B 425 -2.89 24.32 -24.44
CA GLY B 425 -2.90 24.78 -25.82
C GLY B 425 -4.18 24.29 -26.45
N ASN B 426 -4.71 23.20 -25.88
CA ASN B 426 -6.04 22.71 -26.22
C ASN B 426 -7.04 22.89 -25.09
N ARG B 427 -6.57 23.11 -23.86
CA ARG B 427 -7.42 23.35 -22.70
C ARG B 427 -7.33 24.77 -22.16
N TYR B 428 -6.15 25.38 -22.20
CA TYR B 428 -5.92 26.75 -21.75
C TYR B 428 -5.27 27.56 -22.86
N LYS B 429 -5.84 27.47 -24.07
CA LYS B 429 -5.26 28.14 -25.23
C LYS B 429 -5.27 29.66 -25.08
N ASN B 430 -6.24 30.20 -24.37
CA ASN B 430 -6.36 31.65 -24.20
C ASN B 430 -5.52 32.17 -23.03
N VAL B 431 -4.90 31.30 -22.25
CA VAL B 431 -4.05 31.69 -21.13
C VAL B 431 -2.61 31.60 -21.59
N LYS B 432 -1.90 32.73 -21.57
CA LYS B 432 -0.52 32.79 -22.00
C LYS B 432 0.38 32.31 -20.85
N LEU B 433 1.11 31.23 -21.09
CA LEU B 433 2.05 30.75 -20.09
C LEU B 433 3.25 31.71 -20.05
N PRO B 434 3.53 32.34 -18.92
CA PRO B 434 4.60 33.35 -18.89
C PRO B 434 5.97 32.71 -18.90
N ASP B 435 6.96 33.54 -19.23
CA ASP B 435 8.35 33.10 -19.23
C ASP B 435 8.79 32.76 -17.81
N ALA B 436 9.77 31.86 -17.71
CA ALA B 436 10.24 31.42 -16.40
C ALA B 436 10.84 32.57 -15.60
N TYR B 437 11.60 33.44 -16.27
CA TYR B 437 12.26 34.55 -15.58
C TYR B 437 11.22 35.50 -14.96
N GLU B 438 10.09 35.69 -15.64
CA GLU B 438 9.02 36.53 -15.09
C GLU B 438 8.57 36.00 -13.74
N ARG B 439 8.26 34.71 -13.66
CA ARG B 439 7.75 34.14 -12.43
C ARG B 439 8.83 34.09 -11.36
N LEU B 440 10.08 33.84 -11.76
CA LEU B 440 11.17 33.87 -10.78
C LEU B 440 11.33 35.25 -10.17
N ILE B 441 11.28 36.29 -10.99
CA ILE B 441 11.41 37.66 -10.48
C ILE B 441 10.22 38.00 -9.58
N LEU B 442 9.01 37.58 -9.98
CA LEU B 442 7.85 37.85 -9.15
C LEU B 442 7.96 37.14 -7.81
N ASP B 443 8.50 35.92 -7.82
CA ASP B 443 8.73 35.19 -6.56
C ASP B 443 9.74 35.92 -5.68
N VAL B 444 10.82 36.42 -6.28
CA VAL B 444 11.81 37.17 -5.50
C VAL B 444 11.17 38.41 -4.90
N PHE B 445 10.34 39.10 -5.68
CA PHE B 445 9.66 40.29 -5.19
C PHE B 445 8.71 39.96 -4.05
N CYS B 446 7.99 38.84 -4.15
CA CYS B 446 7.04 38.44 -3.13
C CYS B 446 7.69 37.70 -1.96
N GLY B 447 8.99 37.41 -2.04
CA GLY B 447 9.69 36.72 -0.98
C GLY B 447 9.56 35.21 -0.99
N SER B 448 8.93 34.64 -2.02
CA SER B 448 8.80 33.19 -2.12
C SER B 448 10.09 32.61 -2.69
N GLN B 449 10.77 31.78 -1.89
CA GLN B 449 12.04 31.19 -2.27
C GLN B 449 11.93 29.69 -2.50
N MET B 450 10.74 29.23 -2.93
CA MET B 450 10.53 27.80 -3.16
C MET B 450 11.41 27.29 -4.29
N HIS B 451 11.56 28.07 -5.35
CA HIS B 451 12.11 27.60 -6.62
C HIS B 451 13.55 28.04 -6.81
N PHE B 452 14.35 28.04 -5.75
CA PHE B 452 15.73 28.49 -5.82
C PHE B 452 16.64 27.47 -5.15
N VAL B 453 17.88 27.42 -5.60
CA VAL B 453 18.82 26.39 -5.18
C VAL B 453 19.49 26.81 -3.88
N ARG B 454 19.53 25.90 -2.91
CA ARG B 454 20.23 26.12 -1.66
C ARG B 454 21.69 25.71 -1.77
N SER B 455 22.50 26.24 -0.86
CA SER B 455 23.93 25.92 -0.87
C SER B 455 24.16 24.43 -0.61
N ASP B 456 23.44 23.87 0.34
CA ASP B 456 23.53 22.43 0.60
C ASP B 456 23.04 21.61 -0.60
N GLU B 457 21.96 22.07 -1.25
CA GLU B 457 21.52 21.42 -2.48
C GLU B 457 22.62 21.42 -3.52
N LEU B 458 23.30 22.55 -3.69
CA LEU B 458 24.41 22.64 -4.62
C LEU B 458 25.53 21.69 -4.23
N ARG B 459 25.83 21.59 -2.93
CA ARG B 459 26.89 20.70 -2.48
C ARG B 459 26.59 19.25 -2.82
N GLU B 460 25.36 18.80 -2.54
CA GLU B 460 25.01 17.43 -2.89
C GLU B 460 25.02 17.21 -4.40
N ALA B 461 24.45 18.17 -5.15
CA ALA B 461 24.42 18.05 -6.60
C ALA B 461 25.82 17.95 -7.18
N TRP B 462 26.78 18.64 -6.57
CA TRP B 462 28.14 18.62 -7.10
C TRP B 462 28.91 17.40 -6.65
N ARG B 463 28.69 16.92 -5.41
CA ARG B 463 29.40 15.73 -4.96
C ARG B 463 28.87 14.48 -5.62
N ILE B 464 27.64 14.52 -6.15
CA ILE B 464 27.13 13.37 -6.89
C ILE B 464 27.95 13.13 -8.14
N PHE B 465 28.32 14.20 -8.86
CA PHE B 465 28.95 14.09 -10.16
C PHE B 465 30.46 14.36 -10.16
N THR B 466 31.02 14.88 -9.06
CA THR B 466 32.41 15.32 -9.08
C THR B 466 33.40 14.19 -9.38
N PRO B 467 33.35 13.02 -8.74
CA PRO B 467 34.32 11.97 -9.09
C PRO B 467 34.27 11.57 -10.56
N LEU B 468 33.07 11.50 -11.14
CA LEU B 468 32.95 11.17 -12.55
C LEU B 468 33.62 12.22 -13.42
N LEU B 469 33.37 13.50 -13.13
CA LEU B 469 33.95 14.57 -13.93
C LEU B 469 35.47 14.57 -13.81
N HIS B 470 36.00 14.38 -12.60
CA HIS B 470 37.44 14.34 -12.41
C HIS B 470 38.06 13.17 -13.15
N GLN B 471 37.42 11.99 -13.10
CA GLN B 471 37.93 10.84 -13.83
C GLN B 471 37.92 11.09 -15.34
N ILE B 472 36.83 11.65 -15.85
CA ILE B 472 36.73 11.93 -17.29
C ILE B 472 37.82 12.91 -17.72
N GLU B 473 38.05 13.95 -16.92
CA GLU B 473 39.10 14.90 -17.24
C GLU B 473 40.47 14.25 -17.21
N LEU B 474 40.74 13.39 -16.22
CA LEU B 474 42.10 12.87 -16.08
C LEU B 474 42.40 11.81 -17.14
N GLU B 475 41.42 11.00 -17.53
CA GLU B 475 41.70 9.93 -18.48
C GLU B 475 41.37 10.28 -19.93
N LYS B 476 40.54 11.30 -20.17
CA LYS B 476 40.13 11.71 -21.50
C LYS B 476 39.58 10.54 -22.32
N PRO B 477 38.38 10.06 -22.01
CA PRO B 477 37.79 8.98 -22.82
C PRO B 477 37.42 9.48 -24.21
N LYS B 478 37.03 8.53 -25.06
CA LYS B 478 36.60 8.86 -26.41
C LYS B 478 35.10 8.65 -26.52
N PRO B 479 34.29 9.70 -26.63
CA PRO B 479 32.85 9.53 -26.74
C PRO B 479 32.48 8.87 -28.07
N ILE B 480 31.36 8.15 -28.05
CA ILE B 480 30.88 7.45 -29.25
C ILE B 480 30.38 8.49 -30.25
N PRO B 481 30.96 8.55 -31.44
CA PRO B 481 30.49 9.51 -32.45
C PRO B 481 29.06 9.24 -32.86
N TYR B 482 28.31 10.30 -33.11
CA TYR B 482 26.95 10.20 -33.63
C TYR B 482 26.73 11.37 -34.60
N ILE B 483 26.09 11.07 -35.73
CA ILE B 483 25.91 12.08 -36.76
C ILE B 483 24.96 13.17 -36.27
N TYR B 484 25.17 14.38 -36.79
CA TYR B 484 24.33 15.51 -36.43
C TYR B 484 22.87 15.23 -36.80
N GLY B 485 21.98 15.54 -35.87
CA GLY B 485 20.57 15.30 -36.07
C GLY B 485 20.08 13.91 -35.68
N SER B 486 20.98 13.02 -35.29
CA SER B 486 20.58 11.68 -34.85
C SER B 486 20.17 11.69 -33.39
N ARG B 487 19.78 10.53 -32.88
CA ARG B 487 19.33 10.38 -31.51
C ARG B 487 20.48 9.99 -30.56
N GLY B 488 21.71 10.31 -30.91
CA GLY B 488 22.84 10.01 -30.06
C GLY B 488 23.36 8.59 -30.24
N PRO B 489 24.37 8.22 -29.47
CA PRO B 489 24.93 6.87 -29.58
C PRO B 489 23.92 5.81 -29.18
N THR B 490 24.03 4.65 -29.83
CA THR B 490 23.18 3.51 -29.47
C THR B 490 23.60 2.86 -28.17
N GLU B 491 24.83 3.12 -27.71
CA GLU B 491 25.25 2.58 -26.42
C GLU B 491 24.42 3.14 -25.28
N ALA B 492 23.93 4.37 -25.41
CA ALA B 492 23.00 4.91 -24.42
C ALA B 492 21.71 4.10 -24.38
N ASP B 493 21.20 3.71 -25.55
CA ASP B 493 20.01 2.85 -25.59
C ASP B 493 20.31 1.49 -24.99
N GLU B 494 21.51 0.95 -25.24
CA GLU B 494 21.88 -0.32 -24.63
C GLU B 494 21.93 -0.21 -23.11
N LEU B 495 22.48 0.89 -22.59
CA LEU B 495 22.51 1.11 -21.14
C LEU B 495 21.11 1.23 -20.58
N MET B 496 20.24 1.97 -21.26
CA MET B 496 18.85 2.10 -20.80
C MET B 496 18.14 0.75 -20.77
N LYS B 497 18.36 -0.07 -21.80
CA LYS B 497 17.79 -1.41 -21.80
C LYS B 497 18.35 -2.26 -20.66
N ARG B 498 19.66 -2.14 -20.41
CA ARG B 498 20.29 -2.95 -19.37
C ARG B 498 19.79 -2.59 -17.98
N VAL B 499 19.58 -1.30 -17.71
CA VAL B 499 19.21 -0.87 -16.36
C VAL B 499 17.74 -1.09 -16.04
N GLY B 500 16.96 -1.64 -16.96
CA GLY B 500 15.57 -2.00 -16.72
C GLY B 500 14.56 -1.32 -17.62
N PHE B 501 14.93 -0.24 -18.30
CA PHE B 501 13.99 0.45 -19.16
C PHE B 501 13.68 -0.41 -20.39
N GLN B 502 12.39 -0.57 -20.67
CA GLN B 502 11.92 -1.42 -21.76
C GLN B 502 11.36 -0.52 -22.87
N TYR B 503 12.14 -0.37 -23.95
CA TYR B 503 11.68 0.38 -25.11
C TYR B 503 11.07 -0.59 -26.12
N GLU B 504 9.84 -0.29 -26.55
CA GLU B 504 9.11 -1.13 -27.49
C GLU B 504 9.02 -0.55 -28.88
N GLY B 505 8.77 0.75 -29.00
CA GLY B 505 8.62 1.37 -30.29
C GLY B 505 7.28 1.15 -30.96
N THR B 506 6.33 0.51 -30.27
CA THR B 506 5.02 0.23 -30.82
C THR B 506 3.99 1.29 -30.46
N TYR B 507 4.39 2.36 -29.77
CA TYR B 507 3.45 3.41 -29.37
C TYR B 507 3.23 4.34 -30.56
N LYS B 508 2.02 4.30 -31.11
CA LYS B 508 1.63 5.16 -32.22
C LYS B 508 0.66 6.21 -31.72
N TRP B 509 0.99 7.48 -31.94
CA TRP B 509 0.18 8.59 -31.47
C TRP B 509 -0.24 9.45 -32.66
N VAL B 510 -1.52 9.83 -32.68
CA VAL B 510 -2.06 10.72 -33.70
C VAL B 510 -2.74 11.89 -33.00
N ASN B 511 -2.45 13.10 -33.44
CA ASN B 511 -3.01 14.30 -32.84
C ASN B 511 -4.52 14.38 -33.06
N GLN C 28 -34.76 -31.80 20.02
CA GLN C 28 -34.52 -33.14 19.49
C GLN C 28 -33.14 -33.25 18.87
N SER C 29 -32.38 -34.25 19.31
CA SER C 29 -31.04 -34.53 18.79
C SER C 29 -31.13 -35.68 17.81
N ASP C 30 -30.78 -35.42 16.56
CA ASP C 30 -30.84 -36.45 15.52
C ASP C 30 -29.78 -37.52 15.78
N THR C 31 -30.14 -38.77 15.49
CA THR C 31 -29.22 -39.88 15.66
C THR C 31 -28.09 -39.80 14.63
N HIS C 32 -26.87 -40.07 15.08
CA HIS C 32 -25.69 -40.06 14.23
C HIS C 32 -25.00 -41.41 14.32
N ILE C 33 -24.49 -41.90 13.19
CA ILE C 33 -23.85 -43.21 13.15
C ILE C 33 -22.51 -43.08 12.43
N PHE C 34 -21.49 -43.72 12.99
CA PHE C 34 -20.13 -43.70 12.46
C PHE C 34 -19.78 -45.11 11.99
N ILE C 35 -19.37 -45.22 10.73
CA ILE C 35 -19.02 -46.50 10.12
C ILE C 35 -17.54 -46.50 9.78
N ILE C 36 -16.84 -47.57 10.15
CA ILE C 36 -15.42 -47.72 9.89
C ILE C 36 -15.25 -48.87 8.90
N MET C 37 -14.78 -48.56 7.71
CA MET C 37 -14.45 -49.59 6.73
C MET C 37 -13.06 -50.14 7.03
N GLY C 38 -12.92 -51.46 6.93
CA GLY C 38 -11.67 -52.09 7.33
C GLY C 38 -11.41 -51.91 8.81
N ALA C 39 -12.42 -52.18 9.63
CA ALA C 39 -12.30 -51.99 11.07
C ALA C 39 -11.16 -52.81 11.65
N SER C 40 -10.79 -53.90 11.00
CA SER C 40 -9.62 -54.69 11.40
C SER C 40 -8.32 -54.12 10.85
N GLY C 41 -8.39 -53.04 10.07
CA GLY C 41 -7.20 -52.50 9.45
C GLY C 41 -6.28 -51.82 10.45
N ASP C 42 -5.03 -51.62 9.99
CA ASP C 42 -4.03 -50.96 10.83
C ASP C 42 -4.44 -49.52 11.14
N LEU C 43 -4.80 -48.76 10.10
CA LEU C 43 -5.16 -47.36 10.30
C LEU C 43 -6.38 -47.22 11.19
N ALA C 44 -7.39 -48.07 10.98
CA ALA C 44 -8.61 -48.01 11.77
C ALA C 44 -8.29 -48.17 13.25
N LYS C 45 -7.79 -49.35 13.63
CA LYS C 45 -7.52 -49.64 15.04
C LYS C 45 -6.43 -48.76 15.63
N LYS C 46 -5.61 -48.12 14.79
CA LYS C 46 -4.51 -47.32 15.31
C LYS C 46 -4.88 -45.86 15.49
N LYS C 47 -5.79 -45.32 14.67
CA LYS C 47 -6.08 -43.90 14.74
C LYS C 47 -7.56 -43.58 14.87
N ILE C 48 -8.44 -44.32 14.19
CA ILE C 48 -9.83 -43.90 14.09
C ILE C 48 -10.60 -44.25 15.35
N TYR C 49 -10.48 -45.50 15.80
CA TYR C 49 -11.15 -45.90 17.05
C TYR C 49 -10.66 -45.10 18.24
N PRO C 50 -9.35 -44.91 18.47
CA PRO C 50 -8.95 -43.99 19.55
C PRO C 50 -9.46 -42.58 19.37
N THR C 51 -9.52 -42.09 18.12
CA THR C 51 -10.00 -40.74 17.88
C THR C 51 -11.47 -40.58 18.30
N ILE C 52 -12.33 -41.49 17.84
CA ILE C 52 -13.74 -41.37 18.18
C ILE C 52 -13.97 -41.67 19.64
N TRP C 53 -13.16 -42.55 20.24
CA TRP C 53 -13.27 -42.78 21.68
C TRP C 53 -12.91 -41.51 22.47
N TRP C 54 -11.84 -40.82 22.05
CA TRP C 54 -11.48 -39.56 22.71
C TRP C 54 -12.58 -38.53 22.55
N LEU C 55 -13.16 -38.44 21.35
CA LEU C 55 -14.24 -37.50 21.11
C LEU C 55 -15.46 -37.82 21.98
N PHE C 56 -15.81 -39.10 22.10
CA PHE C 56 -16.93 -39.50 22.95
C PHE C 56 -16.63 -39.26 24.43
N ARG C 57 -15.37 -39.35 24.82
CA ARG C 57 -14.98 -39.08 26.20
C ARG C 57 -15.28 -37.64 26.58
N ASP C 58 -15.07 -36.71 25.66
CA ASP C 58 -15.34 -35.30 25.90
C ASP C 58 -16.78 -34.91 25.59
N GLY C 59 -17.62 -35.85 25.16
CA GLY C 59 -19.01 -35.56 24.90
C GLY C 59 -19.27 -34.68 23.70
N LEU C 60 -18.36 -34.70 22.71
CA LEU C 60 -18.49 -33.81 21.56
C LEU C 60 -19.44 -34.33 20.49
N LEU C 61 -19.80 -35.60 20.53
CA LEU C 61 -20.74 -36.16 19.58
C LEU C 61 -22.18 -35.94 20.04
N PRO C 62 -23.14 -36.03 19.12
CA PRO C 62 -24.55 -36.01 19.54
C PRO C 62 -24.85 -37.17 20.48
N GLU C 63 -25.89 -36.99 21.30
CA GLU C 63 -26.19 -37.96 22.35
C GLU C 63 -26.48 -39.33 21.75
N ASN C 64 -27.26 -39.38 20.67
CA ASN C 64 -27.64 -40.65 20.04
C ASN C 64 -26.63 -40.97 18.93
N THR C 65 -25.50 -41.55 19.35
CA THR C 65 -24.42 -41.93 18.45
C THR C 65 -24.18 -43.42 18.54
N PHE C 66 -24.20 -44.09 17.38
CA PHE C 66 -23.85 -45.50 17.28
C PHE C 66 -22.66 -45.67 16.33
N ILE C 67 -21.93 -46.76 16.51
CA ILE C 67 -20.74 -47.04 15.71
C ILE C 67 -20.78 -48.50 15.26
N VAL C 68 -20.62 -48.73 13.97
CA VAL C 68 -20.61 -50.07 13.38
C VAL C 68 -19.34 -50.24 12.58
N GLY C 69 -18.59 -51.31 12.87
CA GLY C 69 -17.41 -51.62 12.11
C GLY C 69 -17.68 -52.60 10.97
N TYR C 70 -16.81 -52.59 9.97
CA TYR C 70 -16.99 -53.45 8.81
C TYR C 70 -15.63 -53.79 8.23
N ALA C 71 -15.40 -55.06 7.96
CA ALA C 71 -14.16 -55.55 7.35
C ALA C 71 -14.39 -57.00 6.93
N ARG C 72 -13.36 -57.60 6.34
CA ARG C 72 -13.45 -59.00 5.93
C ARG C 72 -13.21 -59.95 7.09
N SER C 73 -12.39 -59.54 8.07
CA SER C 73 -12.07 -60.42 9.19
C SER C 73 -13.31 -60.69 10.02
N ARG C 74 -13.46 -61.95 10.45
CA ARG C 74 -14.60 -62.37 11.25
C ARG C 74 -14.29 -62.08 12.73
N LEU C 75 -14.48 -60.83 13.10
CA LEU C 75 -14.26 -60.37 14.47
C LEU C 75 -15.59 -59.99 15.11
N THR C 76 -15.53 -59.68 16.40
CA THR C 76 -16.67 -59.20 17.16
C THR C 76 -16.29 -57.90 17.84
N VAL C 77 -17.22 -57.34 18.62
CA VAL C 77 -16.93 -56.12 19.35
C VAL C 77 -15.82 -56.35 20.37
N ALA C 78 -15.75 -57.55 20.96
CA ALA C 78 -14.72 -57.85 21.93
C ALA C 78 -13.34 -57.93 21.27
N ASP C 79 -13.27 -58.50 20.07
CA ASP C 79 -11.97 -58.62 19.39
C ASP C 79 -11.40 -57.26 19.04
N ILE C 80 -12.20 -56.40 18.40
CA ILE C 80 -11.72 -55.05 18.10
C ILE C 80 -11.49 -54.27 19.38
N ARG C 81 -12.27 -54.54 20.43
CA ARG C 81 -12.04 -53.87 21.71
C ARG C 81 -10.66 -54.19 22.27
N LYS C 82 -10.32 -55.48 22.36
CA LYS C 82 -9.01 -55.86 22.88
C LYS C 82 -7.88 -55.49 21.93
N GLN C 83 -8.18 -55.33 20.63
CA GLN C 83 -7.16 -54.90 19.69
C GLN C 83 -6.87 -53.41 19.79
N SER C 84 -7.89 -52.59 20.10
CA SER C 84 -7.72 -51.15 20.09
C SER C 84 -7.58 -50.53 21.47
N GLU C 85 -7.77 -51.30 22.55
CA GLU C 85 -7.60 -50.72 23.88
C GLU C 85 -6.23 -50.10 24.15
N PRO C 86 -5.10 -50.71 23.79
CA PRO C 86 -3.81 -50.09 24.09
C PRO C 86 -3.61 -48.73 23.44
N PHE C 87 -4.35 -48.42 22.38
CA PHE C 87 -4.23 -47.13 21.71
C PHE C 87 -5.25 -46.10 22.20
N PHE C 88 -6.10 -46.46 23.15
CA PHE C 88 -7.09 -45.54 23.68
C PHE C 88 -6.53 -44.54 24.67
N LYS C 89 -5.37 -44.84 25.26
CA LYS C 89 -4.77 -44.01 26.31
C LYS C 89 -5.75 -43.78 27.45
N ALA C 90 -6.46 -44.84 27.82
CA ALA C 90 -7.48 -44.75 28.86
C ALA C 90 -6.85 -44.83 30.25
N THR C 91 -7.57 -44.27 31.22
CA THR C 91 -7.13 -44.27 32.61
C THR C 91 -8.22 -44.92 33.46
N PRO C 92 -7.94 -45.26 34.73
CA PRO C 92 -8.97 -45.92 35.56
C PRO C 92 -10.25 -45.14 35.71
N GLU C 93 -10.24 -43.82 35.54
CA GLU C 93 -11.41 -43.01 35.83
C GLU C 93 -12.50 -43.13 34.76
N GLU C 94 -12.22 -43.74 33.60
CA GLU C 94 -13.18 -43.73 32.49
C GLU C 94 -13.64 -45.13 32.07
N LYS C 95 -13.57 -46.14 32.94
CA LYS C 95 -14.20 -47.41 32.59
C LYS C 95 -15.67 -47.24 32.24
N LEU C 96 -16.46 -46.67 33.14
CA LEU C 96 -17.90 -46.59 32.91
C LEU C 96 -18.21 -46.04 31.53
N LYS C 97 -17.52 -44.95 31.16
CA LYS C 97 -17.66 -44.42 29.80
C LYS C 97 -17.12 -45.39 28.76
N LEU C 98 -16.14 -46.22 29.11
CA LEU C 98 -15.59 -47.17 28.13
C LEU C 98 -16.60 -48.27 27.81
N GLU C 99 -17.21 -48.87 28.83
CA GLU C 99 -18.29 -49.83 28.56
C GLU C 99 -19.48 -49.18 27.90
N ASP C 100 -19.78 -47.91 28.21
CA ASP C 100 -20.83 -47.22 27.45
C ASP C 100 -20.45 -47.12 25.97
N PHE C 101 -19.21 -46.70 25.70
CA PHE C 101 -18.73 -46.55 24.34
C PHE C 101 -18.81 -47.85 23.56
N PHE C 102 -18.39 -48.96 24.18
CA PHE C 102 -18.43 -50.24 23.50
C PHE C 102 -19.81 -50.88 23.52
N ALA C 103 -20.73 -50.38 24.35
CA ALA C 103 -22.14 -50.72 24.19
C ALA C 103 -22.76 -49.98 23.02
N ARG C 104 -22.19 -48.84 22.63
CA ARG C 104 -22.61 -48.16 21.41
C ARG C 104 -21.81 -48.59 20.18
N ASN C 105 -20.89 -49.53 20.32
CA ASN C 105 -20.13 -50.06 19.19
C ASN C 105 -20.76 -51.33 18.66
N SER C 106 -20.44 -51.65 17.40
CA SER C 106 -20.94 -52.86 16.76
C SER C 106 -19.98 -53.23 15.63
N TYR C 107 -20.11 -54.47 15.16
CA TYR C 107 -19.27 -54.98 14.07
C TYR C 107 -20.08 -55.92 13.21
N VAL C 108 -19.86 -55.84 11.89
CA VAL C 108 -20.46 -56.75 10.93
C VAL C 108 -19.41 -57.15 9.91
N ALA C 109 -19.33 -58.45 9.61
CA ALA C 109 -18.37 -58.96 8.66
C ALA C 109 -18.96 -59.00 7.26
N GLY C 110 -18.09 -58.87 6.27
CA GLY C 110 -18.54 -58.92 4.88
C GLY C 110 -17.38 -58.69 3.94
N GLN C 111 -17.70 -58.66 2.65
CA GLN C 111 -16.73 -58.47 1.59
C GLN C 111 -16.82 -57.05 1.03
N TYR C 112 -15.76 -56.64 0.35
CA TYR C 112 -15.69 -55.31 -0.24
C TYR C 112 -16.26 -55.25 -1.65
N ASP C 113 -16.75 -56.38 -2.18
CA ASP C 113 -17.38 -56.40 -3.49
C ASP C 113 -18.71 -57.16 -3.54
N ASP C 114 -19.02 -57.97 -2.52
CA ASP C 114 -20.27 -58.71 -2.50
C ASP C 114 -21.38 -57.80 -1.97
N ALA C 115 -22.42 -57.60 -2.78
CA ALA C 115 -23.53 -56.74 -2.36
C ALA C 115 -24.24 -57.33 -1.16
N ALA C 116 -24.42 -58.65 -1.13
CA ALA C 116 -25.18 -59.29 -0.05
C ALA C 116 -24.64 -58.90 1.31
N SER C 117 -23.32 -58.74 1.42
CA SER C 117 -22.75 -58.19 2.65
C SER C 117 -23.29 -56.80 2.93
N TYR C 118 -23.53 -56.00 1.89
CA TYR C 118 -24.03 -54.64 2.09
C TYR C 118 -25.51 -54.61 2.46
N GLN C 119 -26.34 -55.49 1.89
CA GLN C 119 -27.71 -55.55 2.41
C GLN C 119 -27.75 -56.12 3.83
N ARG C 120 -26.86 -57.06 4.17
CA ARG C 120 -26.78 -57.51 5.56
C ARG C 120 -26.39 -56.36 6.48
N LEU C 121 -25.41 -55.57 6.07
CA LEU C 121 -24.99 -54.41 6.86
C LEU C 121 -26.14 -53.43 7.02
N ASN C 122 -26.90 -53.19 5.94
CA ASN C 122 -28.02 -52.25 6.03
C ASN C 122 -29.13 -52.79 6.94
N SER C 123 -29.39 -54.10 6.88
CA SER C 123 -30.40 -54.67 7.76
C SER C 123 -30.00 -54.56 9.22
N HIS C 124 -28.74 -54.90 9.56
CA HIS C 124 -28.28 -54.70 10.93
C HIS C 124 -28.16 -53.21 11.26
N MET C 125 -28.04 -52.37 10.23
CA MET C 125 -27.84 -50.94 10.37
C MET C 125 -29.12 -50.23 10.79
N ASN C 126 -30.24 -50.60 10.18
CA ASN C 126 -31.53 -50.03 10.55
C ASN C 126 -32.04 -50.55 11.88
N ALA C 127 -31.45 -51.64 12.39
CA ALA C 127 -31.89 -52.22 13.64
C ALA C 127 -31.25 -51.53 14.84
N LEU C 128 -31.40 -50.21 14.91
CA LEU C 128 -30.89 -49.44 16.03
C LEU C 128 -31.98 -48.49 16.54
N HIS C 129 -31.65 -47.60 17.47
CA HIS C 129 -32.64 -46.63 17.91
C HIS C 129 -32.74 -45.56 16.85
N LEU C 130 -33.94 -45.32 16.34
CA LEU C 130 -34.15 -44.29 15.34
C LEU C 130 -33.44 -44.62 14.04
N GLY C 131 -32.82 -45.79 13.97
CA GLY C 131 -32.06 -46.16 12.79
C GLY C 131 -32.74 -45.94 11.46
N SER C 132 -32.61 -44.74 10.91
CA SER C 132 -33.20 -44.40 9.62
C SER C 132 -33.09 -42.93 9.55
N GLN C 133 -33.81 -42.26 10.44
CA GLN C 133 -33.70 -40.83 10.50
C GLN C 133 -32.28 -40.54 10.80
N ALA C 134 -31.55 -41.56 11.17
CA ALA C 134 -30.18 -41.31 11.58
C ALA C 134 -29.37 -40.69 10.45
N ASN C 135 -28.41 -39.86 10.83
CA ASN C 135 -27.50 -39.21 9.88
C ASN C 135 -26.32 -40.14 9.63
N ARG C 136 -26.27 -40.72 8.43
CA ARG C 136 -25.31 -41.79 8.16
C ARG C 136 -23.93 -41.17 7.92
N LEU C 137 -22.88 -41.94 8.18
CA LEU C 137 -21.53 -41.41 8.00
C LEU C 137 -20.56 -42.58 7.85
N PHE C 138 -19.87 -42.64 6.71
CA PHE C 138 -18.98 -43.75 6.40
C PHE C 138 -17.54 -43.27 6.35
N TYR C 139 -16.65 -44.03 6.99
CA TYR C 139 -15.21 -43.81 6.92
C TYR C 139 -14.57 -44.97 6.19
N LEU C 140 -13.77 -44.67 5.16
CA LEU C 140 -13.14 -45.68 4.31
C LEU C 140 -11.66 -45.77 4.67
N ALA C 141 -11.33 -46.61 5.63
CA ALA C 141 -9.95 -46.90 5.99
C ALA C 141 -9.46 -48.16 5.24
N LEU C 142 -9.49 -48.07 3.92
CA LEU C 142 -9.22 -49.18 3.03
C LEU C 142 -8.14 -48.81 2.02
N PRO C 143 -7.46 -49.80 1.45
CA PRO C 143 -6.50 -49.50 0.40
C PRO C 143 -7.20 -48.90 -0.81
N PRO C 144 -6.50 -48.07 -1.59
CA PRO C 144 -7.15 -47.42 -2.74
C PRO C 144 -7.64 -48.39 -3.80
N THR C 145 -7.15 -49.62 -3.82
CA THR C 145 -7.51 -50.57 -4.87
C THR C 145 -8.97 -51.00 -4.81
N VAL C 146 -9.68 -50.71 -3.72
CA VAL C 146 -11.07 -51.11 -3.54
C VAL C 146 -12.00 -49.91 -3.38
N TYR C 147 -11.48 -48.70 -3.58
CA TYR C 147 -12.30 -47.50 -3.39
C TYR C 147 -13.50 -47.51 -4.34
N GLU C 148 -13.27 -47.82 -5.62
CA GLU C 148 -14.35 -47.79 -6.59
C GLU C 148 -15.48 -48.73 -6.19
N ALA C 149 -15.15 -49.99 -5.90
CA ALA C 149 -16.16 -50.96 -5.54
C ALA C 149 -16.87 -50.57 -4.25
N VAL C 150 -16.12 -50.17 -3.23
CA VAL C 150 -16.73 -49.87 -1.94
C VAL C 150 -17.68 -48.69 -2.08
N THR C 151 -17.25 -47.62 -2.75
CA THR C 151 -18.10 -46.45 -2.91
C THR C 151 -19.34 -46.76 -3.75
N LYS C 152 -19.18 -47.54 -4.83
CA LYS C 152 -20.36 -47.85 -5.64
C LYS C 152 -21.36 -48.70 -4.86
N ASN C 153 -20.88 -49.66 -4.07
CA ASN C 153 -21.79 -50.46 -3.25
C ASN C 153 -22.49 -49.61 -2.19
N ILE C 154 -21.75 -48.72 -1.54
CA ILE C 154 -22.38 -47.84 -0.54
C ILE C 154 -23.43 -46.95 -1.20
N HIS C 155 -23.12 -46.42 -2.38
CA HIS C 155 -24.09 -45.57 -3.07
C HIS C 155 -25.35 -46.35 -3.44
N GLU C 156 -25.20 -47.58 -3.93
CA GLU C 156 -26.36 -48.33 -4.37
C GLU C 156 -27.12 -49.02 -3.25
N SER C 157 -26.52 -49.14 -2.07
CA SER C 157 -27.20 -49.93 -1.03
C SER C 157 -27.32 -49.20 0.30
N CYS C 158 -26.34 -48.39 0.68
CA CYS C 158 -26.26 -47.83 2.03
C CYS C 158 -26.53 -46.32 2.05
N MET C 159 -27.52 -45.88 1.26
CA MET C 159 -27.89 -44.48 1.19
C MET C 159 -29.12 -44.24 2.06
N SER C 160 -29.00 -43.31 3.01
CA SER C 160 -30.12 -42.97 3.87
C SER C 160 -31.19 -42.20 3.09
N GLN C 161 -32.44 -42.39 3.50
CA GLN C 161 -33.57 -41.73 2.85
C GLN C 161 -34.03 -40.48 3.60
N ILE C 162 -33.58 -40.27 4.84
CA ILE C 162 -34.02 -39.13 5.63
C ILE C 162 -32.82 -38.27 6.01
N GLY C 163 -31.88 -38.86 6.75
CA GLY C 163 -30.70 -38.12 7.18
C GLY C 163 -29.68 -37.97 6.06
N TRP C 164 -28.67 -37.15 6.34
CA TRP C 164 -27.63 -36.92 5.35
C TRP C 164 -26.60 -38.06 5.36
N ASN C 165 -25.96 -38.26 4.21
CA ASN C 165 -24.95 -39.28 4.02
C ASN C 165 -23.63 -38.61 3.64
N ARG C 166 -22.57 -38.90 4.37
CA ARG C 166 -21.25 -38.36 4.09
C ARG C 166 -20.24 -39.49 4.09
N ILE C 167 -19.55 -39.66 2.97
CA ILE C 167 -18.53 -40.69 2.82
C ILE C 167 -17.17 -40.03 3.01
N ILE C 168 -16.24 -40.77 3.61
CA ILE C 168 -14.92 -40.25 3.93
C ILE C 168 -13.88 -41.14 3.25
N VAL C 169 -13.14 -40.57 2.31
CA VAL C 169 -12.07 -41.27 1.63
C VAL C 169 -10.75 -40.87 2.27
N GLU C 170 -9.68 -41.59 1.95
CA GLU C 170 -8.40 -41.41 2.60
C GLU C 170 -7.28 -41.34 1.57
N LYS C 171 -6.19 -40.70 1.97
CA LYS C 171 -4.97 -40.68 1.17
C LYS C 171 -4.49 -42.11 0.96
N PRO C 172 -3.92 -42.44 -0.21
CA PRO C 172 -3.65 -41.59 -1.39
C PRO C 172 -4.81 -41.45 -2.36
N PHE C 173 -4.70 -40.47 -3.25
CA PHE C 173 -5.67 -40.21 -4.30
C PHE C 173 -4.97 -40.42 -5.65
N GLY C 174 -4.96 -41.68 -6.11
CA GLY C 174 -4.33 -42.00 -7.37
C GLY C 174 -2.81 -41.89 -7.33
N ARG C 175 -2.22 -41.98 -8.52
CA ARG C 175 -0.78 -41.88 -8.68
C ARG C 175 -0.32 -40.72 -9.54
N ASP C 176 -1.13 -40.28 -10.51
CA ASP C 176 -0.80 -39.13 -11.34
C ASP C 176 -2.10 -38.46 -11.76
N LEU C 177 -2.01 -37.58 -12.77
CA LEU C 177 -3.17 -36.79 -13.16
C LEU C 177 -4.33 -37.69 -13.62
N GLN C 178 -4.05 -38.62 -14.53
CA GLN C 178 -5.13 -39.44 -15.08
C GLN C 178 -5.61 -40.49 -14.08
N SER C 179 -4.69 -41.12 -13.35
CA SER C 179 -5.08 -42.14 -12.38
C SER C 179 -5.92 -41.54 -11.26
N SER C 180 -5.54 -40.35 -10.78
CA SER C 180 -6.35 -39.69 -9.77
C SER C 180 -7.63 -39.13 -10.35
N ASP C 181 -7.59 -38.66 -11.60
CA ASP C 181 -8.78 -38.06 -12.21
C ASP C 181 -9.87 -39.09 -12.43
N ARG C 182 -9.50 -40.31 -12.85
CA ARG C 182 -10.52 -41.33 -13.04
C ARG C 182 -11.20 -41.69 -11.72
N LEU C 183 -10.43 -41.80 -10.64
CA LEU C 183 -11.02 -42.07 -9.33
C LEU C 183 -11.89 -40.91 -8.87
N SER C 184 -11.43 -39.67 -9.08
CA SER C 184 -12.20 -38.51 -8.65
C SER C 184 -13.53 -38.42 -9.41
N ASN C 185 -13.50 -38.70 -10.72
CA ASN C 185 -14.74 -38.70 -11.50
C ASN C 185 -15.65 -39.86 -11.11
N HIS C 186 -15.08 -41.01 -10.75
CA HIS C 186 -15.90 -42.12 -10.30
C HIS C 186 -16.61 -41.78 -9.00
N ILE C 187 -15.88 -41.16 -8.06
CA ILE C 187 -16.48 -40.80 -6.77
C ILE C 187 -17.50 -39.69 -6.94
N SER C 188 -17.16 -38.65 -7.71
CA SER C 188 -18.04 -37.50 -7.87
C SER C 188 -19.31 -37.87 -8.64
N SER C 189 -19.23 -38.82 -9.56
CA SER C 189 -20.42 -39.29 -10.26
C SER C 189 -21.40 -39.99 -9.33
N LEU C 190 -20.94 -40.42 -8.15
CA LEU C 190 -21.77 -41.12 -7.19
C LEU C 190 -22.26 -40.23 -6.06
N PHE C 191 -21.41 -39.32 -5.56
CA PHE C 191 -21.76 -38.45 -4.45
C PHE C 191 -21.51 -37.00 -4.82
N ARG C 192 -22.30 -36.11 -4.25
CA ARG C 192 -22.13 -34.69 -4.49
C ARG C 192 -20.92 -34.16 -3.71
N GLU C 193 -20.50 -32.94 -4.04
CA GLU C 193 -19.34 -32.35 -3.40
C GLU C 193 -19.56 -32.07 -1.92
N ASP C 194 -20.81 -31.97 -1.47
CA ASP C 194 -21.11 -31.78 -0.06
C ASP C 194 -21.19 -33.08 0.71
N GLN C 195 -20.98 -34.22 0.05
CA GLN C 195 -20.98 -35.52 0.70
C GLN C 195 -19.65 -36.24 0.61
N ILE C 196 -18.65 -35.66 -0.04
CA ILE C 196 -17.32 -36.23 -0.17
C ILE C 196 -16.38 -35.47 0.75
N TYR C 197 -15.69 -36.18 1.63
CA TYR C 197 -14.79 -35.57 2.61
C TYR C 197 -13.40 -36.19 2.43
N ARG C 198 -12.59 -35.59 1.56
CA ARG C 198 -11.23 -36.06 1.34
C ARG C 198 -10.35 -35.66 2.51
N ILE C 199 -9.82 -36.65 3.21
CA ILE C 199 -9.04 -36.39 4.42
C ILE C 199 -7.60 -36.03 4.05
N ASN C 200 -7.16 -34.87 4.51
CA ASN C 200 -5.73 -34.53 4.57
C ASN C 200 -5.50 -34.06 6.00
N HIS C 201 -5.02 -34.96 6.85
CA HIS C 201 -5.07 -34.74 8.29
C HIS C 201 -4.24 -33.54 8.74
N TYR C 202 -3.30 -33.06 7.91
CA TYR C 202 -2.63 -31.82 8.26
C TYR C 202 -3.57 -30.61 8.17
N LEU C 203 -4.63 -30.69 7.37
CA LEU C 203 -5.63 -29.63 7.39
C LEU C 203 -6.39 -29.58 8.71
N GLY C 204 -6.40 -30.69 9.45
CA GLY C 204 -6.99 -30.74 10.77
C GLY C 204 -6.07 -30.36 11.90
N LYS C 205 -4.84 -29.97 11.60
CA LYS C 205 -3.92 -29.55 12.65
C LYS C 205 -4.31 -28.18 13.20
N GLU C 206 -3.86 -27.91 14.43
CA GLU C 206 -4.19 -26.65 15.08
C GLU C 206 -3.63 -25.47 14.31
N MET C 207 -2.35 -25.54 13.94
CA MET C 207 -1.68 -24.38 13.38
C MET C 207 -2.11 -24.13 11.94
N VAL C 208 -2.44 -25.18 11.20
CA VAL C 208 -2.93 -25.00 9.84
C VAL C 208 -4.26 -24.27 9.84
N GLN C 209 -5.14 -24.59 10.79
CA GLN C 209 -6.35 -23.79 10.97
C GLN C 209 -6.02 -22.38 11.40
N ASN C 210 -5.06 -22.24 12.33
CA ASN C 210 -4.70 -20.91 12.82
C ASN C 210 -4.13 -20.03 11.73
N LEU C 211 -3.64 -20.62 10.65
CA LEU C 211 -3.17 -19.85 9.50
C LEU C 211 -4.23 -18.86 9.03
N MET C 212 -5.47 -19.34 8.88
CA MET C 212 -6.55 -18.50 8.38
C MET C 212 -6.83 -17.35 9.33
N VAL C 213 -6.86 -17.62 10.64
CA VAL C 213 -7.16 -16.56 11.60
C VAL C 213 -6.04 -15.54 11.66
N LEU C 214 -4.78 -15.99 11.59
CA LEU C 214 -3.67 -15.04 11.51
C LEU C 214 -3.76 -14.18 10.27
N ARG C 215 -4.13 -14.79 9.13
CA ARG C 215 -4.12 -14.05 7.88
C ARG C 215 -5.26 -13.05 7.79
N PHE C 216 -6.47 -13.47 8.14
CA PHE C 216 -7.68 -12.72 7.81
C PHE C 216 -8.38 -12.11 9.02
N ALA C 217 -7.77 -12.16 10.20
CA ALA C 217 -8.33 -11.49 11.38
C ALA C 217 -7.37 -10.49 11.99
N ASN C 218 -6.20 -10.28 11.39
CA ASN C 218 -5.22 -9.33 11.89
C ASN C 218 -4.85 -8.34 10.80
N ARG C 219 -4.89 -7.05 11.14
CA ARG C 219 -4.41 -6.02 10.23
C ARG C 219 -2.89 -5.90 10.25
N ILE C 220 -2.21 -6.49 11.22
CA ILE C 220 -0.76 -6.50 11.22
C ILE C 220 -0.23 -7.35 10.07
N PHE C 221 -0.96 -8.39 9.68
CA PHE C 221 -0.53 -9.32 8.66
C PHE C 221 -1.27 -9.15 7.34
N GLY C 222 -2.05 -8.08 7.19
CA GLY C 222 -2.86 -7.89 6.00
C GLY C 222 -2.12 -7.20 4.87
N PRO C 223 -1.67 -5.96 5.09
CA PRO C 223 -0.94 -5.24 4.03
C PRO C 223 0.37 -5.89 3.64
N ILE C 224 0.98 -6.71 4.50
CA ILE C 224 2.30 -7.27 4.24
C ILE C 224 2.23 -8.63 3.58
N TRP C 225 1.03 -9.15 3.31
CA TRP C 225 0.88 -10.49 2.73
C TRP C 225 0.74 -10.38 1.22
N ASN C 226 1.85 -10.05 0.56
CA ASN C 226 1.85 -9.86 -0.88
C ASN C 226 3.29 -10.00 -1.40
N ARG C 227 3.42 -9.97 -2.73
CA ARG C 227 4.73 -10.09 -3.35
C ARG C 227 5.61 -8.86 -3.11
N ASP C 228 5.01 -7.73 -2.72
CA ASP C 228 5.79 -6.52 -2.50
C ASP C 228 6.68 -6.63 -1.27
N ASN C 229 6.36 -7.50 -0.32
CA ASN C 229 7.10 -7.64 0.92
C ASN C 229 7.74 -9.02 1.11
N ILE C 230 7.16 -10.07 0.56
CA ILE C 230 7.62 -11.42 0.81
C ILE C 230 8.63 -11.82 -0.27
N ALA C 231 9.85 -12.11 0.15
CA ALA C 231 10.89 -12.53 -0.80
C ALA C 231 10.68 -13.97 -1.26
N CYS C 232 10.36 -14.87 -0.34
CA CYS C 232 10.14 -16.27 -0.68
C CYS C 232 9.33 -16.93 0.44
N VAL C 233 8.70 -18.04 0.10
CA VAL C 233 7.93 -18.84 1.05
C VAL C 233 8.52 -20.24 1.10
N ILE C 234 8.84 -20.71 2.29
CA ILE C 234 9.42 -22.03 2.50
C ILE C 234 8.48 -22.83 3.38
N LEU C 235 8.05 -23.99 2.89
CA LEU C 235 7.23 -24.92 3.65
C LEU C 235 8.06 -26.17 3.91
N THR C 236 8.40 -26.39 5.16
CA THR C 236 9.33 -27.45 5.55
C THR C 236 8.57 -28.62 6.16
N PHE C 237 8.96 -29.84 5.77
CA PHE C 237 8.44 -31.06 6.38
C PHE C 237 9.62 -32.02 6.54
N LYS C 238 9.97 -32.34 7.78
CA LYS C 238 11.10 -33.20 8.07
C LYS C 238 10.67 -34.35 8.95
N GLU C 239 11.34 -35.49 8.77
CA GLU C 239 11.16 -36.65 9.63
C GLU C 239 12.51 -37.19 10.04
N PRO C 240 12.67 -37.64 11.28
CA PRO C 240 13.95 -38.17 11.74
C PRO C 240 14.16 -39.66 11.46
N PHE C 241 13.17 -40.33 10.87
CA PHE C 241 13.28 -41.75 10.56
C PHE C 241 12.94 -41.98 9.10
N GLY C 242 13.48 -43.06 8.55
CA GLY C 242 13.21 -43.46 7.18
C GLY C 242 11.97 -44.32 7.08
N THR C 243 11.93 -45.12 6.01
CA THR C 243 10.80 -46.03 5.81
C THR C 243 10.78 -47.16 6.84
N GLU C 244 11.88 -47.37 7.57
CA GLU C 244 11.99 -48.32 8.69
C GLU C 244 11.33 -49.66 8.38
N GLY C 245 11.87 -50.33 7.35
CA GLY C 245 11.45 -51.68 7.04
C GLY C 245 10.10 -51.81 6.37
N ARG C 246 9.52 -50.73 5.89
CA ARG C 246 8.24 -50.74 5.21
C ARG C 246 8.35 -50.06 3.85
N GLY C 247 9.43 -50.38 3.13
CA GLY C 247 9.80 -49.65 1.93
C GLY C 247 9.03 -49.98 0.67
N GLY C 248 8.12 -50.96 0.68
CA GLY C 248 7.39 -51.27 -0.53
C GLY C 248 6.50 -50.14 -1.01
N TYR C 249 5.72 -49.55 -0.08
CA TYR C 249 4.79 -48.52 -0.48
C TYR C 249 5.48 -47.20 -0.75
N PHE C 250 6.53 -46.88 0.02
CA PHE C 250 7.31 -45.68 -0.27
C PHE C 250 8.03 -45.83 -1.60
N ASP C 251 8.53 -47.03 -1.92
CA ASP C 251 9.10 -47.27 -3.23
C ASP C 251 8.06 -47.09 -4.32
N GLU C 252 6.83 -47.54 -4.06
CA GLU C 252 5.76 -47.33 -5.02
C GLU C 252 5.51 -45.85 -5.30
N PHE C 253 5.48 -45.03 -4.24
CA PHE C 253 4.99 -43.66 -4.37
C PHE C 253 6.10 -42.61 -4.50
N GLY C 254 6.98 -42.52 -3.51
CA GLY C 254 7.96 -41.46 -3.46
C GLY C 254 7.54 -40.33 -2.53
N ILE C 255 8.54 -39.56 -2.10
CA ILE C 255 8.31 -38.50 -1.11
C ILE C 255 7.40 -37.42 -1.71
N ILE C 256 7.54 -37.15 -3.01
CA ILE C 256 6.68 -36.16 -3.67
C ILE C 256 5.22 -36.54 -3.46
N ARG C 257 4.83 -37.71 -3.98
CA ARG C 257 3.45 -38.17 -3.85
C ARG C 257 3.02 -38.29 -2.40
N ASP C 258 3.94 -38.67 -1.51
CA ASP C 258 3.55 -38.89 -0.12
C ASP C 258 3.22 -37.59 0.61
N VAL C 259 4.06 -36.57 0.46
CA VAL C 259 3.97 -35.36 1.29
C VAL C 259 3.74 -34.11 0.44
N MET C 260 4.54 -33.93 -0.61
CA MET C 260 4.55 -32.64 -1.29
C MET C 260 3.26 -32.38 -2.05
N GLN C 261 2.63 -33.44 -2.56
CA GLN C 261 1.42 -33.26 -3.35
C GLN C 261 0.25 -32.82 -2.49
N ASN C 262 0.18 -33.25 -1.24
CA ASN C 262 -0.98 -32.96 -0.39
C ASN C 262 -0.66 -32.04 0.77
N HIS C 263 0.27 -32.40 1.65
CA HIS C 263 0.46 -31.63 2.88
C HIS C 263 1.05 -30.26 2.57
N LEU C 264 2.22 -30.24 1.93
CA LEU C 264 2.87 -28.98 1.60
C LEU C 264 1.99 -28.13 0.69
N LEU C 265 1.26 -28.77 -0.22
CA LEU C 265 0.46 -27.99 -1.16
C LEU C 265 -0.77 -27.39 -0.49
N GLN C 266 -1.38 -28.09 0.46
CA GLN C 266 -2.47 -27.50 1.23
C GLN C 266 -1.97 -26.35 2.10
N MET C 267 -0.80 -26.51 2.72
CA MET C 267 -0.25 -25.37 3.47
C MET C 267 0.04 -24.20 2.54
N LEU C 268 0.51 -24.49 1.33
CA LEU C 268 0.72 -23.42 0.34
C LEU C 268 -0.59 -22.73 -0.02
N CYS C 269 -1.66 -23.50 -0.20
CA CYS C 269 -2.96 -22.92 -0.52
C CYS C 269 -3.46 -22.03 0.61
N LEU C 270 -3.31 -22.49 1.86
CA LEU C 270 -3.74 -21.67 2.99
C LEU C 270 -2.90 -20.41 3.12
N VAL C 271 -1.61 -20.50 2.81
CA VAL C 271 -0.74 -19.33 2.90
C VAL C 271 -1.10 -18.31 1.82
N ALA C 272 -1.27 -18.77 0.59
CA ALA C 272 -1.39 -17.89 -0.56
C ALA C 272 -2.83 -17.51 -0.91
N MET C 273 -3.82 -18.04 -0.20
CA MET C 273 -5.20 -17.83 -0.57
C MET C 273 -5.62 -16.37 -0.37
N GLU C 274 -6.54 -15.92 -1.21
CA GLU C 274 -7.14 -14.61 -1.05
C GLU C 274 -8.17 -14.64 0.07
N LYS C 275 -8.51 -13.45 0.56
CA LYS C 275 -9.49 -13.35 1.64
C LYS C 275 -10.86 -13.79 1.15
N PRO C 276 -11.49 -14.77 1.78
CA PRO C 276 -12.79 -15.24 1.31
C PRO C 276 -13.89 -14.23 1.60
N ALA C 277 -15.03 -14.43 0.94
CA ALA C 277 -16.19 -13.59 1.21
C ALA C 277 -16.71 -13.80 2.63
N SER C 278 -16.59 -15.00 3.16
CA SER C 278 -17.02 -15.31 4.53
C SER C 278 -16.20 -16.49 5.02
N THR C 279 -16.62 -17.07 6.14
CA THR C 279 -15.97 -18.25 6.71
C THR C 279 -16.59 -19.54 6.21
N ASN C 280 -17.51 -19.47 5.24
CA ASN C 280 -18.12 -20.67 4.72
C ASN C 280 -17.09 -21.55 4.02
N SER C 281 -17.36 -22.85 4.01
CA SER C 281 -16.43 -23.80 3.40
C SER C 281 -16.25 -23.53 1.91
N ASP C 282 -17.35 -23.23 1.21
CA ASP C 282 -17.28 -23.05 -0.23
C ASP C 282 -16.38 -21.88 -0.62
N ASP C 283 -16.47 -20.77 0.11
CA ASP C 283 -15.63 -19.61 -0.21
C ASP C 283 -14.15 -19.92 -0.01
N VAL C 284 -13.82 -20.59 1.10
CA VAL C 284 -12.42 -20.92 1.39
C VAL C 284 -11.87 -21.86 0.32
N ARG C 285 -12.65 -22.89 -0.04
CA ARG C 285 -12.18 -23.83 -1.05
C ARG C 285 -12.10 -23.18 -2.43
N ASP C 286 -12.99 -22.24 -2.74
CA ASP C 286 -12.89 -21.49 -3.99
C ASP C 286 -11.61 -20.66 -4.02
N GLU C 287 -11.27 -20.00 -2.92
CA GLU C 287 -10.02 -19.26 -2.88
C GLU C 287 -8.83 -20.19 -3.05
N LYS C 288 -8.87 -21.35 -2.39
CA LYS C 288 -7.76 -22.31 -2.50
C LYS C 288 -7.58 -22.79 -3.93
N VAL C 289 -8.67 -23.17 -4.59
CA VAL C 289 -8.56 -23.66 -5.97
C VAL C 289 -8.16 -22.53 -6.91
N LYS C 290 -8.62 -21.31 -6.66
CA LYS C 290 -8.21 -20.18 -7.48
C LYS C 290 -6.70 -19.95 -7.37
N VAL C 291 -6.16 -20.08 -6.15
CA VAL C 291 -4.72 -19.95 -5.98
C VAL C 291 -3.99 -21.07 -6.70
N LEU C 292 -4.50 -22.30 -6.59
CA LEU C 292 -3.84 -23.43 -7.25
C LEU C 292 -3.83 -23.28 -8.76
N LYS C 293 -4.91 -22.72 -9.32
CA LYS C 293 -4.99 -22.57 -10.78
C LYS C 293 -3.93 -21.65 -11.34
N CYS C 294 -3.28 -20.84 -10.50
CA CYS C 294 -2.28 -19.88 -10.94
C CYS C 294 -0.87 -20.42 -10.90
N ILE C 295 -0.69 -21.72 -10.64
CA ILE C 295 0.63 -22.33 -10.52
C ILE C 295 0.97 -23.01 -11.83
N SER C 296 2.15 -22.71 -12.37
CA SER C 296 2.62 -23.31 -13.61
C SER C 296 3.21 -24.69 -13.36
N GLU C 297 3.58 -25.36 -14.44
CA GLU C 297 4.12 -26.71 -14.34
C GLU C 297 5.48 -26.69 -13.64
N VAL C 298 5.82 -27.82 -13.03
CA VAL C 298 7.07 -27.97 -12.29
C VAL C 298 8.17 -28.34 -13.28
N GLN C 299 9.11 -27.44 -13.48
CA GLN C 299 10.25 -27.71 -14.35
C GLN C 299 11.22 -28.68 -13.68
N ALA C 300 11.92 -29.45 -14.50
CA ALA C 300 12.86 -30.45 -13.98
C ALA C 300 14.15 -29.83 -13.48
N ASN C 301 14.40 -28.55 -13.74
CA ASN C 301 15.59 -27.88 -13.24
C ASN C 301 15.36 -27.18 -11.91
N ASN C 302 14.16 -27.29 -11.34
CA ASN C 302 13.84 -26.71 -10.04
C ASN C 302 13.61 -27.77 -8.98
N VAL C 303 14.03 -29.01 -9.23
CA VAL C 303 13.76 -30.14 -8.36
C VAL C 303 15.07 -30.82 -8.00
N VAL C 304 15.29 -31.04 -6.71
CA VAL C 304 16.43 -31.81 -6.21
C VAL C 304 15.89 -33.05 -5.52
N LEU C 305 16.41 -34.22 -5.89
CA LEU C 305 15.99 -35.49 -5.32
C LEU C 305 17.14 -36.12 -4.56
N GLY C 306 16.83 -36.75 -3.44
CA GLY C 306 17.84 -37.40 -2.62
C GLY C 306 17.34 -38.72 -2.11
N GLN C 307 18.28 -39.66 -1.94
CA GLN C 307 18.00 -40.98 -1.42
C GLN C 307 19.04 -41.29 -0.36
N TYR C 308 18.59 -41.79 0.80
CA TYR C 308 19.46 -41.89 1.97
C TYR C 308 20.15 -43.24 2.05
N VAL C 309 21.41 -43.22 2.48
CA VAL C 309 22.21 -44.42 2.70
C VAL C 309 22.57 -44.49 4.18
N GLY C 310 22.94 -45.69 4.61
CA GLY C 310 23.19 -45.90 6.03
C GLY C 310 24.35 -45.08 6.54
N ASN C 311 24.21 -44.57 7.76
CA ASN C 311 25.29 -43.85 8.41
C ASN C 311 26.26 -44.84 9.03
N PRO C 312 27.54 -44.83 8.64
CA PRO C 312 28.49 -45.80 9.22
C PRO C 312 28.70 -45.64 10.71
N ASP C 313 28.39 -44.48 11.29
CA ASP C 313 28.54 -44.25 12.72
C ASP C 313 27.20 -44.07 13.42
N GLY C 314 26.11 -44.54 12.82
CA GLY C 314 24.79 -44.38 13.38
C GLY C 314 24.47 -45.42 14.43
N GLU C 315 23.27 -45.28 15.00
CA GLU C 315 22.78 -46.16 16.06
C GLU C 315 21.51 -46.86 15.61
N GLY C 316 21.49 -48.18 15.75
CA GLY C 316 20.31 -48.97 15.42
C GLY C 316 19.94 -48.92 13.95
N GLU C 317 18.78 -48.31 13.66
CA GLU C 317 18.35 -48.18 12.27
C GLU C 317 19.14 -47.14 11.49
N ALA C 318 20.00 -46.37 12.16
CA ALA C 318 20.77 -45.34 11.48
C ALA C 318 21.89 -45.91 10.63
N THR C 319 22.27 -47.18 10.86
CA THR C 319 23.33 -47.80 10.07
C THR C 319 22.84 -48.40 8.76
N LYS C 320 21.54 -48.39 8.51
CA LYS C 320 20.96 -48.93 7.29
C LYS C 320 20.35 -47.81 6.46
N GLY C 321 20.52 -47.89 5.14
CA GLY C 321 19.97 -46.92 4.22
C GLY C 321 18.70 -47.42 3.56
N TYR C 322 18.26 -46.66 2.55
CA TYR C 322 17.05 -47.04 1.83
C TYR C 322 17.31 -48.26 0.94
N LEU C 323 18.56 -48.48 0.55
CA LEU C 323 18.93 -49.68 -0.20
C LEU C 323 19.15 -50.88 0.70
N ASP C 324 19.12 -50.68 2.02
CA ASP C 324 19.28 -51.78 2.94
C ASP C 324 17.95 -52.45 3.17
N ASP C 325 16.89 -51.65 3.28
CA ASP C 325 15.55 -52.21 3.47
C ASP C 325 15.23 -53.21 2.37
N PRO C 326 15.05 -54.48 2.74
CA PRO C 326 14.74 -55.52 1.75
C PRO C 326 13.45 -55.17 1.01
N THR C 327 12.54 -54.48 1.68
CA THR C 327 11.27 -54.11 1.06
C THR C 327 11.49 -53.10 -0.07
N VAL C 328 12.68 -53.12 -0.66
CA VAL C 328 12.98 -52.16 -1.73
C VAL C 328 13.58 -52.91 -2.91
N PRO C 329 12.85 -53.02 -4.03
CA PRO C 329 13.50 -53.67 -5.18
C PRO C 329 14.90 -53.10 -5.40
N ARG C 330 15.79 -53.97 -5.89
CA ARG C 330 17.17 -53.58 -6.12
C ARG C 330 17.26 -52.50 -7.20
N GLY C 331 18.17 -51.55 -7.00
CA GLY C 331 18.42 -50.50 -7.97
C GLY C 331 17.25 -49.58 -8.22
N SER C 332 16.62 -49.11 -7.15
CA SER C 332 15.49 -48.18 -7.25
C SER C 332 15.98 -46.76 -7.08
N THR C 333 15.42 -45.85 -7.88
CA THR C 333 15.79 -44.44 -7.86
C THR C 333 14.82 -43.59 -7.07
N THR C 334 13.89 -44.20 -6.33
CA THR C 334 12.92 -43.45 -5.55
C THR C 334 13.63 -42.53 -4.56
N ALA C 335 13.19 -41.27 -4.52
CA ALA C 335 13.82 -40.26 -3.67
C ALA C 335 13.13 -40.19 -2.33
N THR C 336 13.92 -39.97 -1.28
CA THR C 336 13.41 -39.81 0.08
C THR C 336 13.53 -38.36 0.55
N PHE C 337 13.67 -37.42 -0.38
CA PHE C 337 13.84 -36.00 -0.08
C PHE C 337 13.60 -35.23 -1.36
N ALA C 338 13.06 -34.02 -1.23
CA ALA C 338 12.74 -33.22 -2.39
C ALA C 338 12.64 -31.75 -1.99
N ALA C 339 13.16 -30.88 -2.85
CA ALA C 339 13.04 -29.42 -2.69
C ALA C 339 12.57 -28.86 -4.03
N VAL C 340 11.32 -28.41 -4.08
CA VAL C 340 10.68 -28.01 -5.32
C VAL C 340 10.18 -26.58 -5.19
N VAL C 341 10.41 -25.78 -6.22
CA VAL C 341 9.97 -24.39 -6.27
C VAL C 341 8.67 -24.30 -7.05
N LEU C 342 7.67 -23.64 -6.48
CA LEU C 342 6.42 -23.35 -7.16
C LEU C 342 6.24 -21.85 -7.27
N TYR C 343 5.63 -21.41 -8.36
CA TYR C 343 5.36 -20.01 -8.61
C TYR C 343 3.85 -19.83 -8.83
N VAL C 344 3.26 -18.92 -8.07
CA VAL C 344 1.84 -18.59 -8.20
C VAL C 344 1.76 -17.31 -9.02
N GLU C 345 1.45 -17.45 -10.30
CA GLU C 345 1.42 -16.30 -11.21
C GLU C 345 0.08 -15.58 -11.04
N ASN C 346 0.05 -14.64 -10.11
CA ASN C 346 -1.10 -13.75 -9.91
C ASN C 346 -0.60 -12.42 -9.37
N GLU C 347 -1.54 -11.48 -9.22
CA GLU C 347 -1.16 -10.13 -8.83
C GLU C 347 -0.52 -10.06 -7.45
N ARG C 348 -0.79 -11.02 -6.58
CA ARG C 348 -0.27 -10.99 -5.22
C ARG C 348 0.99 -11.82 -5.03
N TRP C 349 1.22 -12.84 -5.87
CA TRP C 349 2.33 -13.76 -5.66
C TRP C 349 3.23 -13.89 -6.89
N ASP C 350 3.19 -12.93 -7.81
CA ASP C 350 3.98 -13.01 -9.02
C ASP C 350 5.47 -12.90 -8.69
N GLY C 351 6.24 -13.91 -9.06
CA GLY C 351 7.68 -13.89 -8.92
C GLY C 351 8.20 -14.37 -7.58
N VAL C 352 7.34 -14.65 -6.62
CA VAL C 352 7.76 -15.09 -5.29
C VAL C 352 7.87 -16.62 -5.31
N PRO C 353 9.06 -17.18 -5.12
CA PRO C 353 9.19 -18.64 -5.10
C PRO C 353 8.53 -19.24 -3.87
N PHE C 354 8.01 -20.46 -4.05
CA PHE C 354 7.42 -21.24 -2.97
C PHE C 354 8.24 -22.52 -2.83
N ILE C 355 9.29 -22.45 -2.03
CA ILE C 355 10.24 -23.56 -1.88
C ILE C 355 9.58 -24.61 -0.98
N LEU C 356 9.06 -25.68 -1.59
CA LEU C 356 8.51 -26.81 -0.85
C LEU C 356 9.62 -27.84 -0.67
N ARG C 357 10.21 -27.89 0.51
CA ARG C 357 11.26 -28.84 0.81
C ARG C 357 10.75 -29.84 1.85
N CYS C 358 10.76 -31.12 1.49
CA CYS C 358 10.36 -32.19 2.38
C CYS C 358 11.31 -33.36 2.19
N GLY C 359 11.46 -34.15 3.26
CA GLY C 359 12.32 -35.31 3.18
C GLY C 359 12.31 -36.16 4.44
N LYS C 360 12.18 -37.47 4.25
CA LYS C 360 12.29 -38.40 5.36
C LYS C 360 13.76 -38.69 5.66
N ALA C 361 14.00 -39.37 6.78
CA ALA C 361 15.34 -39.77 7.21
C ALA C 361 16.24 -38.57 7.48
N LEU C 362 15.66 -37.42 7.77
CA LEU C 362 16.43 -36.21 8.03
C LEU C 362 16.82 -36.15 9.50
N ASN C 363 17.31 -34.99 9.95
CA ASN C 363 17.88 -34.86 11.28
C ASN C 363 16.84 -34.65 12.37
N GLU C 364 15.60 -34.30 12.03
CA GLU C 364 14.59 -34.00 13.04
C GLU C 364 13.21 -34.07 12.41
N ARG C 365 12.20 -33.78 13.22
CA ARG C 365 10.81 -33.72 12.79
C ARG C 365 10.33 -32.28 12.94
N LYS C 366 9.81 -31.72 11.86
CA LYS C 366 9.34 -30.34 11.88
C LYS C 366 8.45 -30.07 10.68
N ALA C 367 7.24 -29.58 10.94
CA ALA C 367 6.36 -29.07 9.90
C ALA C 367 6.26 -27.56 10.11
N GLU C 368 6.85 -26.80 9.18
CA GLU C 368 7.08 -25.38 9.40
C GLU C 368 6.70 -24.58 8.16
N VAL C 369 6.04 -23.45 8.39
CA VAL C 369 5.72 -22.47 7.35
C VAL C 369 6.58 -21.25 7.60
N ARG C 370 7.45 -20.92 6.66
CA ARG C 370 8.43 -19.86 6.83
C ARG C 370 8.31 -18.87 5.67
N LEU C 371 7.84 -17.66 5.97
CA LEU C 371 7.76 -16.58 4.99
C LEU C 371 8.93 -15.64 5.23
N GLN C 372 9.90 -15.64 4.31
CA GLN C 372 11.04 -14.73 4.39
C GLN C 372 10.70 -13.45 3.65
N PHE C 373 10.63 -12.34 4.39
CA PHE C 373 10.28 -11.06 3.81
C PHE C 373 11.48 -10.45 3.09
N HIS C 374 11.21 -9.45 2.27
CA HIS C 374 12.26 -8.76 1.53
C HIS C 374 13.11 -7.91 2.47
N ASP C 375 14.28 -7.52 1.98
CA ASP C 375 15.11 -6.57 2.70
C ASP C 375 14.40 -5.24 2.83
N VAL C 376 14.61 -4.57 3.96
CA VAL C 376 14.00 -3.26 4.17
C VAL C 376 14.55 -2.27 3.15
N ALA C 377 13.67 -1.43 2.63
CA ALA C 377 14.07 -0.47 1.61
C ALA C 377 14.90 0.64 2.22
N GLY C 378 16.05 0.93 1.61
CA GLY C 378 16.94 1.95 2.11
C GLY C 378 17.52 1.60 3.46
N ASP C 379 18.37 0.57 3.50
CA ASP C 379 18.95 0.10 4.76
C ASP C 379 19.84 1.17 5.37
N ILE C 380 19.42 1.73 6.50
CA ILE C 380 20.19 2.76 7.19
C ILE C 380 21.05 2.18 8.30
N PHE C 381 21.08 0.84 8.45
CA PHE C 381 21.84 0.18 9.50
C PHE C 381 23.12 -0.46 8.96
N HIS C 382 23.55 -0.06 7.76
CA HIS C 382 24.84 -0.48 7.20
C HIS C 382 24.89 -1.99 6.99
N GLN C 383 23.89 -2.53 6.31
CA GLN C 383 23.79 -3.93 5.92
C GLN C 383 23.74 -4.88 7.11
N GLN C 384 23.61 -4.36 8.33
CA GLN C 384 23.54 -5.21 9.51
C GLN C 384 22.18 -5.87 9.68
N CYS C 385 21.13 -5.33 9.06
CA CYS C 385 19.81 -5.91 9.15
C CYS C 385 19.71 -7.15 8.25
N LYS C 386 18.76 -8.01 8.59
CA LYS C 386 18.51 -9.23 7.82
C LYS C 386 17.02 -9.41 7.64
N ARG C 387 16.67 -10.33 6.75
CA ARG C 387 15.27 -10.50 6.35
C ARG C 387 14.41 -10.99 7.51
N ASN C 388 13.24 -10.40 7.63
CA ASN C 388 12.26 -10.90 8.60
C ASN C 388 11.71 -12.24 8.15
N GLU C 389 11.29 -13.04 9.12
CA GLU C 389 10.80 -14.39 8.82
C GLU C 389 9.66 -14.72 9.78
N LEU C 390 8.43 -14.51 9.32
CA LEU C 390 7.27 -15.03 10.04
C LEU C 390 7.25 -16.54 9.92
N VAL C 391 7.41 -17.23 11.04
CA VAL C 391 7.52 -18.68 11.06
C VAL C 391 6.34 -19.24 11.85
N ILE C 392 5.66 -20.22 11.27
CA ILE C 392 4.49 -20.85 11.88
C ILE C 392 4.76 -22.35 11.89
N ARG C 393 5.23 -22.86 13.03
CA ARG C 393 5.62 -24.26 13.17
C ARG C 393 4.37 -25.07 13.51
N VAL C 394 3.91 -25.89 12.56
CA VAL C 394 2.71 -26.69 12.78
C VAL C 394 2.95 -27.74 13.87
N GLN C 395 4.09 -28.42 13.82
CA GLN C 395 4.41 -29.48 14.76
C GLN C 395 5.89 -29.83 14.68
N PRO C 396 6.54 -30.12 15.82
CA PRO C 396 5.97 -30.06 17.16
C PRO C 396 6.14 -28.68 17.78
N ASN C 397 5.61 -28.50 19.00
CA ASN C 397 5.72 -27.24 19.75
C ASN C 397 5.13 -26.08 18.94
N GLU C 398 3.82 -26.18 18.75
CA GLU C 398 3.05 -25.18 18.01
C GLU C 398 3.37 -23.77 18.50
N ALA C 399 3.85 -22.92 17.59
CA ALA C 399 4.26 -21.58 17.98
C ALA C 399 4.30 -20.69 16.75
N VAL C 400 3.90 -19.42 16.94
CA VAL C 400 4.05 -18.37 15.94
C VAL C 400 5.12 -17.41 16.44
N TYR C 401 6.18 -17.24 15.66
CA TYR C 401 7.20 -16.26 15.99
C TYR C 401 7.70 -15.59 14.72
N THR C 402 7.76 -14.27 14.74
CA THR C 402 8.26 -13.47 13.62
C THR C 402 9.68 -13.06 13.93
N LYS C 403 10.64 -13.50 13.10
CA LYS C 403 12.02 -13.14 13.34
C LYS C 403 12.25 -11.68 12.98
N MET C 404 12.04 -10.81 13.96
CA MET C 404 12.15 -9.37 13.76
C MET C 404 13.53 -8.87 14.19
N MET C 405 13.82 -7.63 13.82
CA MET C 405 15.10 -6.99 14.12
C MET C 405 14.90 -6.02 15.26
N THR C 406 15.47 -6.33 16.42
CA THR C 406 15.46 -5.45 17.57
C THR C 406 16.88 -4.97 17.86
N LYS C 407 16.97 -3.91 18.65
CA LYS C 407 18.26 -3.38 19.03
C LYS C 407 18.92 -4.31 20.05
N LYS C 408 20.23 -4.47 19.93
CA LYS C 408 20.96 -5.38 20.80
C LYS C 408 20.92 -4.88 22.24
N PRO C 409 20.42 -5.66 23.19
CA PRO C 409 20.30 -5.17 24.56
C PRO C 409 21.66 -4.83 25.17
N GLY C 410 21.67 -3.79 25.98
CA GLY C 410 22.89 -3.34 26.64
C GLY C 410 23.54 -2.16 25.95
N MET C 411 24.84 -2.03 26.18
CA MET C 411 25.65 -0.97 25.59
C MET C 411 26.01 -1.31 24.13
N PHE C 412 24.98 -1.53 23.34
CA PHE C 412 25.14 -1.77 21.90
C PHE C 412 24.04 -1.02 21.16
N PHE C 413 24.33 -0.67 19.91
CA PHE C 413 23.39 0.02 19.06
C PHE C 413 23.03 -0.74 17.79
N ASN C 414 23.86 -1.69 17.37
CA ASN C 414 23.55 -2.46 16.17
C ASN C 414 22.35 -3.37 16.42
N PRO C 415 21.51 -3.60 15.42
CA PRO C 415 20.38 -4.51 15.60
C PRO C 415 20.80 -5.97 15.50
N GLU C 416 19.96 -6.83 16.06
CA GLU C 416 20.16 -8.27 16.00
C GLU C 416 18.82 -8.96 15.82
N GLU C 417 18.87 -10.21 15.35
CA GLU C 417 17.66 -10.96 15.10
C GLU C 417 17.03 -11.41 16.42
N SER C 418 15.77 -11.07 16.62
CA SER C 418 14.98 -11.58 17.74
C SER C 418 13.65 -12.06 17.22
N GLU C 419 12.73 -12.44 18.12
CA GLU C 419 11.44 -12.95 17.71
C GLU C 419 10.35 -12.43 18.62
N LEU C 420 9.16 -12.26 18.04
CA LEU C 420 7.94 -12.01 18.80
C LEU C 420 7.22 -13.35 18.89
N ASP C 421 7.42 -14.04 20.00
CA ASP C 421 7.08 -15.46 20.11
C ASP C 421 5.74 -15.65 20.81
N LEU C 422 4.93 -16.56 20.28
CA LEU C 422 3.72 -17.02 20.93
C LEU C 422 3.71 -18.54 20.82
N THR C 423 4.01 -19.22 21.92
CA THR C 423 4.19 -20.68 21.92
C THR C 423 3.02 -21.32 22.63
N TYR C 424 2.34 -22.24 21.95
CA TYR C 424 1.29 -23.05 22.56
C TYR C 424 1.97 -24.12 23.40
N GLY C 425 2.02 -23.89 24.71
CA GLY C 425 2.77 -24.75 25.61
C GLY C 425 3.44 -23.94 26.70
N ASN C 426 3.56 -22.63 26.46
CA ASN C 426 3.96 -21.68 27.49
C ASN C 426 2.87 -20.67 27.81
N ARG C 427 1.95 -20.43 26.87
CA ARG C 427 0.83 -19.52 27.06
C ARG C 427 -0.50 -20.24 27.29
N TYR C 428 -0.65 -21.43 26.74
CA TYR C 428 -1.88 -22.22 26.82
C TYR C 428 -1.59 -23.61 27.39
N LYS C 429 -0.89 -23.63 28.52
CA LYS C 429 -0.47 -24.90 29.11
C LYS C 429 -1.66 -25.76 29.52
N ASN C 430 -2.71 -25.15 30.05
CA ASN C 430 -3.82 -25.87 30.65
C ASN C 430 -4.82 -26.40 29.62
N VAL C 431 -4.67 -26.05 28.35
CA VAL C 431 -5.57 -26.55 27.32
C VAL C 431 -4.85 -27.66 26.55
N LYS C 432 -5.63 -28.62 26.08
CA LYS C 432 -5.12 -29.75 25.32
C LYS C 432 -5.39 -29.51 23.84
N LEU C 433 -4.33 -29.35 23.06
CA LEU C 433 -4.47 -29.26 21.62
C LEU C 433 -4.86 -30.63 21.07
N PRO C 434 -6.07 -30.83 20.58
CA PRO C 434 -6.52 -32.18 20.23
C PRO C 434 -5.85 -32.69 18.96
N ASP C 435 -5.96 -33.99 18.77
CA ASP C 435 -5.43 -34.63 17.58
C ASP C 435 -6.20 -34.14 16.34
N ALA C 436 -5.51 -34.16 15.20
CA ALA C 436 -6.11 -33.66 13.97
C ALA C 436 -7.33 -34.47 13.57
N TYR C 437 -7.28 -35.80 13.77
CA TYR C 437 -8.41 -36.65 13.39
C TYR C 437 -9.65 -36.33 14.21
N GLU C 438 -9.47 -36.02 15.49
CA GLU C 438 -10.60 -35.63 16.34
C GLU C 438 -11.34 -34.45 15.74
N ARG C 439 -10.59 -33.39 15.41
CA ARG C 439 -11.20 -32.18 14.88
C ARG C 439 -11.79 -32.43 13.49
N LEU C 440 -11.13 -33.24 12.66
CA LEU C 440 -11.67 -33.54 11.34
C LEU C 440 -13.00 -34.29 11.44
N ILE C 441 -13.07 -35.29 12.33
CA ILE C 441 -14.30 -36.04 12.48
C ILE C 441 -15.40 -35.17 13.08
N LEU C 442 -15.03 -34.28 14.00
CA LEU C 442 -16.02 -33.35 14.54
C LEU C 442 -16.55 -32.42 13.45
N ASP C 443 -15.67 -31.96 12.55
CA ASP C 443 -16.11 -31.13 11.44
C ASP C 443 -17.04 -31.89 10.51
N VAL C 444 -16.72 -33.17 10.25
CA VAL C 444 -17.61 -34.00 9.42
C VAL C 444 -18.98 -34.13 10.07
N PHE C 445 -19.00 -34.35 11.40
CA PHE C 445 -20.26 -34.45 12.11
C PHE C 445 -21.05 -33.14 12.04
N CYS C 446 -20.36 -32.01 12.19
CA CYS C 446 -21.02 -30.70 12.19
C CYS C 446 -21.35 -30.20 10.79
N GLY C 447 -20.86 -30.86 9.75
CA GLY C 447 -21.12 -30.43 8.39
C GLY C 447 -20.19 -29.38 7.84
N SER C 448 -19.17 -28.98 8.59
CA SER C 448 -18.20 -28.00 8.11
C SER C 448 -17.18 -28.70 7.22
N GLN C 449 -17.11 -28.29 5.96
CA GLN C 449 -16.26 -28.92 4.97
C GLN C 449 -15.13 -27.99 4.52
N MET C 450 -14.75 -27.05 5.38
CA MET C 450 -13.73 -26.07 5.03
C MET C 450 -12.34 -26.70 4.92
N HIS C 451 -12.05 -27.70 5.74
CA HIS C 451 -10.71 -28.25 5.88
C HIS C 451 -10.55 -29.57 5.15
N PHE C 452 -11.15 -29.69 3.98
CA PHE C 452 -11.09 -30.91 3.19
C PHE C 452 -10.74 -30.56 1.74
N VAL C 453 -10.36 -31.58 0.98
CA VAL C 453 -9.90 -31.39 -0.38
C VAL C 453 -11.06 -31.55 -1.35
N ARG C 454 -11.27 -30.54 -2.19
CA ARG C 454 -12.28 -30.59 -3.23
C ARG C 454 -11.74 -31.27 -4.48
N SER C 455 -12.64 -31.69 -5.36
CA SER C 455 -12.23 -32.38 -6.57
C SER C 455 -11.40 -31.48 -7.48
N ASP C 456 -11.83 -30.22 -7.66
CA ASP C 456 -11.07 -29.30 -8.51
C ASP C 456 -9.69 -29.02 -7.91
N GLU C 457 -9.63 -28.84 -6.60
CA GLU C 457 -8.34 -28.61 -5.95
C GLU C 457 -7.42 -29.80 -6.11
N LEU C 458 -7.97 -31.02 -6.00
CA LEU C 458 -7.17 -32.22 -6.24
C LEU C 458 -6.67 -32.28 -7.67
N ARG C 459 -7.54 -31.93 -8.64
CA ARG C 459 -7.13 -31.94 -10.04
C ARG C 459 -5.99 -30.97 -10.28
N GLU C 460 -6.08 -29.75 -9.73
CA GLU C 460 -4.99 -28.79 -9.90
C GLU C 460 -3.72 -29.28 -9.23
N ALA C 461 -3.84 -29.82 -8.01
CA ALA C 461 -2.68 -30.31 -7.29
C ALA C 461 -1.98 -31.42 -8.07
N TRP C 462 -2.75 -32.29 -8.72
CA TRP C 462 -2.16 -33.39 -9.46
C TRP C 462 -1.57 -32.92 -10.80
N ARG C 463 -2.21 -31.95 -11.45
CA ARG C 463 -1.68 -31.51 -12.74
C ARG C 463 -0.43 -30.66 -12.57
N ILE C 464 -0.24 -30.05 -11.39
CA ILE C 464 1.01 -29.32 -11.14
C ILE C 464 2.20 -30.28 -11.20
N PHE C 465 2.08 -31.44 -10.55
CA PHE C 465 3.22 -32.33 -10.36
C PHE C 465 3.27 -33.52 -11.32
N THR C 466 2.21 -33.74 -12.11
CA THR C 466 2.19 -34.92 -12.99
C THR C 466 3.32 -34.95 -14.02
N PRO C 467 3.61 -33.87 -14.76
CA PRO C 467 4.73 -33.94 -15.71
C PRO C 467 6.05 -34.29 -15.07
N LEU C 468 6.33 -33.74 -13.89
CA LEU C 468 7.59 -34.05 -13.20
C LEU C 468 7.64 -35.51 -12.78
N LEU C 469 6.53 -36.03 -12.24
CA LEU C 469 6.49 -37.43 -11.84
C LEU C 469 6.69 -38.35 -13.03
N HIS C 470 6.04 -38.05 -14.15
CA HIS C 470 6.20 -38.87 -15.34
C HIS C 470 7.62 -38.81 -15.88
N GLN C 471 8.23 -37.61 -15.88
CA GLN C 471 9.61 -37.48 -16.34
C GLN C 471 10.56 -38.27 -15.46
N ILE C 472 10.36 -38.23 -14.14
CA ILE C 472 11.21 -39.00 -13.24
C ILE C 472 11.01 -40.50 -13.46
N GLU C 473 9.76 -40.93 -13.64
CA GLU C 473 9.49 -42.35 -13.84
C GLU C 473 10.12 -42.86 -15.12
N LEU C 474 10.03 -42.09 -16.20
CA LEU C 474 10.57 -42.55 -17.48
C LEU C 474 12.08 -42.42 -17.58
N GLU C 475 12.68 -41.41 -16.94
CA GLU C 475 14.10 -41.16 -17.10
C GLU C 475 14.96 -41.86 -16.07
N LYS C 476 14.43 -42.11 -14.86
CA LYS C 476 15.17 -42.69 -13.76
C LYS C 476 16.45 -41.91 -13.47
N PRO C 477 16.36 -40.68 -12.95
CA PRO C 477 17.58 -39.95 -12.59
C PRO C 477 18.25 -40.55 -11.36
N LYS C 478 19.45 -40.06 -11.02
CA LYS C 478 20.14 -40.52 -9.84
C LYS C 478 20.03 -39.47 -8.74
N PRO C 479 19.25 -39.72 -7.68
CA PRO C 479 19.16 -38.74 -6.59
C PRO C 479 20.50 -38.61 -5.88
N ILE C 480 20.79 -37.38 -5.43
CA ILE C 480 22.04 -37.10 -4.74
C ILE C 480 22.03 -37.83 -3.40
N PRO C 481 22.97 -38.74 -3.16
CA PRO C 481 22.97 -39.47 -1.88
C PRO C 481 23.20 -38.51 -0.72
N TYR C 482 22.50 -38.79 0.38
CA TYR C 482 22.69 -38.05 1.63
C TYR C 482 22.69 -39.03 2.79
N ILE C 483 23.66 -38.88 3.69
CA ILE C 483 23.80 -39.81 4.80
C ILE C 483 22.58 -39.70 5.71
N TYR C 484 22.16 -40.84 6.26
CA TYR C 484 21.02 -40.87 7.17
C TYR C 484 21.27 -39.96 8.36
N GLY C 485 20.24 -39.22 8.75
CA GLY C 485 20.35 -38.30 9.87
C GLY C 485 20.95 -36.95 9.54
N SER C 486 21.39 -36.75 8.30
CA SER C 486 21.93 -35.46 7.88
C SER C 486 20.80 -34.55 7.41
N ARG C 487 21.16 -33.35 6.96
CA ARG C 487 20.18 -32.36 6.51
C ARG C 487 19.88 -32.47 5.02
N GLY C 488 20.08 -33.64 4.42
CA GLY C 488 19.78 -33.84 3.03
C GLY C 488 20.90 -33.37 2.12
N PRO C 489 20.72 -33.52 0.81
CA PRO C 489 21.75 -33.08 -0.14
C PRO C 489 21.97 -31.58 -0.08
N THR C 490 23.23 -31.17 -0.30
CA THR C 490 23.54 -29.75 -0.37
C THR C 490 22.98 -29.10 -1.62
N GLU C 491 22.61 -29.89 -2.63
CA GLU C 491 22.03 -29.33 -3.85
C GLU C 491 20.72 -28.63 -3.56
N ALA C 492 19.95 -29.11 -2.58
CA ALA C 492 18.73 -28.41 -2.19
C ALA C 492 19.05 -27.03 -1.62
N ASP C 493 20.10 -26.93 -0.82
CA ASP C 493 20.52 -25.63 -0.30
C ASP C 493 20.99 -24.72 -1.43
N GLU C 494 21.72 -25.28 -2.40
CA GLU C 494 22.13 -24.49 -3.56
C GLU C 494 20.91 -23.97 -4.32
N LEU C 495 19.90 -24.82 -4.50
CA LEU C 495 18.66 -24.39 -5.15
C LEU C 495 17.99 -23.27 -4.35
N MET C 496 17.93 -23.42 -3.03
CA MET C 496 17.27 -22.40 -2.20
C MET C 496 18.00 -21.06 -2.29
N LYS C 497 19.34 -21.09 -2.28
CA LYS C 497 20.09 -19.85 -2.49
C LYS C 497 19.84 -19.29 -3.89
N ARG C 498 19.75 -20.15 -4.90
CA ARG C 498 19.58 -19.69 -6.27
C ARG C 498 18.23 -19.00 -6.48
N VAL C 499 17.17 -19.52 -5.85
CA VAL C 499 15.83 -19.02 -6.11
C VAL C 499 15.52 -17.78 -5.29
N GLY C 500 16.52 -17.27 -4.57
CA GLY C 500 16.40 -16.02 -3.85
C GLY C 500 16.43 -16.15 -2.33
N PHE C 501 16.12 -17.32 -1.78
CA PHE C 501 16.14 -17.49 -0.33
C PHE C 501 17.55 -17.28 0.20
N GLN C 502 17.65 -16.54 1.30
CA GLN C 502 18.92 -16.23 1.93
C GLN C 502 19.00 -16.95 3.28
N TYR C 503 20.08 -17.71 3.47
CA TYR C 503 20.37 -18.35 4.74
C TYR C 503 21.68 -17.80 5.28
N GLU C 504 21.64 -17.31 6.52
CA GLU C 504 22.82 -16.72 7.15
C GLU C 504 23.38 -17.56 8.28
N GLY C 505 22.53 -18.27 9.02
CA GLY C 505 22.99 -19.07 10.14
C GLY C 505 23.36 -18.27 11.38
N THR C 506 23.06 -16.99 11.41
CA THR C 506 23.41 -16.13 12.53
C THR C 506 22.29 -16.03 13.57
N TYR C 507 21.19 -16.75 13.38
CA TYR C 507 20.06 -16.69 14.31
C TYR C 507 20.37 -17.57 15.51
N LYS C 508 20.56 -16.95 16.67
CA LYS C 508 20.81 -17.65 17.92
C LYS C 508 19.57 -17.51 18.79
N TRP C 509 18.98 -18.65 19.16
CA TRP C 509 17.75 -18.68 19.95
C TRP C 509 17.97 -19.48 21.22
N VAL C 510 17.48 -18.94 22.34
CA VAL C 510 17.49 -19.63 23.62
C VAL C 510 16.08 -19.59 24.20
N ASN C 511 15.66 -20.71 24.77
CA ASN C 511 14.31 -20.82 25.31
C ASN C 511 14.11 -19.92 26.53
N GLN D 28 46.48 7.06 20.30
CA GLN D 28 46.38 7.88 21.49
C GLN D 28 44.93 8.18 21.85
N SER D 29 44.59 8.01 23.13
CA SER D 29 43.26 8.27 23.64
C SER D 29 43.24 9.65 24.29
N ASP D 30 42.39 10.54 23.78
CA ASP D 30 42.30 11.88 24.31
C ASP D 30 41.71 11.86 25.72
N THR D 31 42.20 12.78 26.55
CA THR D 31 41.72 12.88 27.92
C THR D 31 40.30 13.46 27.94
N HIS D 32 39.42 12.82 28.68
CA HIS D 32 38.03 13.26 28.84
C HIS D 32 37.78 13.60 30.30
N ILE D 33 37.19 14.77 30.55
CA ILE D 33 36.91 15.23 31.90
C ILE D 33 35.41 15.45 32.05
N PHE D 34 34.82 14.85 33.08
CA PHE D 34 33.39 14.98 33.37
C PHE D 34 33.21 16.04 34.45
N ILE D 35 32.27 16.96 34.21
CA ILE D 35 32.08 18.14 35.06
C ILE D 35 30.69 18.09 35.65
N ILE D 36 30.59 18.30 36.96
CA ILE D 36 29.32 18.30 37.67
C ILE D 36 29.12 19.66 38.32
N MET D 37 28.30 20.49 37.70
CA MET D 37 27.79 21.67 38.38
C MET D 37 26.81 21.25 39.47
N GLY D 38 26.93 21.88 40.63
CA GLY D 38 26.11 21.50 41.77
C GLY D 38 26.39 20.08 42.21
N ALA D 39 27.68 19.75 42.36
CA ALA D 39 28.08 18.40 42.72
C ALA D 39 27.51 17.96 44.07
N SER D 40 27.17 18.91 44.94
CA SER D 40 26.55 18.60 46.22
C SER D 40 25.04 18.44 46.11
N GLY D 41 24.47 18.60 44.92
CA GLY D 41 23.03 18.56 44.78
C GLY D 41 22.47 17.16 44.95
N ASP D 42 21.15 17.12 45.20
CA ASP D 42 20.47 15.84 45.36
C ASP D 42 20.55 15.01 44.08
N LEU D 43 20.26 15.64 42.94
CA LEU D 43 20.32 14.91 41.67
C LEU D 43 21.71 14.37 41.41
N ALA D 44 22.74 15.18 41.69
CA ALA D 44 24.11 14.73 41.50
C ALA D 44 24.37 13.46 42.30
N LYS D 45 24.32 13.55 43.63
CA LYS D 45 24.68 12.43 44.49
C LYS D 45 23.74 11.24 44.34
N LYS D 46 22.54 11.43 43.78
CA LYS D 46 21.61 10.32 43.65
C LYS D 46 21.63 9.65 42.28
N LYS D 47 22.01 10.37 41.23
CA LYS D 47 21.95 9.78 39.89
C LYS D 47 23.25 9.88 39.11
N ILE D 48 23.98 10.99 39.24
CA ILE D 48 25.10 11.25 38.34
C ILE D 48 26.32 10.44 38.76
N TYR D 49 26.77 10.63 40.00
CA TYR D 49 27.94 9.90 40.48
C TYR D 49 27.76 8.39 40.42
N PRO D 50 26.63 7.80 40.84
CA PRO D 50 26.46 6.36 40.57
C PRO D 50 26.53 6.00 39.10
N THR D 51 25.97 6.86 38.23
CA THR D 51 26.00 6.58 36.79
C THR D 51 27.41 6.56 36.25
N ILE D 52 28.21 7.58 36.55
CA ILE D 52 29.56 7.63 36.03
C ILE D 52 30.42 6.57 36.71
N TRP D 53 30.14 6.23 37.97
CA TRP D 53 30.85 5.14 38.61
C TRP D 53 30.58 3.81 37.90
N TRP D 54 29.33 3.57 37.52
CA TRP D 54 29.01 2.36 36.77
C TRP D 54 29.68 2.37 35.40
N LEU D 55 29.71 3.54 34.75
CA LEU D 55 30.36 3.63 33.44
C LEU D 55 31.85 3.34 33.54
N PHE D 56 32.52 3.86 34.57
CA PHE D 56 33.94 3.60 34.76
C PHE D 56 34.19 2.17 35.20
N ARG D 57 33.24 1.58 35.92
CA ARG D 57 33.40 0.21 36.40
C ARG D 57 33.47 -0.78 35.24
N ASP D 58 32.68 -0.55 34.20
CA ASP D 58 32.67 -1.40 33.01
C ASP D 58 33.75 -1.01 32.01
N GLY D 59 34.55 0.03 32.30
CA GLY D 59 35.57 0.47 31.38
C GLY D 59 35.04 1.13 30.12
N LEU D 60 33.81 1.66 30.18
CA LEU D 60 33.22 2.30 29.02
C LEU D 60 33.72 3.72 28.82
N LEU D 61 34.28 4.34 29.86
CA LEU D 61 34.86 5.66 29.75
C LEU D 61 36.28 5.57 29.18
N PRO D 62 36.77 6.67 28.59
CA PRO D 62 38.17 6.67 28.13
C PRO D 62 39.13 6.46 29.28
N GLU D 63 40.30 5.90 28.95
CA GLU D 63 41.27 5.56 29.99
C GLU D 63 41.73 6.79 30.76
N ASN D 64 42.00 7.89 30.06
CA ASN D 64 42.39 9.14 30.70
C ASN D 64 41.15 9.97 31.00
N THR D 65 40.43 9.54 32.03
CA THR D 65 39.19 10.20 32.46
C THR D 65 39.37 10.78 33.85
N PHE D 66 39.10 12.08 33.99
CA PHE D 66 39.13 12.77 35.26
C PHE D 66 37.78 13.42 35.50
N ILE D 67 37.46 13.67 36.77
CA ILE D 67 36.17 14.23 37.15
C ILE D 67 36.40 15.33 38.17
N VAL D 68 35.77 16.49 37.95
CA VAL D 68 35.87 17.64 38.84
C VAL D 68 34.47 18.02 39.28
N GLY D 69 34.29 18.14 40.59
CA GLY D 69 33.03 18.56 41.17
C GLY D 69 33.01 20.04 41.49
N TYR D 70 31.84 20.65 41.40
CA TYR D 70 31.72 22.08 41.63
C TYR D 70 30.36 22.39 42.25
N ALA D 71 30.37 23.12 43.36
CA ALA D 71 29.14 23.53 44.04
C ALA D 71 29.49 24.64 45.00
N ARG D 72 28.45 25.26 45.58
CA ARG D 72 28.68 26.34 46.53
C ARG D 72 29.23 25.83 47.85
N SER D 73 28.83 24.62 48.27
CA SER D 73 29.28 24.09 49.54
C SER D 73 30.77 23.75 49.50
N ARG D 74 31.47 24.04 50.60
CA ARG D 74 32.88 23.74 50.75
C ARG D 74 33.01 22.29 51.22
N LEU D 75 33.18 21.39 50.26
CA LEU D 75 33.30 19.96 50.52
C LEU D 75 34.65 19.45 50.01
N THR D 76 34.91 18.18 50.26
CA THR D 76 36.12 17.51 49.81
C THR D 76 35.73 16.25 49.03
N VAL D 77 36.73 15.58 48.47
CA VAL D 77 36.48 14.35 47.74
C VAL D 77 35.96 13.26 48.68
N ALA D 78 36.47 13.23 49.91
CA ALA D 78 36.03 12.22 50.87
C ALA D 78 34.57 12.44 51.27
N ASP D 79 34.15 13.70 51.42
CA ASP D 79 32.78 13.97 51.84
C ASP D 79 31.79 13.55 50.77
N ILE D 80 32.02 13.95 49.52
CA ILE D 80 31.14 13.51 48.44
C ILE D 80 31.25 12.00 48.25
N ARG D 81 32.41 11.43 48.53
CA ARG D 81 32.57 9.97 48.47
C ARG D 81 31.61 9.28 49.44
N LYS D 82 31.64 9.69 50.71
CA LYS D 82 30.77 9.05 51.70
C LYS D 82 29.32 9.40 51.46
N GLN D 83 29.04 10.54 50.82
CA GLN D 83 27.67 10.89 50.49
C GLN D 83 27.12 9.99 49.38
N SER D 84 27.96 9.67 48.39
CA SER D 84 27.51 8.89 47.23
C SER D 84 27.71 7.39 47.39
N GLU D 85 28.42 6.94 48.43
CA GLU D 85 28.60 5.50 48.62
C GLU D 85 27.31 4.71 48.71
N PRO D 86 26.27 5.13 49.44
CA PRO D 86 25.05 4.31 49.50
C PRO D 86 24.35 4.14 48.16
N PHE D 87 24.61 5.01 47.18
CA PHE D 87 23.98 4.92 45.88
C PHE D 87 24.85 4.26 44.82
N PHE D 88 26.10 3.94 45.15
CA PHE D 88 27.00 3.33 44.16
C PHE D 88 26.73 1.85 43.96
N LYS D 89 26.04 1.19 44.89
CA LYS D 89 25.80 -0.25 44.82
C LYS D 89 27.11 -1.03 44.70
N ALA D 90 28.10 -0.62 45.48
CA ALA D 90 29.43 -1.21 45.38
C ALA D 90 29.44 -2.62 45.97
N THR D 91 30.47 -3.37 45.60
CA THR D 91 30.70 -4.74 46.05
C THR D 91 32.11 -4.84 46.60
N PRO D 92 32.37 -5.78 47.51
CA PRO D 92 33.73 -5.87 48.08
C PRO D 92 34.81 -6.14 47.05
N GLU D 93 34.50 -6.90 46.00
CA GLU D 93 35.49 -7.14 44.95
C GLU D 93 35.72 -5.92 44.06
N GLU D 94 34.85 -4.91 44.13
CA GLU D 94 34.99 -3.69 43.35
C GLU D 94 35.73 -2.59 44.10
N LYS D 95 36.28 -2.91 45.29
CA LYS D 95 36.88 -1.87 46.12
C LYS D 95 38.08 -1.21 45.44
N LEU D 96 38.94 -2.00 44.82
CA LEU D 96 40.14 -1.44 44.19
C LEU D 96 39.77 -0.46 43.09
N LYS D 97 38.84 -0.86 42.22
CA LYS D 97 38.32 0.06 41.21
C LYS D 97 37.66 1.27 41.85
N LEU D 98 37.09 1.09 43.04
CA LEU D 98 36.49 2.23 43.74
C LEU D 98 37.56 3.24 44.15
N GLU D 99 38.69 2.78 44.70
CA GLU D 99 39.73 3.74 45.04
C GLU D 99 40.35 4.37 43.80
N ASP D 100 40.47 3.62 42.70
CA ASP D 100 40.94 4.24 41.47
C ASP D 100 39.96 5.32 41.00
N PHE D 101 38.67 5.02 41.03
CA PHE D 101 37.64 5.99 40.66
C PHE D 101 37.76 7.26 41.48
N PHE D 102 37.85 7.11 42.81
CA PHE D 102 37.91 8.28 43.68
C PHE D 102 39.27 8.95 43.69
N ALA D 103 40.31 8.28 43.16
CA ALA D 103 41.57 8.96 42.88
C ALA D 103 41.48 9.80 41.62
N ARG D 104 40.64 9.39 40.66
CA ARG D 104 40.38 10.20 39.48
C ARG D 104 39.30 11.24 39.70
N ASN D 105 38.86 11.44 40.94
CA ASN D 105 37.86 12.44 41.28
C ASN D 105 38.51 13.62 42.00
N SER D 106 37.90 14.78 41.84
CA SER D 106 38.36 16.01 42.50
C SER D 106 37.17 16.92 42.73
N TYR D 107 37.35 17.86 43.65
CA TYR D 107 36.28 18.78 44.04
C TYR D 107 36.84 20.17 44.22
N VAL D 108 36.13 21.16 43.69
CA VAL D 108 36.45 22.58 43.89
C VAL D 108 35.14 23.31 44.20
N ALA D 109 35.19 24.23 45.15
CA ALA D 109 34.03 24.99 45.55
C ALA D 109 34.08 26.40 44.95
N GLY D 110 32.90 26.99 44.80
CA GLY D 110 32.82 28.33 44.24
C GLY D 110 31.38 28.78 44.13
N GLN D 111 31.20 29.92 43.48
CA GLN D 111 29.89 30.52 43.29
C GLN D 111 29.47 30.43 41.82
N TYR D 112 28.16 30.36 41.61
CA TYR D 112 27.62 30.28 40.26
C TYR D 112 27.56 31.63 39.56
N ASP D 113 27.90 32.72 40.26
CA ASP D 113 27.88 34.05 39.68
C ASP D 113 29.24 34.73 39.67
N ASP D 114 30.20 34.26 40.47
CA ASP D 114 31.51 34.89 40.58
C ASP D 114 32.48 34.22 39.62
N ALA D 115 33.12 35.03 38.77
CA ALA D 115 34.03 34.49 37.76
C ALA D 115 35.28 33.88 38.39
N ALA D 116 35.77 34.49 39.48
CA ALA D 116 37.01 34.03 40.10
C ALA D 116 36.98 32.55 40.39
N SER D 117 35.84 32.03 40.87
CA SER D 117 35.68 30.60 41.03
C SER D 117 35.82 29.87 39.71
N TYR D 118 35.37 30.49 38.61
CA TYR D 118 35.42 29.83 37.32
C TYR D 118 36.86 29.71 36.80
N GLN D 119 37.64 30.79 36.88
CA GLN D 119 39.03 30.59 36.45
C GLN D 119 39.83 29.78 37.47
N ARG D 120 39.42 29.74 38.73
CA ARG D 120 40.03 28.81 39.67
C ARG D 120 39.79 27.37 39.24
N LEU D 121 38.55 27.06 38.83
CA LEU D 121 38.25 25.72 38.32
C LEU D 121 39.05 25.43 37.05
N ASN D 122 39.17 26.42 36.15
CA ASN D 122 39.92 26.21 34.93
C ASN D 122 41.40 25.95 35.23
N SER D 123 41.98 26.71 36.16
CA SER D 123 43.38 26.49 36.54
C SER D 123 43.57 25.14 37.21
N HIS D 124 42.62 24.73 38.04
CA HIS D 124 42.67 23.40 38.64
C HIS D 124 42.61 22.33 37.58
N MET D 125 41.80 22.56 36.53
CA MET D 125 41.74 21.63 35.41
C MET D 125 43.07 21.55 34.68
N ASN D 126 43.71 22.69 34.45
CA ASN D 126 44.98 22.70 33.74
C ASN D 126 46.07 21.98 34.52
N ALA D 127 45.90 21.81 35.83
CA ALA D 127 46.84 21.03 36.63
C ALA D 127 46.45 19.56 36.67
N LEU D 128 46.16 19.01 35.50
CA LEU D 128 45.74 17.62 35.43
C LEU D 128 46.37 16.98 34.22
N HIS D 129 46.45 15.65 34.19
CA HIS D 129 46.98 14.98 33.01
C HIS D 129 46.59 15.70 31.71
N LEU D 130 47.56 16.31 31.05
CA LEU D 130 47.31 17.05 29.80
C LEU D 130 45.97 17.78 29.77
N GLY D 131 45.66 18.50 30.84
CA GLY D 131 44.43 19.27 30.87
C GLY D 131 44.18 19.98 29.57
N SER D 132 45.21 20.64 29.03
CA SER D 132 45.07 21.39 27.79
C SER D 132 44.28 20.61 26.75
N GLN D 133 44.89 19.56 26.20
CA GLN D 133 44.23 18.83 25.15
C GLN D 133 43.02 18.05 25.64
N ALA D 134 42.73 18.09 26.94
CA ALA D 134 41.63 17.35 27.51
C ALA D 134 40.30 17.85 26.97
N ASN D 135 39.34 16.94 26.90
CA ASN D 135 38.02 17.23 26.34
C ASN D 135 37.05 17.47 27.51
N ARG D 136 36.73 18.74 27.74
CA ARG D 136 35.81 19.11 28.80
C ARG D 136 34.41 18.60 28.48
N LEU D 137 33.65 18.23 29.52
CA LEU D 137 32.26 17.80 29.37
C LEU D 137 31.47 18.33 30.55
N PHE D 138 30.59 19.29 30.31
CA PHE D 138 29.87 19.98 31.38
C PHE D 138 28.50 19.34 31.60
N TYR D 139 28.14 19.19 32.88
CA TYR D 139 26.80 18.80 33.27
C TYR D 139 26.24 19.89 34.18
N LEU D 140 24.98 20.26 33.97
CA LEU D 140 24.32 21.30 34.75
C LEU D 140 23.20 20.67 35.58
N ALA D 141 23.56 20.18 36.76
CA ALA D 141 22.58 19.66 37.72
C ALA D 141 22.18 20.74 38.71
N LEU D 142 21.63 21.82 38.17
CA LEU D 142 21.29 23.01 38.93
C LEU D 142 19.86 23.40 38.67
N PRO D 143 19.25 24.19 39.57
CA PRO D 143 17.91 24.71 39.29
C PRO D 143 17.94 25.60 38.08
N PRO D 144 16.82 25.68 37.33
CA PRO D 144 16.81 26.47 36.09
C PRO D 144 17.07 27.95 36.30
N THR D 145 16.89 28.46 37.51
CA THR D 145 17.04 29.89 37.76
C THR D 145 18.47 30.39 37.57
N VAL D 146 19.45 29.49 37.49
CA VAL D 146 20.85 29.88 37.36
C VAL D 146 21.48 29.39 36.07
N TYR D 147 20.68 28.83 35.16
CA TYR D 147 21.22 28.32 33.90
C TYR D 147 21.87 29.45 33.10
N GLU D 148 21.23 30.62 33.04
CA GLU D 148 21.77 31.72 32.26
C GLU D 148 23.17 32.10 32.75
N ALA D 149 23.30 32.35 34.05
CA ALA D 149 24.58 32.77 34.61
C ALA D 149 25.63 31.67 34.48
N VAL D 150 25.27 30.42 34.78
CA VAL D 150 26.24 29.35 34.73
C VAL D 150 26.73 29.14 33.30
N THR D 151 25.82 29.14 32.33
CA THR D 151 26.21 28.95 30.94
C THR D 151 27.07 30.09 30.44
N LYS D 152 26.73 31.34 30.77
CA LYS D 152 27.54 32.45 30.28
C LYS D 152 28.93 32.43 30.91
N ASN D 153 29.02 32.12 32.21
CA ASN D 153 30.33 32.04 32.85
C ASN D 153 31.17 30.90 32.27
N ILE D 154 30.55 29.75 32.03
CA ILE D 154 31.28 28.62 31.45
C ILE D 154 31.77 28.98 30.04
N HIS D 155 30.93 29.64 29.25
CA HIS D 155 31.34 30.02 27.90
C HIS D 155 32.49 31.03 27.95
N GLU D 156 32.45 31.99 28.87
CA GLU D 156 33.48 33.03 28.88
C GLU D 156 34.75 32.62 29.60
N SER D 157 34.73 31.53 30.38
CA SER D 157 35.90 31.22 31.20
C SER D 157 36.37 29.78 31.08
N CYS D 158 35.46 28.85 30.73
CA CYS D 158 35.78 27.44 30.86
C CYS D 158 35.70 26.69 29.54
N MET D 159 36.26 27.25 28.47
CA MET D 159 36.26 26.61 27.16
C MET D 159 37.67 26.14 26.80
N SER D 160 37.76 24.88 26.36
CA SER D 160 39.03 24.33 25.90
C SER D 160 39.34 24.85 24.50
N GLN D 161 40.61 25.18 24.27
CA GLN D 161 41.06 25.71 22.99
C GLN D 161 41.53 24.64 22.02
N ILE D 162 41.49 23.37 22.41
CA ILE D 162 41.99 22.29 21.55
C ILE D 162 40.88 21.28 21.29
N GLY D 163 40.35 20.68 22.36
CA GLY D 163 39.39 19.61 22.22
C GLY D 163 37.95 20.10 22.22
N TRP D 164 37.05 19.16 21.95
CA TRP D 164 35.62 19.44 21.96
C TRP D 164 35.11 19.80 23.35
N ASN D 165 34.12 20.69 23.38
CA ASN D 165 33.46 21.12 24.62
C ASN D 165 31.97 20.95 24.44
N ARG D 166 31.34 20.22 25.35
CA ARG D 166 29.89 20.02 25.33
C ARG D 166 29.32 20.24 26.72
N ILE D 167 28.26 21.04 26.82
CA ILE D 167 27.55 21.25 28.06
C ILE D 167 26.31 20.35 28.05
N ILE D 168 25.76 20.12 29.24
CA ILE D 168 24.54 19.33 29.39
C ILE D 168 23.60 20.08 30.32
N VAL D 169 22.43 20.44 29.80
CA VAL D 169 21.41 21.12 30.59
C VAL D 169 20.31 20.12 30.94
N GLU D 170 19.51 20.47 31.94
CA GLU D 170 18.56 19.53 32.54
C GLU D 170 17.16 20.12 32.58
N LYS D 171 16.18 19.21 32.59
CA LYS D 171 14.78 19.56 32.78
C LYS D 171 14.60 20.30 34.11
N PRO D 172 13.67 21.28 34.17
CA PRO D 172 12.78 21.78 33.13
C PRO D 172 13.41 22.82 32.20
N PHE D 173 12.76 23.03 31.05
CA PHE D 173 13.17 24.04 30.08
C PHE D 173 12.08 25.11 30.05
N GLY D 174 12.22 26.10 30.93
CA GLY D 174 11.25 27.17 30.98
C GLY D 174 9.91 26.73 31.56
N ARG D 175 8.93 27.62 31.42
CA ARG D 175 7.58 27.38 31.88
C ARG D 175 6.53 27.43 30.79
N ASP D 176 6.74 28.24 29.75
CA ASP D 176 5.82 28.31 28.61
C ASP D 176 6.64 28.62 27.37
N LEU D 177 5.97 29.06 26.31
CA LEU D 177 6.67 29.30 25.04
C LEU D 177 7.74 30.37 25.17
N GLN D 178 7.37 31.53 25.70
CA GLN D 178 8.31 32.66 25.73
C GLN D 178 9.37 32.46 26.81
N SER D 179 8.99 31.95 27.98
CA SER D 179 9.96 31.74 29.06
C SER D 179 11.01 30.72 28.66
N SER D 180 10.58 29.62 28.03
CA SER D 180 11.55 28.65 27.53
C SER D 180 12.32 29.18 26.33
N ASP D 181 11.67 29.99 25.50
CA ASP D 181 12.34 30.51 24.30
C ASP D 181 13.49 31.44 24.67
N ARG D 182 13.29 32.28 25.69
CA ARG D 182 14.37 33.20 26.08
C ARG D 182 15.59 32.42 26.56
N LEU D 183 15.38 31.37 27.37
CA LEU D 183 16.49 30.56 27.84
C LEU D 183 17.14 29.79 26.70
N SER D 184 16.35 29.25 25.79
CA SER D 184 16.89 28.49 24.67
C SER D 184 17.71 29.39 23.75
N ASN D 185 17.25 30.63 23.53
CA ASN D 185 18.01 31.56 22.70
C ASN D 185 19.28 32.02 23.41
N HIS D 186 19.21 32.21 24.73
CA HIS D 186 20.42 32.57 25.47
C HIS D 186 21.46 31.47 25.41
N ILE D 187 21.04 30.21 25.55
CA ILE D 187 21.98 29.10 25.48
C ILE D 187 22.51 28.93 24.05
N SER D 188 21.62 28.99 23.06
CA SER D 188 22.04 28.79 21.67
C SER D 188 22.92 29.93 21.18
N SER D 189 22.70 31.15 21.67
CA SER D 189 23.58 32.26 21.31
C SER D 189 24.99 32.09 21.87
N LEU D 190 25.17 31.18 22.82
CA LEU D 190 26.46 30.93 23.42
C LEU D 190 27.12 29.65 22.92
N PHE D 191 26.33 28.62 22.60
CA PHE D 191 26.85 27.32 22.24
C PHE D 191 26.26 26.87 20.90
N ARG D 192 27.05 26.14 20.13
CA ARG D 192 26.56 25.56 18.89
C ARG D 192 25.72 24.32 19.18
N GLU D 193 24.80 24.02 18.26
CA GLU D 193 23.84 22.95 18.49
C GLU D 193 24.50 21.59 18.63
N ASP D 194 25.74 21.44 18.20
CA ASP D 194 26.49 20.22 18.45
C ASP D 194 27.12 20.18 19.84
N GLN D 195 26.83 21.17 20.68
CA GLN D 195 27.34 21.23 22.04
C GLN D 195 26.26 21.19 23.10
N ILE D 196 25.03 21.62 22.79
CA ILE D 196 23.93 21.54 23.75
C ILE D 196 23.44 20.11 23.82
N TYR D 197 23.33 19.58 25.05
CA TYR D 197 22.81 18.23 25.28
C TYR D 197 21.68 18.34 26.30
N ARG D 198 20.47 18.59 25.80
CA ARG D 198 19.28 18.69 26.64
C ARG D 198 18.86 17.29 27.07
N ILE D 199 18.90 17.02 28.37
CA ILE D 199 18.59 15.69 28.88
C ILE D 199 17.08 15.49 28.93
N ASN D 200 16.60 14.46 28.24
CA ASN D 200 15.27 13.91 28.44
C ASN D 200 15.52 12.42 28.62
N HIS D 201 15.72 12.00 29.87
CA HIS D 201 16.28 10.68 30.15
C HIS D 201 15.39 9.55 29.66
N TYR D 202 14.12 9.82 29.36
CA TYR D 202 13.31 8.80 28.70
C TYR D 202 13.75 8.54 27.27
N LEU D 203 14.59 9.39 26.69
CA LEU D 203 15.22 9.06 25.42
C LEU D 203 16.31 8.01 25.60
N GLY D 204 16.93 7.95 26.77
CA GLY D 204 17.96 6.98 27.07
C GLY D 204 17.47 5.62 27.48
N LYS D 205 16.15 5.44 27.61
CA LYS D 205 15.61 4.15 27.98
C LYS D 205 15.82 3.13 26.85
N GLU D 206 15.87 1.86 27.24
CA GLU D 206 16.14 0.80 26.28
C GLU D 206 15.06 0.72 25.21
N MET D 207 13.79 0.72 25.64
CA MET D 207 12.71 0.47 24.69
C MET D 207 12.46 1.68 23.79
N VAL D 208 12.65 2.89 24.34
CA VAL D 208 12.47 4.10 23.54
C VAL D 208 13.49 4.15 22.42
N GLN D 209 14.74 3.80 22.71
CA GLN D 209 15.74 3.71 21.65
C GLN D 209 15.45 2.55 20.71
N ASN D 210 14.91 1.44 21.23
CA ASN D 210 14.59 0.31 20.39
C ASN D 210 13.51 0.65 19.37
N LEU D 211 12.60 1.58 19.74
CA LEU D 211 11.52 1.98 18.85
C LEU D 211 12.00 2.21 17.42
N MET D 212 13.14 2.87 17.26
CA MET D 212 13.69 3.12 15.93
C MET D 212 13.99 1.82 15.20
N VAL D 213 14.56 0.84 15.91
CA VAL D 213 14.93 -0.42 15.27
C VAL D 213 13.68 -1.22 14.90
N LEU D 214 12.71 -1.16 15.77
CA LEU D 214 11.53 -1.93 15.57
C LEU D 214 10.85 -1.54 14.31
N ARG D 215 10.84 -0.26 13.98
CA ARG D 215 10.08 0.16 12.81
C ARG D 215 10.89 0.42 11.55
N PHE D 216 12.19 0.63 11.68
CA PHE D 216 13.04 0.93 10.53
C PHE D 216 13.97 -0.22 10.15
N ALA D 217 13.91 -1.33 10.85
CA ALA D 217 14.66 -2.53 10.51
C ALA D 217 13.77 -3.73 10.21
N ASN D 218 12.46 -3.56 10.26
CA ASN D 218 11.51 -4.64 10.04
C ASN D 218 10.56 -4.28 8.90
N ARG D 219 10.37 -5.22 7.98
CA ARG D 219 9.37 -5.07 6.94
C ARG D 219 7.97 -5.46 7.42
N ILE D 220 7.85 -5.96 8.65
CA ILE D 220 6.53 -6.29 9.18
C ILE D 220 5.85 -5.05 9.75
N PHE D 221 6.63 -4.09 10.25
CA PHE D 221 6.09 -2.89 10.87
C PHE D 221 6.13 -1.67 9.96
N GLY D 222 6.60 -1.82 8.72
CA GLY D 222 6.77 -0.71 7.82
C GLY D 222 5.52 -0.32 7.04
N PRO D 223 5.00 -1.25 6.24
CA PRO D 223 3.81 -0.93 5.43
C PRO D 223 2.56 -0.60 6.24
N ILE D 224 2.49 -1.04 7.49
CA ILE D 224 1.28 -0.85 8.30
C ILE D 224 1.39 0.37 9.21
N TRP D 225 2.46 1.15 9.09
CA TRP D 225 2.72 2.23 10.03
C TRP D 225 2.22 3.56 9.47
N ASN D 226 0.90 3.68 9.38
CA ASN D 226 0.29 4.87 8.79
C ASN D 226 -1.14 5.00 9.26
N ARG D 227 -1.77 6.11 8.87
CA ARG D 227 -3.17 6.36 9.21
C ARG D 227 -4.12 5.38 8.54
N ASP D 228 -3.67 4.71 7.47
CA ASP D 228 -4.53 3.73 6.79
C ASP D 228 -4.76 2.49 7.63
N ASN D 229 -3.93 2.25 8.65
CA ASN D 229 -4.05 1.08 9.49
C ASN D 229 -4.19 1.38 10.98
N ILE D 230 -3.64 2.49 11.45
CA ILE D 230 -3.66 2.82 12.87
C ILE D 230 -4.88 3.70 13.15
N ALA D 231 -5.70 3.29 14.12
CA ALA D 231 -6.88 4.05 14.48
C ALA D 231 -6.57 5.14 15.50
N CYS D 232 -5.72 4.85 16.48
CA CYS D 232 -5.33 5.83 17.48
C CYS D 232 -4.04 5.37 18.13
N VAL D 233 -3.32 6.33 18.72
CA VAL D 233 -2.06 6.08 19.42
C VAL D 233 -2.20 6.58 20.85
N ILE D 234 -1.89 5.71 21.81
CA ILE D 234 -1.99 6.04 23.22
C ILE D 234 -0.61 5.90 23.83
N LEU D 235 -0.13 6.97 24.46
CA LEU D 235 1.12 6.94 25.22
C LEU D 235 0.79 7.12 26.69
N THR D 236 1.18 6.14 27.51
CA THR D 236 0.76 6.07 28.89
C THR D 236 1.97 6.26 29.81
N PHE D 237 1.79 7.08 30.84
CA PHE D 237 2.80 7.28 31.88
C PHE D 237 2.08 7.33 33.22
N LYS D 238 2.30 6.33 34.06
CA LYS D 238 1.59 6.22 35.33
C LYS D 238 2.59 6.11 36.47
N GLU D 239 2.20 6.63 37.62
CA GLU D 239 2.97 6.51 38.84
C GLU D 239 2.03 6.07 39.96
N PRO D 240 2.37 5.00 40.70
CA PRO D 240 1.49 4.56 41.78
C PRO D 240 1.52 5.44 43.02
N PHE D 241 2.32 6.50 43.01
CA PHE D 241 2.52 7.34 44.18
C PHE D 241 2.32 8.80 43.82
N GLY D 242 2.13 9.62 44.85
CA GLY D 242 1.91 11.04 44.66
C GLY D 242 3.18 11.87 44.74
N THR D 243 3.12 13.00 45.44
CA THR D 243 4.27 13.89 45.56
C THR D 243 4.99 13.76 46.92
N GLU D 244 4.27 13.41 47.97
CA GLU D 244 4.84 13.06 49.28
C GLU D 244 5.78 14.16 49.79
N GLY D 245 5.18 15.32 50.06
CA GLY D 245 5.90 16.42 50.69
C GLY D 245 6.78 17.23 49.77
N ARG D 246 6.80 16.92 48.47
CA ARG D 246 7.53 17.70 47.48
C ARG D 246 6.58 18.50 46.59
N GLY D 247 5.37 18.78 47.10
CA GLY D 247 4.30 19.30 46.29
C GLY D 247 4.43 20.75 45.88
N GLY D 248 5.41 21.48 46.42
CA GLY D 248 5.58 22.87 46.00
C GLY D 248 5.99 22.99 44.54
N TYR D 249 6.96 22.19 44.11
CA TYR D 249 7.43 22.26 42.74
C TYR D 249 6.39 21.71 41.76
N PHE D 250 5.70 20.65 42.16
CA PHE D 250 4.64 20.11 41.32
C PHE D 250 3.47 21.08 41.23
N ASP D 251 3.17 21.79 42.32
CA ASP D 251 2.15 22.84 42.27
C ASP D 251 2.58 23.96 41.33
N GLU D 252 3.86 24.31 41.35
CA GLU D 252 4.37 25.31 40.42
C GLU D 252 4.19 24.88 38.97
N PHE D 253 4.49 23.60 38.69
CA PHE D 253 4.57 23.16 37.29
C PHE D 253 3.26 22.58 36.76
N GLY D 254 2.81 21.49 37.34
CA GLY D 254 1.67 20.76 36.77
C GLY D 254 2.11 19.59 35.91
N ILE D 255 1.27 18.55 35.89
CA ILE D 255 1.64 17.29 35.26
C ILE D 255 1.87 17.47 33.76
N ILE D 256 1.18 18.42 33.14
CA ILE D 256 1.35 18.65 31.71
C ILE D 256 2.81 19.00 31.41
N ARG D 257 3.27 20.13 31.95
CA ARG D 257 4.64 20.54 31.67
C ARG D 257 5.66 19.69 32.42
N ASP D 258 5.22 18.81 33.32
CA ASP D 258 6.13 17.84 33.91
C ASP D 258 6.46 16.71 32.94
N VAL D 259 5.44 16.01 32.44
CA VAL D 259 5.73 14.79 31.69
C VAL D 259 5.29 14.87 30.23
N MET D 260 4.20 15.57 29.92
CA MET D 260 3.68 15.52 28.56
C MET D 260 4.54 16.34 27.61
N GLN D 261 5.07 17.47 28.09
CA GLN D 261 5.83 18.35 27.22
C GLN D 261 7.13 17.69 26.76
N ASN D 262 7.71 16.81 27.57
CA ASN D 262 8.99 16.19 27.23
C ASN D 262 8.89 14.70 26.97
N HIS D 263 8.47 13.89 27.95
CA HIS D 263 8.59 12.43 27.81
C HIS D 263 7.57 11.91 26.80
N LEU D 264 6.29 12.20 27.06
CA LEU D 264 5.24 11.72 26.18
C LEU D 264 5.39 12.29 24.78
N LEU D 265 5.75 13.57 24.69
CA LEU D 265 5.88 14.19 23.37
C LEU D 265 7.08 13.64 22.60
N GLN D 266 8.17 13.30 23.28
CA GLN D 266 9.30 12.70 22.57
C GLN D 266 8.99 11.28 22.13
N MET D 267 8.27 10.52 22.96
CA MET D 267 7.81 9.21 22.49
C MET D 267 6.87 9.36 21.31
N LEU D 268 6.03 10.39 21.31
CA LEU D 268 5.17 10.67 20.16
C LEU D 268 6.01 10.98 18.92
N CYS D 269 7.06 11.77 19.08
CA CYS D 269 7.93 12.09 17.94
C CYS D 269 8.57 10.84 17.37
N LEU D 270 9.08 9.97 18.25
CA LEU D 270 9.73 8.75 17.76
C LEU D 270 8.74 7.78 17.15
N VAL D 271 7.50 7.76 17.65
CA VAL D 271 6.47 6.89 17.07
C VAL D 271 6.05 7.41 15.70
N ALA D 272 5.92 8.72 15.55
CA ALA D 272 5.33 9.32 14.36
C ALA D 272 6.36 9.83 13.35
N MET D 273 7.66 9.69 13.63
CA MET D 273 8.67 10.23 12.74
C MET D 273 8.72 9.46 11.43
N GLU D 274 9.28 10.12 10.41
CA GLU D 274 9.54 9.48 9.13
C GLU D 274 10.90 8.79 9.16
N LYS D 275 11.15 7.94 8.16
CA LYS D 275 12.40 7.21 8.10
C LYS D 275 13.55 8.16 7.80
N PRO D 276 14.59 8.18 8.63
CA PRO D 276 15.73 9.07 8.36
C PRO D 276 16.54 8.61 7.16
N ALA D 277 17.25 9.56 6.57
CA ALA D 277 18.18 9.21 5.50
C ALA D 277 19.32 8.35 6.00
N SER D 278 19.71 8.53 7.26
CA SER D 278 20.75 7.73 7.89
C SER D 278 20.54 7.76 9.40
N THR D 279 21.27 6.89 10.10
CA THR D 279 21.18 6.85 11.56
C THR D 279 21.89 8.01 12.23
N ASN D 280 22.30 9.03 11.48
CA ASN D 280 22.95 10.19 12.07
C ASN D 280 21.96 10.96 12.93
N SER D 281 22.51 11.65 13.95
CA SER D 281 21.66 12.38 14.88
C SER D 281 20.89 13.49 14.20
N ASP D 282 21.55 14.25 13.33
CA ASP D 282 20.91 15.41 12.71
C ASP D 282 19.70 15.00 11.88
N ASP D 283 19.82 13.93 11.10
CA ASP D 283 18.67 13.47 10.31
C ASP D 283 17.48 13.13 11.19
N VAL D 284 17.71 12.29 12.22
CA VAL D 284 16.62 11.85 13.08
C VAL D 284 15.95 13.04 13.74
N ARG D 285 16.75 13.96 14.26
CA ARG D 285 16.18 15.17 14.85
C ARG D 285 15.41 15.99 13.81
N ASP D 286 15.83 15.92 12.54
CA ASP D 286 15.10 16.64 11.49
C ASP D 286 13.70 16.05 11.28
N GLU D 287 13.59 14.73 11.14
CA GLU D 287 12.22 14.20 11.01
C GLU D 287 11.41 14.38 12.29
N LYS D 288 12.05 14.34 13.46
CA LYS D 288 11.31 14.55 14.70
C LYS D 288 10.71 15.96 14.75
N VAL D 289 11.51 16.98 14.42
CA VAL D 289 10.96 18.32 14.42
C VAL D 289 9.96 18.51 13.28
N LYS D 290 10.16 17.82 12.16
CA LYS D 290 9.20 17.88 11.06
C LYS D 290 7.85 17.36 11.50
N VAL D 291 7.83 16.27 12.27
CA VAL D 291 6.57 15.74 12.78
C VAL D 291 5.97 16.68 13.83
N LEU D 292 6.82 17.26 14.67
CA LEU D 292 6.30 18.21 15.67
C LEU D 292 5.65 19.42 15.01
N LYS D 293 6.21 19.87 13.90
CA LYS D 293 5.67 21.06 13.22
C LYS D 293 4.30 20.82 12.63
N CYS D 294 3.83 19.58 12.54
CA CYS D 294 2.55 19.24 11.95
C CYS D 294 1.43 19.11 12.98
N ILE D 295 1.67 19.50 14.23
CA ILE D 295 0.69 19.38 15.31
C ILE D 295 0.15 20.76 15.64
N SER D 296 -1.18 20.89 15.68
CA SER D 296 -1.82 22.13 16.07
C SER D 296 -1.83 22.26 17.59
N GLU D 297 -2.05 23.49 18.05
CA GLU D 297 -2.07 23.75 19.49
C GLU D 297 -3.29 23.09 20.14
N VAL D 298 -3.16 22.83 21.44
CA VAL D 298 -4.15 22.01 22.15
C VAL D 298 -5.42 22.83 22.37
N GLN D 299 -6.55 22.28 21.94
CA GLN D 299 -7.84 22.86 22.25
C GLN D 299 -8.21 22.58 23.71
N ALA D 300 -9.06 23.43 24.26
CA ALA D 300 -9.46 23.29 25.67
C ALA D 300 -10.56 22.26 25.87
N ASN D 301 -11.11 21.69 24.80
CA ASN D 301 -12.15 20.69 24.90
C ASN D 301 -11.62 19.26 24.72
N ASN D 302 -10.31 19.09 24.58
CA ASN D 302 -9.70 17.78 24.43
C ASN D 302 -8.81 17.43 25.63
N VAL D 303 -8.97 18.14 26.74
CA VAL D 303 -8.11 17.98 27.91
C VAL D 303 -8.97 17.55 29.10
N VAL D 304 -8.55 16.48 29.76
CA VAL D 304 -9.15 16.03 31.01
C VAL D 304 -8.13 16.20 32.11
N LEU D 305 -8.52 16.89 33.19
CA LEU D 305 -7.61 17.21 34.28
C LEU D 305 -8.15 16.63 35.58
N GLY D 306 -7.25 16.11 36.40
CA GLY D 306 -7.64 15.46 37.64
C GLY D 306 -6.72 15.83 38.78
N GLN D 307 -7.30 15.94 39.97
CA GLN D 307 -6.58 16.19 41.20
C GLN D 307 -6.97 15.12 42.20
N TYR D 308 -5.98 14.50 42.84
CA TYR D 308 -6.22 13.32 43.65
C TYR D 308 -6.52 13.70 45.11
N VAL D 309 -7.43 12.95 45.72
CA VAL D 309 -7.77 13.08 47.12
C VAL D 309 -7.49 11.76 47.82
N GLY D 310 -7.23 11.83 49.11
CA GLY D 310 -6.83 10.64 49.84
C GLY D 310 -7.91 9.58 49.86
N ASN D 311 -7.49 8.33 49.82
CA ASN D 311 -8.41 7.20 49.87
C ASN D 311 -8.89 6.99 51.30
N PRO D 312 -10.20 6.93 51.53
CA PRO D 312 -10.70 6.67 52.89
C PRO D 312 -10.11 5.42 53.54
N ASP D 313 -9.90 4.36 52.75
CA ASP D 313 -9.36 3.11 53.25
C ASP D 313 -7.93 2.89 52.78
N GLY D 314 -7.17 3.97 52.58
CA GLY D 314 -5.81 3.86 52.13
C GLY D 314 -4.85 3.45 53.23
N GLU D 315 -3.60 3.22 52.83
CA GLU D 315 -2.55 2.75 53.75
C GLU D 315 -1.47 3.82 53.81
N GLY D 316 -1.33 4.46 54.97
CA GLY D 316 -0.28 5.44 55.18
C GLY D 316 -0.35 6.62 54.25
N GLU D 317 0.57 6.67 53.28
CA GLU D 317 0.60 7.77 52.31
C GLU D 317 -0.68 7.83 51.48
N ALA D 318 -1.42 6.74 51.38
CA ALA D 318 -2.61 6.71 50.54
C ALA D 318 -3.79 7.45 51.17
N THR D 319 -3.75 7.75 52.46
CA THR D 319 -4.85 8.42 53.12
C THR D 319 -4.85 9.93 52.92
N LYS D 320 -3.80 10.49 52.33
CA LYS D 320 -3.70 11.93 52.12
C LYS D 320 -3.93 12.26 50.65
N GLY D 321 -4.56 13.41 50.41
CA GLY D 321 -4.77 13.91 49.07
C GLY D 321 -3.76 14.99 48.70
N TYR D 322 -3.93 15.50 47.47
CA TYR D 322 -3.03 16.55 47.01
C TYR D 322 -3.24 17.85 47.79
N LEU D 323 -4.45 18.07 48.29
CA LEU D 323 -4.73 19.22 49.14
C LEU D 323 -4.40 18.95 50.60
N ASP D 324 -3.99 17.73 50.96
CA ASP D 324 -3.61 17.38 52.32
C ASP D 324 -2.11 17.48 52.54
N ASP D 325 -1.41 18.26 51.72
CA ASP D 325 0.03 18.42 51.83
C ASP D 325 0.34 19.83 52.27
N PRO D 326 0.98 20.03 53.44
CA PRO D 326 1.10 21.39 54.00
C PRO D 326 1.87 22.36 53.12
N THR D 327 2.88 21.91 52.38
CA THR D 327 3.66 22.83 51.56
C THR D 327 2.93 23.26 50.29
N VAL D 328 1.82 22.62 49.96
CA VAL D 328 1.01 23.06 48.82
C VAL D 328 0.16 24.26 49.24
N PRO D 329 0.21 25.37 48.51
CA PRO D 329 -0.65 26.51 48.84
C PRO D 329 -2.13 26.11 48.81
N ARG D 330 -2.89 26.69 49.74
CA ARG D 330 -4.29 26.31 49.89
C ARG D 330 -5.12 26.71 48.68
N GLY D 331 -6.11 25.89 48.36
CA GLY D 331 -7.04 26.19 47.28
C GLY D 331 -6.39 26.26 45.91
N SER D 332 -5.53 25.29 45.60
CA SER D 332 -4.84 25.24 44.33
C SER D 332 -5.54 24.27 43.39
N THR D 333 -5.63 24.64 42.11
CA THR D 333 -6.30 23.85 41.10
C THR D 333 -5.32 23.07 40.23
N THR D 334 -4.06 22.98 40.61
CA THR D 334 -3.09 22.22 39.84
C THR D 334 -3.51 20.76 39.79
N ALA D 335 -3.46 20.18 38.59
CA ALA D 335 -3.93 18.83 38.35
C ALA D 335 -2.77 17.84 38.38
N THR D 336 -3.08 16.61 38.80
CA THR D 336 -2.10 15.54 38.92
C THR D 336 -2.35 14.44 37.89
N PHE D 337 -3.02 14.78 36.79
CA PHE D 337 -3.41 13.82 35.77
C PHE D 337 -3.85 14.61 34.54
N ALA D 338 -3.59 14.04 33.37
CA ALA D 338 -3.92 14.73 32.12
C ALA D 338 -3.99 13.73 30.98
N ALA D 339 -5.11 13.72 30.27
CA ALA D 339 -5.28 12.96 29.04
C ALA D 339 -5.65 13.95 27.94
N VAL D 340 -4.75 14.13 26.98
CA VAL D 340 -4.91 15.13 25.93
C VAL D 340 -4.76 14.45 24.59
N VAL D 341 -5.59 14.85 23.63
CA VAL D 341 -5.59 14.30 22.28
C VAL D 341 -4.84 15.24 21.36
N LEU D 342 -3.84 14.71 20.66
CA LEU D 342 -3.06 15.48 19.70
C LEU D 342 -3.25 14.91 18.30
N TYR D 343 -3.17 15.79 17.30
CA TYR D 343 -3.33 15.41 15.91
C TYR D 343 -2.11 15.89 15.12
N VAL D 344 -1.54 14.98 14.34
CA VAL D 344 -0.41 15.28 13.47
C VAL D 344 -0.92 15.28 12.04
N GLU D 345 -1.31 16.45 11.54
CA GLU D 345 -1.92 16.54 10.22
C GLU D 345 -0.82 16.48 9.16
N ASN D 346 -0.60 15.27 8.64
CA ASN D 346 0.32 15.05 7.54
C ASN D 346 -0.16 13.85 6.74
N GLU D 347 0.59 13.49 5.70
CA GLU D 347 0.17 12.42 4.80
C GLU D 347 0.12 11.06 5.49
N ARG D 348 0.80 10.90 6.63
CA ARG D 348 0.85 9.61 7.31
C ARG D 348 -0.02 9.55 8.55
N TRP D 349 -0.26 10.68 9.23
CA TRP D 349 -0.95 10.68 10.51
C TRP D 349 -2.19 11.57 10.51
N ASP D 350 -2.79 11.82 9.36
CA ASP D 350 -3.93 12.71 9.29
C ASP D 350 -5.16 12.02 9.88
N GLY D 351 -5.75 12.64 10.90
CA GLY D 351 -7.01 12.19 11.46
C GLY D 351 -6.91 11.18 12.58
N VAL D 352 -5.72 10.66 12.86
CA VAL D 352 -5.53 9.66 13.90
C VAL D 352 -5.22 10.39 15.21
N PRO D 353 -6.00 10.19 16.26
CA PRO D 353 -5.73 10.86 17.53
C PRO D 353 -4.50 10.30 18.22
N PHE D 354 -3.83 11.15 18.98
CA PHE D 354 -2.67 10.78 19.80
C PHE D 354 -3.04 11.09 21.24
N ILE D 355 -3.66 10.13 21.91
CA ILE D 355 -4.13 10.34 23.28
C ILE D 355 -2.95 10.18 24.23
N LEU D 356 -2.44 11.29 24.75
CA LEU D 356 -1.35 11.27 25.71
C LEU D 356 -1.94 11.27 27.11
N ARG D 357 -2.05 10.09 27.72
CA ARG D 357 -2.63 9.94 29.04
C ARG D 357 -1.52 9.73 30.06
N CYS D 358 -1.48 10.61 31.06
CA CYS D 358 -0.50 10.52 32.14
C CYS D 358 -1.18 10.85 33.44
N GLY D 359 -0.60 10.36 34.54
CA GLY D 359 -1.13 10.69 35.84
C GLY D 359 -0.33 10.13 37.00
N LYS D 360 -0.05 10.98 37.99
CA LYS D 360 0.52 10.54 39.25
C LYS D 360 -0.61 10.10 40.17
N ALA D 361 -0.23 9.36 41.22
CA ALA D 361 -1.17 8.80 42.19
C ALA D 361 -2.13 7.79 41.55
N LEU D 362 -1.74 7.21 40.41
CA LEU D 362 -2.57 6.24 39.73
C LEU D 362 -2.37 4.86 40.37
N ASN D 363 -2.85 3.82 39.71
CA ASN D 363 -2.87 2.49 40.30
C ASN D 363 -1.58 1.69 40.09
N GLU D 364 -0.66 2.17 39.26
CA GLU D 364 0.54 1.39 38.97
C GLU D 364 1.58 2.31 38.33
N ARG D 365 2.73 1.72 38.00
CA ARG D 365 3.79 2.38 37.27
C ARG D 365 3.93 1.72 35.91
N LYS D 366 3.85 2.52 34.85
CA LYS D 366 3.90 1.97 33.50
C LYS D 366 4.19 3.09 32.51
N ALA D 367 5.22 2.89 31.69
CA ALA D 367 5.46 3.70 30.50
C ALA D 367 5.18 2.81 29.29
N GLU D 368 4.16 3.17 28.51
CA GLU D 368 3.62 2.27 27.52
C GLU D 368 3.23 3.03 26.26
N VAL D 369 3.61 2.49 25.11
CA VAL D 369 3.24 3.03 23.81
C VAL D 369 2.27 2.05 23.17
N ARG D 370 1.02 2.50 22.96
CA ARG D 370 -0.06 1.65 22.50
C ARG D 370 -0.60 2.20 21.18
N LEU D 371 -0.58 1.38 20.13
CA LEU D 371 -1.12 1.73 18.82
C LEU D 371 -2.31 0.81 18.55
N GLN D 372 -3.52 1.34 18.67
CA GLN D 372 -4.72 0.58 18.36
C GLN D 372 -4.99 0.66 16.88
N PHE D 373 -4.81 -0.47 16.18
CA PHE D 373 -5.03 -0.51 14.74
C PHE D 373 -6.52 -0.47 14.41
N HIS D 374 -6.82 -0.20 13.15
CA HIS D 374 -8.20 -0.14 12.70
C HIS D 374 -8.83 -1.54 12.69
N ASP D 375 -10.16 -1.56 12.70
CA ASP D 375 -10.89 -2.80 12.52
C ASP D 375 -10.55 -3.42 11.17
N VAL D 376 -10.43 -4.75 11.15
CA VAL D 376 -10.11 -5.45 9.92
C VAL D 376 -11.23 -5.24 8.91
N ALA D 377 -10.86 -4.79 7.72
CA ALA D 377 -11.87 -4.48 6.69
C ALA D 377 -12.58 -5.76 6.24
N GLY D 378 -13.90 -5.67 6.12
CA GLY D 378 -14.69 -6.82 5.74
C GLY D 378 -14.60 -7.95 6.74
N ASP D 379 -15.14 -7.72 7.94
CA ASP D 379 -15.04 -8.71 9.01
C ASP D 379 -15.82 -9.96 8.64
N ILE D 380 -15.13 -11.09 8.55
CA ILE D 380 -15.74 -12.37 8.21
C ILE D 380 -15.96 -13.25 9.42
N PHE D 381 -15.58 -12.80 10.61
CA PHE D 381 -15.68 -13.60 11.83
C PHE D 381 -16.80 -13.13 12.75
N HIS D 382 -17.79 -12.42 12.21
CA HIS D 382 -19.00 -12.04 12.94
C HIS D 382 -18.68 -11.17 14.16
N GLN D 383 -17.88 -10.13 13.94
CA GLN D 383 -17.56 -9.12 14.94
C GLN D 383 -16.88 -9.69 16.18
N GLN D 384 -16.35 -10.92 16.10
CA GLN D 384 -15.58 -11.45 17.20
C GLN D 384 -14.14 -10.95 17.21
N CYS D 385 -13.67 -10.40 16.11
CA CYS D 385 -12.35 -9.79 16.08
C CYS D 385 -12.36 -8.43 16.78
N LYS D 386 -11.21 -8.05 17.31
CA LYS D 386 -11.05 -6.77 17.98
C LYS D 386 -9.75 -6.12 17.52
N ARG D 387 -9.67 -4.82 17.71
CA ARG D 387 -8.57 -4.04 17.14
C ARG D 387 -7.22 -4.54 17.66
N ASN D 388 -6.30 -4.78 16.73
CA ASN D 388 -4.94 -5.17 17.10
C ASN D 388 -4.22 -3.99 17.75
N GLU D 389 -3.26 -4.31 18.62
CA GLU D 389 -2.57 -3.29 19.38
C GLU D 389 -1.11 -3.70 19.53
N LEU D 390 -0.21 -2.95 18.90
CA LEU D 390 1.21 -3.10 19.15
C LEU D 390 1.55 -2.29 20.39
N VAL D 391 1.92 -2.98 21.47
CA VAL D 391 2.22 -2.37 22.75
C VAL D 391 3.70 -2.52 23.02
N ILE D 392 4.36 -1.40 23.33
CA ILE D 392 5.81 -1.37 23.55
C ILE D 392 6.01 -0.75 24.94
N ARG D 393 6.10 -1.60 25.96
CA ARG D 393 6.19 -1.14 27.34
C ARG D 393 7.62 -0.75 27.65
N VAL D 394 7.84 0.54 27.89
CA VAL D 394 9.19 1.02 28.18
C VAL D 394 9.65 0.55 29.56
N GLN D 395 8.76 0.63 30.55
CA GLN D 395 9.10 0.25 31.91
C GLN D 395 7.83 0.11 32.75
N PRO D 396 7.78 -0.85 33.70
CA PRO D 396 8.82 -1.86 33.93
C PRO D 396 8.58 -3.10 33.08
N ASN D 397 9.47 -4.09 33.18
CA ASN D 397 9.34 -5.35 32.46
C ASN D 397 9.24 -5.11 30.94
N GLU D 398 10.35 -4.60 30.41
CA GLU D 398 10.45 -4.24 29.00
C GLU D 398 10.01 -5.41 28.12
N ALA D 399 9.09 -5.13 27.20
CA ALA D 399 8.54 -6.19 26.36
C ALA D 399 7.79 -5.58 25.18
N VAL D 400 7.89 -6.22 24.02
CA VAL D 400 7.08 -5.90 22.85
C VAL D 400 6.08 -7.03 22.67
N TYR D 401 4.79 -6.68 22.64
CA TYR D 401 3.76 -7.67 22.36
C TYR D 401 2.65 -7.03 21.54
N THR D 402 2.32 -7.66 20.41
CA THR D 402 1.26 -7.20 19.53
C THR D 402 0.00 -7.97 19.87
N LYS D 403 -1.02 -7.27 20.35
CA LYS D 403 -2.27 -7.94 20.69
C LYS D 403 -2.98 -8.39 19.42
N MET D 404 -2.71 -9.62 19.00
CA MET D 404 -3.20 -10.17 17.74
C MET D 404 -4.31 -11.18 18.00
N MET D 405 -5.10 -11.43 16.96
CA MET D 405 -6.23 -12.35 17.04
C MET D 405 -5.81 -13.71 16.49
N THR D 406 -5.66 -14.68 17.38
CA THR D 406 -5.38 -16.06 17.00
C THR D 406 -6.61 -16.92 17.26
N LYS D 407 -6.63 -18.10 16.64
CA LYS D 407 -7.75 -19.00 16.83
C LYS D 407 -7.68 -19.62 18.22
N LYS D 408 -8.83 -19.79 18.85
CA LYS D 408 -8.89 -20.30 20.21
C LYS D 408 -8.39 -21.75 20.26
N PRO D 409 -7.36 -22.05 21.05
CA PRO D 409 -6.84 -23.42 21.08
C PRO D 409 -7.87 -24.42 21.56
N GLY D 410 -7.83 -25.61 20.98
CA GLY D 410 -8.76 -26.66 21.32
C GLY D 410 -9.94 -26.74 20.37
N MET D 411 -11.01 -27.37 20.85
CA MET D 411 -12.24 -27.50 20.08
C MET D 411 -13.01 -26.19 20.05
N PHE D 412 -12.44 -25.16 19.43
CA PHE D 412 -13.13 -23.89 19.21
C PHE D 412 -12.71 -23.34 17.86
N PHE D 413 -13.58 -22.51 17.28
CA PHE D 413 -13.32 -21.88 15.99
C PHE D 413 -13.28 -20.36 16.05
N ASN D 414 -13.91 -19.74 17.06
CA ASN D 414 -13.87 -18.30 17.16
C ASN D 414 -12.48 -17.82 17.59
N PRO D 415 -12.04 -16.67 17.09
CA PRO D 415 -10.74 -16.14 17.50
C PRO D 415 -10.81 -15.47 18.87
N GLU D 416 -9.65 -15.41 19.51
CA GLU D 416 -9.50 -14.73 20.79
C GLU D 416 -8.24 -13.88 20.76
N GLU D 417 -8.22 -12.87 21.63
CA GLU D 417 -7.06 -11.98 21.71
C GLU D 417 -5.88 -12.71 22.32
N SER D 418 -4.73 -12.62 21.66
CA SER D 418 -3.47 -13.15 22.16
C SER D 418 -2.38 -12.14 21.81
N GLU D 419 -1.12 -12.55 21.98
CA GLU D 419 -0.02 -11.64 21.71
C GLU D 419 1.19 -12.41 21.20
N LEU D 420 1.99 -11.72 20.38
CA LEU D 420 3.32 -12.20 19.99
C LEU D 420 4.30 -11.43 20.86
N ASP D 421 4.81 -12.08 21.89
CA ASP D 421 5.49 -11.41 22.99
C ASP D 421 7.00 -11.61 22.88
N LEU D 422 7.74 -10.51 23.00
CA LEU D 422 9.19 -10.54 23.17
C LEU D 422 9.51 -9.74 24.43
N THR D 423 9.93 -10.42 25.49
CA THR D 423 10.12 -9.81 26.80
C THR D 423 11.60 -9.85 27.16
N TYR D 424 12.15 -8.69 27.53
CA TYR D 424 13.52 -8.60 28.03
C TYR D 424 13.51 -9.03 29.49
N GLY D 425 14.07 -10.21 29.77
CA GLY D 425 14.02 -10.78 31.10
C GLY D 425 13.70 -12.26 31.02
N ASN D 426 12.91 -12.64 30.02
CA ASN D 426 12.68 -14.03 29.69
C ASN D 426 13.46 -14.48 28.47
N ARG D 427 13.95 -13.54 27.67
CA ARG D 427 14.78 -13.82 26.50
C ARG D 427 16.22 -13.36 26.66
N TYR D 428 16.45 -12.28 27.38
CA TYR D 428 17.78 -11.72 27.62
C TYR D 428 18.03 -11.55 29.12
N LYS D 429 17.73 -12.61 29.88
CA LYS D 429 17.84 -12.54 31.32
C LYS D 429 19.27 -12.30 31.79
N ASN D 430 20.25 -12.78 31.04
CA ASN D 430 21.65 -12.60 31.41
C ASN D 430 22.21 -11.25 30.99
N VAL D 431 21.46 -10.46 30.22
CA VAL D 431 21.89 -9.14 29.78
C VAL D 431 21.28 -8.10 30.68
N LYS D 432 22.13 -7.25 31.27
CA LYS D 432 21.68 -6.20 32.18
C LYS D 432 21.36 -4.95 31.38
N LEU D 433 20.09 -4.58 31.31
CA LEU D 433 19.70 -3.34 30.66
C LEU D 433 20.14 -2.17 31.53
N PRO D 434 20.98 -1.27 31.03
CA PRO D 434 21.55 -0.22 31.88
C PRO D 434 20.56 0.90 32.14
N ASP D 435 20.91 1.74 33.11
CA ASP D 435 20.12 2.92 33.41
C ASP D 435 20.21 3.92 32.26
N ALA D 436 19.20 4.76 32.14
CA ALA D 436 19.14 5.71 31.04
C ALA D 436 20.30 6.71 31.10
N TYR D 437 20.65 7.17 32.30
CA TYR D 437 21.71 8.16 32.43
C TYR D 437 23.05 7.61 31.97
N GLU D 438 23.31 6.32 32.26
CA GLU D 438 24.54 5.69 31.78
C GLU D 438 24.67 5.81 30.27
N ARG D 439 23.61 5.42 29.56
CA ARG D 439 23.65 5.42 28.10
C ARG D 439 23.70 6.84 27.54
N LEU D 440 22.99 7.78 28.19
CA LEU D 440 23.03 9.17 27.73
C LEU D 440 24.42 9.76 27.90
N ILE D 441 25.06 9.53 29.03
CA ILE D 441 26.41 10.06 29.25
C ILE D 441 27.39 9.39 28.30
N LEU D 442 27.20 8.09 28.03
CA LEU D 442 28.05 7.43 27.04
C LEU D 442 27.87 8.03 25.66
N ASP D 443 26.63 8.39 25.31
CA ASP D 443 26.38 9.06 24.02
C ASP D 443 27.07 10.42 23.97
N VAL D 444 27.02 11.18 25.07
CA VAL D 444 27.72 12.47 25.10
C VAL D 444 29.22 12.26 24.93
N PHE D 445 29.77 11.24 25.59
CA PHE D 445 31.19 10.95 25.44
C PHE D 445 31.53 10.56 24.01
N CYS D 446 30.67 9.78 23.37
CA CYS D 446 30.91 9.34 22.00
C CYS D 446 30.53 10.38 20.95
N GLY D 447 29.89 11.47 21.35
CA GLY D 447 29.52 12.51 20.42
C GLY D 447 28.21 12.28 19.68
N SER D 448 27.42 11.30 20.09
CA SER D 448 26.13 11.03 19.45
C SER D 448 25.05 11.91 20.08
N GLN D 449 24.32 12.65 19.25
CA GLN D 449 23.30 13.58 19.70
C GLN D 449 21.90 13.13 19.30
N MET D 450 21.71 11.85 18.99
CA MET D 450 20.44 11.37 18.47
C MET D 450 19.34 11.45 19.52
N HIS D 451 19.67 11.17 20.78
CA HIS D 451 18.67 11.07 21.84
C HIS D 451 18.67 12.30 22.73
N PHE D 452 18.86 13.50 22.15
CA PHE D 452 18.89 14.74 22.91
C PHE D 452 18.03 15.78 22.20
N VAL D 453 17.53 16.73 22.99
CA VAL D 453 16.57 17.71 22.51
C VAL D 453 17.30 18.87 21.86
N ARG D 454 17.00 19.15 20.60
CA ARG D 454 17.48 20.31 19.89
C ARG D 454 16.48 21.47 20.08
N SER D 455 16.95 22.69 19.81
CA SER D 455 16.18 23.88 20.16
C SER D 455 14.84 23.93 19.44
N ASP D 456 14.81 23.55 18.16
CA ASP D 456 13.61 23.77 17.36
C ASP D 456 12.46 22.84 17.78
N GLU D 457 12.75 21.58 18.09
CA GLU D 457 11.64 20.74 18.53
C GLU D 457 11.19 21.13 19.94
N LEU D 458 12.10 21.67 20.75
CA LEU D 458 11.67 22.24 22.04
C LEU D 458 10.71 23.41 21.82
N ARG D 459 11.05 24.29 20.88
CA ARG D 459 10.17 25.41 20.60
C ARG D 459 8.80 24.94 20.11
N GLU D 460 8.79 23.94 19.22
CA GLU D 460 7.51 23.40 18.77
C GLU D 460 6.73 22.77 19.91
N ALA D 461 7.41 21.97 20.75
CA ALA D 461 6.74 21.28 21.84
C ALA D 461 6.11 22.28 22.81
N TRP D 462 6.80 23.38 23.08
CA TRP D 462 6.21 24.42 23.89
C TRP D 462 5.10 25.15 23.14
N ARG D 463 5.20 25.22 21.82
CA ARG D 463 4.19 25.92 21.03
C ARG D 463 2.84 25.21 21.09
N ILE D 464 2.84 23.88 21.03
CA ILE D 464 1.56 23.17 21.12
C ILE D 464 0.87 23.42 22.46
N PHE D 465 1.63 23.37 23.56
CA PHE D 465 1.02 23.35 24.89
C PHE D 465 0.90 24.72 25.57
N THR D 466 1.58 25.75 25.07
CA THR D 466 1.58 27.04 25.78
C THR D 466 0.20 27.68 25.86
N PRO D 467 -0.60 27.78 24.78
CA PRO D 467 -1.93 28.40 24.95
C PRO D 467 -2.80 27.67 25.96
N LEU D 468 -2.74 26.34 25.99
CA LEU D 468 -3.53 25.59 26.97
C LEU D 468 -3.07 25.88 28.39
N LEU D 469 -1.75 25.95 28.61
CA LEU D 469 -1.24 26.25 29.94
C LEU D 469 -1.65 27.65 30.39
N HIS D 470 -1.57 28.63 29.48
CA HIS D 470 -1.99 29.98 29.84
C HIS D 470 -3.49 30.04 30.13
N GLN D 471 -4.30 29.33 29.33
CA GLN D 471 -5.73 29.33 29.57
C GLN D 471 -6.06 28.70 30.91
N ILE D 472 -5.39 27.60 31.26
CA ILE D 472 -5.64 26.97 32.55
C ILE D 472 -5.18 27.86 33.69
N GLU D 473 -4.04 28.53 33.53
CA GLU D 473 -3.54 29.40 34.58
C GLU D 473 -4.47 30.59 34.83
N LEU D 474 -5.01 31.17 33.76
CA LEU D 474 -5.90 32.31 33.91
C LEU D 474 -7.27 31.89 34.45
N GLU D 475 -7.84 30.81 33.89
CA GLU D 475 -9.21 30.45 34.22
C GLU D 475 -9.34 29.70 35.53
N LYS D 476 -8.31 28.94 35.92
CA LYS D 476 -8.39 27.99 37.04
C LYS D 476 -9.59 27.07 36.92
N PRO D 477 -9.60 26.12 35.99
CA PRO D 477 -10.67 25.12 35.96
C PRO D 477 -10.63 24.25 37.21
N LYS D 478 -11.67 23.43 37.36
CA LYS D 478 -11.74 22.49 38.47
C LYS D 478 -11.43 21.09 37.96
N PRO D 479 -10.28 20.52 38.28
CA PRO D 479 -10.00 19.15 37.86
C PRO D 479 -10.94 18.15 38.52
N ILE D 480 -11.27 17.09 37.79
CA ILE D 480 -12.18 16.07 38.29
C ILE D 480 -11.49 15.34 39.44
N PRO D 481 -12.06 15.33 40.64
CA PRO D 481 -11.45 14.59 41.75
C PRO D 481 -11.42 13.10 41.46
N TYR D 482 -10.29 12.48 41.78
CA TYR D 482 -10.14 11.04 41.64
C TYR D 482 -9.42 10.49 42.87
N ILE D 483 -9.93 9.37 43.40
CA ILE D 483 -9.39 8.82 44.63
C ILE D 483 -7.94 8.40 44.41
N TYR D 484 -7.13 8.57 45.46
CA TYR D 484 -5.73 8.19 45.40
C TYR D 484 -5.61 6.70 45.11
N GLY D 485 -4.74 6.34 44.18
CA GLY D 485 -4.55 4.96 43.80
C GLY D 485 -5.59 4.39 42.85
N SER D 486 -6.57 5.19 42.44
CA SER D 486 -7.57 4.75 41.47
C SER D 486 -7.01 4.94 40.07
N ARG D 487 -7.84 4.72 39.05
CA ARG D 487 -7.42 4.84 37.66
C ARG D 487 -7.67 6.24 37.10
N GLY D 488 -7.69 7.26 37.95
CA GLY D 488 -7.88 8.62 37.51
C GLY D 488 -9.35 8.92 37.22
N PRO D 489 -9.60 10.14 36.73
CA PRO D 489 -10.99 10.52 36.41
C PRO D 489 -11.56 9.66 35.30
N THR D 490 -12.87 9.43 35.38
CA THR D 490 -13.57 8.71 34.31
C THR D 490 -13.77 9.57 33.08
N GLU D 491 -13.65 10.90 33.21
CA GLU D 491 -13.81 11.77 32.06
C GLU D 491 -12.71 11.53 31.03
N ALA D 492 -11.52 11.12 31.48
CA ALA D 492 -10.47 10.74 30.54
C ALA D 492 -10.87 9.53 29.71
N ASP D 493 -11.49 8.54 30.35
CA ASP D 493 -12.00 7.39 29.61
C ASP D 493 -13.11 7.80 28.65
N GLU D 494 -13.99 8.72 29.08
CA GLU D 494 -15.01 9.21 28.18
C GLU D 494 -14.40 9.91 26.97
N LEU D 495 -13.34 10.68 27.19
CA LEU D 495 -12.62 11.30 26.08
C LEU D 495 -12.02 10.25 25.16
N MET D 496 -11.45 9.18 25.74
CA MET D 496 -10.87 8.12 24.93
C MET D 496 -11.90 7.47 24.03
N LYS D 497 -13.08 7.16 24.59
CA LYS D 497 -14.16 6.62 23.75
C LYS D 497 -14.62 7.64 22.71
N ARG D 498 -14.70 8.92 23.09
CA ARG D 498 -15.21 9.93 22.17
C ARG D 498 -14.29 10.12 20.96
N VAL D 499 -12.97 10.09 21.18
CA VAL D 499 -12.03 10.42 20.11
C VAL D 499 -11.68 9.22 19.22
N GLY D 500 -12.12 8.01 19.57
CA GLY D 500 -11.92 6.89 18.69
C GLY D 500 -11.41 5.62 19.34
N PHE D 501 -10.67 5.75 20.45
CA PHE D 501 -10.09 4.59 21.10
C PHE D 501 -11.17 3.65 21.61
N GLN D 502 -11.01 2.36 21.34
CA GLN D 502 -11.96 1.33 21.73
C GLN D 502 -11.36 0.51 22.86
N TYR D 503 -12.08 0.44 23.98
CA TYR D 503 -11.69 -0.40 25.11
C TYR D 503 -12.77 -1.44 25.35
N GLU D 504 -12.37 -2.71 25.40
CA GLU D 504 -13.30 -3.80 25.61
C GLU D 504 -13.15 -4.50 26.96
N GLY D 505 -11.94 -4.55 27.49
CA GLY D 505 -11.71 -5.18 28.79
C GLY D 505 -11.77 -6.68 28.80
N THR D 506 -11.82 -7.32 27.62
CA THR D 506 -11.90 -8.77 27.52
C THR D 506 -10.53 -9.42 27.39
N TYR D 507 -9.46 -8.65 27.38
CA TYR D 507 -8.11 -9.21 27.23
C TYR D 507 -7.69 -9.85 28.54
N LYS D 508 -7.52 -11.17 28.52
CA LYS D 508 -7.05 -11.92 29.68
C LYS D 508 -5.67 -12.47 29.36
N TRP D 509 -4.69 -12.13 30.20
CA TRP D 509 -3.30 -12.51 29.96
C TRP D 509 -2.76 -13.30 31.15
N VAL D 510 -2.05 -14.38 30.84
CA VAL D 510 -1.34 -15.18 31.84
C VAL D 510 0.12 -15.26 31.44
N ASN D 511 1.00 -15.18 32.42
CA ASN D 511 2.44 -15.19 32.16
C ASN D 511 2.91 -16.56 31.68
PA NAP E . -43.15 -6.84 -28.65
O1A NAP E . -44.48 -6.60 -28.00
O2A NAP E . -43.13 -6.20 -30.02
O5B NAP E . -42.89 -8.47 -28.80
C5B NAP E . -42.27 -8.93 -29.98
C4B NAP E . -42.97 -10.21 -30.50
O4B NAP E . -43.42 -10.93 -29.50
C3B NAP E . -44.24 -9.84 -31.27
O3B NAP E . -43.99 -9.72 -32.60
C2B NAP E . -45.10 -11.09 -31.01
O2B NAP E . -44.86 -12.11 -32.08
C1B NAP E . -44.66 -11.54 -29.85
N9A NAP E . -45.65 -11.25 -28.83
C8A NAP E . -46.06 -10.05 -28.39
N7A NAP E . -46.98 -10.26 -27.44
C5A NAP E . -47.14 -11.59 -27.31
C6A NAP E . -47.96 -12.34 -26.51
N6A NAP E . -48.94 -12.03 -25.49
N1A NAP E . -47.93 -13.66 -26.57
C2A NAP E . -47.09 -14.27 -27.44
N3A NAP E . -46.29 -13.55 -28.24
C4A NAP E . -46.31 -12.20 -28.18
O3 NAP E . -41.95 -6.18 -27.72
PN NAP E . -40.34 -6.49 -27.96
O1N NAP E . -40.06 -6.54 -29.45
O2N NAP E . -39.52 -5.41 -27.33
O5D NAP E . -39.97 -7.95 -27.27
C5D NAP E . -38.64 -8.41 -27.36
C4D NAP E . -38.06 -8.62 -25.93
O4D NAP E . -36.93 -7.95 -25.83
C3D NAP E . -39.07 -8.10 -24.88
O3D NAP E . -39.20 -9.02 -23.88
C2D NAP E . -38.40 -6.83 -24.35
O2D NAP E . -38.60 -6.72 -22.87
C1D NAP E . -36.94 -7.13 -24.67
N1N NAP E . -36.22 -5.91 -24.93
C2N NAP E . -36.77 -4.97 -25.74
C3N NAP E . -36.08 -3.79 -26.01
C7N NAP E . -36.70 -2.73 -26.92
O7N NAP E . -37.79 -2.90 -27.37
N7N NAP E . -35.96 -1.52 -27.23
C4N NAP E . -34.87 -3.57 -25.44
C5N NAP E . -34.33 -4.51 -24.63
C6N NAP E . -35.01 -5.69 -24.37
P2B NAP E . -45.87 -12.12 -33.37
O1X NAP E . -45.49 -13.25 -34.30
O2X NAP E . -45.75 -10.81 -34.12
O3X NAP E . -47.30 -12.31 -32.91
PA NAP F . -19.02 17.92 -11.87
O1A NAP F . -18.14 18.49 -10.78
O2A NAP F . -20.06 18.95 -12.27
O5B NAP F . -19.78 16.57 -11.31
C5B NAP F . -20.65 16.69 -10.22
C4B NAP F . -21.40 15.34 -10.02
O4B NAP F . -22.42 15.52 -9.22
C3B NAP F . -22.01 14.90 -11.35
O3B NAP F . -22.15 13.54 -11.38
C2B NAP F . -23.38 15.58 -11.26
O2B NAP F . -24.42 14.75 -11.95
C1B NAP F . -23.64 15.64 -9.98
N9A NAP F . -24.28 16.88 -9.67
C8A NAP F . -24.51 17.93 -10.46
N7A NAP F . -25.15 18.86 -9.75
C5A NAP F . -25.31 18.39 -8.50
C6A NAP F . -25.90 18.92 -7.38
N6A NAP F . -26.55 20.18 -7.08
N1A NAP F . -25.93 18.24 -6.26
C2A NAP F . -25.40 16.99 -6.21
N3A NAP F . -24.82 16.47 -7.31
C4A NAP F . -24.78 17.17 -8.45
O3 NAP F . -18.10 17.53 -13.18
PN NAP F . -18.74 17.07 -14.63
O1N NAP F . -20.24 17.17 -14.58
O2N NAP F . -18.32 15.66 -14.94
O5D NAP F . -18.16 18.08 -15.81
C5D NAP F . -19.00 19.08 -16.31
C4D NAP F . -19.21 18.83 -17.82
O4D NAP F . -18.04 18.68 -18.39
C3D NAP F . -20.03 17.54 -18.01
O3D NAP F . -21.17 17.80 -18.70
C2D NAP F . -19.11 16.65 -18.85
O2D NAP F . -19.86 16.00 -19.96
C1D NAP F . -18.12 17.68 -19.39
N1N NAP F . -16.84 17.08 -19.60
C2N NAP F . -16.63 16.26 -20.64
C3N NAP F . -15.39 15.69 -20.84
C7N NAP F . -15.17 14.75 -22.02
O7N NAP F . -15.95 14.73 -22.92
N7N NAP F . -13.99 13.90 -22.07
C4N NAP F . -14.37 15.95 -19.98
C5N NAP F . -14.57 16.77 -18.93
C6N NAP F . -15.83 17.35 -18.73
P2B NAP F . -25.18 15.41 -13.25
O1X NAP F . -25.24 14.40 -14.37
O2X NAP F . -24.42 16.63 -13.71
O3X NAP F . -26.59 15.81 -12.86
C1 BG6 G . -32.99 -0.40 -21.64
C2 BG6 G . -34.13 0.14 -20.79
O1 BG6 G . -32.46 -1.48 -21.01
O5 BG6 G . -31.91 0.62 -21.86
C3 BG6 G . -34.64 1.45 -21.27
O2 BG6 G . -35.22 -0.83 -20.82
C4 BG6 G . -33.53 2.45 -21.45
O3 BG6 G . -35.58 1.96 -20.31
C5 BG6 G . -32.44 1.91 -22.36
O4 BG6 G . -34.08 3.64 -22.04
C6 BG6 G . -31.31 2.90 -22.43
O6 BG6 G . -30.15 2.24 -22.92
P BG6 G . -29.44 2.84 -24.32
O1P BG6 G . -28.34 3.82 -23.97
O2P BG6 G . -28.85 1.67 -25.12
O3P BG6 G . -30.50 3.53 -25.15
PA NAP H . 28.66 38.24 -21.33
O1A NAP H . 30.07 37.88 -21.72
O2A NAP H . 28.10 39.23 -22.32
O5B NAP H . 28.66 38.91 -19.82
C5B NAP H . 27.82 40.00 -19.58
C4B NAP H . 28.61 41.14 -18.88
O4B NAP H . 29.75 40.68 -18.44
C3B NAP H . 29.01 42.22 -19.89
O3B NAP H . 28.17 43.28 -19.79
C2B NAP H . 30.42 42.60 -19.40
O2B NAP H . 30.36 43.94 -18.74
C1B NAP H . 30.74 41.69 -18.50
N9A NAP H . 32.00 41.09 -18.88
C8A NAP H . 32.39 40.64 -20.09
N7A NAP H . 33.62 40.15 -19.96
C5A NAP H . 34.00 40.30 -18.69
C6A NAP H . 35.17 39.98 -18.03
N6A NAP H . 36.41 39.36 -18.42
N1A NAP H . 35.28 40.24 -16.73
C2A NAP H . 34.26 40.82 -16.06
N3A NAP H . 33.12 41.14 -16.71
C4A NAP H . 32.99 40.88 -18.02
O3 NAP H . 27.73 36.88 -21.32
PN NAP H . 26.32 36.76 -20.46
O1N NAP H . 25.50 38.00 -20.67
O2N NAP H . 25.54 35.56 -20.94
O5D NAP H . 26.67 36.59 -18.86
C5D NAP H . 25.62 36.66 -17.92
C4D NAP H . 25.70 35.46 -16.94
O4D NAP H . 24.59 34.78 -17.00
C3D NAP H . 26.89 34.55 -17.33
O3D NAP H . 27.56 34.16 -16.21
C2D NAP H . 26.21 33.34 -17.97
O2D NAP H . 26.90 32.08 -17.59
C1D NAP H . 24.82 33.41 -17.34
N1N NAP H . 23.81 32.94 -18.25
C2N NAP H . 23.88 33.27 -19.55
C3N NAP H . 22.90 32.83 -20.44
C7N NAP H . 22.98 33.21 -21.91
O7N NAP H . 24.00 33.58 -22.38
N7N NAP H . 21.80 33.11 -22.75
C4N NAP H . 21.88 32.05 -19.99
C5N NAP H . 21.82 31.71 -18.68
C6N NAP H . 22.80 32.17 -17.80
P2B NAP H . 30.53 45.30 -19.67
O1X NAP H . 30.17 46.51 -18.87
O2X NAP H . 29.63 45.19 -20.87
O3X NAP H . 31.97 45.40 -20.13
PA NAP I . 7.90 6.30 -26.98
O1A NAP I . 7.55 4.84 -26.78
O2A NAP I . 8.42 6.51 -28.39
O5B NAP I . 9.07 6.74 -25.90
C5B NAP I . 10.19 5.91 -25.77
C4B NAP I . 11.25 6.61 -24.88
O4B NAP I . 12.45 6.13 -25.17
C3B NAP I . 11.33 8.10 -25.27
O3B NAP I . 11.75 8.84 -24.22
C2B NAP I . 12.42 8.05 -26.35
O2B NAP I . 13.22 9.31 -26.32
C1B NAP I . 13.16 7.02 -26.02
N9A NAP I . 13.58 6.32 -27.21
C8A NAP I . 13.25 6.56 -28.48
N7A NAP I . 13.87 5.66 -29.25
C5A NAP I . 14.58 4.85 -28.45
C6A NAP I . 15.39 3.76 -28.70
N6A NAP I . 15.79 3.07 -29.91
N1A NAP I . 15.98 3.13 -27.71
C2A NAP I . 15.80 3.54 -26.44
N3A NAP I . 15.01 4.61 -26.18
C4A NAP I . 14.40 5.25 -27.19
O3 NAP I . 6.56 7.23 -26.74
PN NAP I . 6.54 8.87 -26.91
O1N NAP I . 7.87 9.34 -27.45
O2N NAP I . 6.30 9.51 -25.56
O5D NAP I . 5.33 9.29 -27.95
C5D NAP I . 5.63 9.41 -29.31
C4D NAP I . 5.31 10.87 -29.76
O4D NAP I . 4.08 11.14 -29.42
C3D NAP I . 6.26 11.84 -29.02
O3D NAP I . 6.96 12.57 -29.92
C2D NAP I . 5.30 12.76 -28.24
O2D NAP I . 5.70 14.19 -28.40
C1D NAP I . 3.99 12.48 -28.97
N1N NAP I . 2.88 12.62 -28.07
C2N NAP I . 2.40 13.86 -27.78
C3N NAP I . 1.34 14.00 -26.90
C7N NAP I . 0.81 15.40 -26.58
O7N NAP I . 1.10 16.32 -27.27
N7N NAP I . -0.05 15.60 -25.43
C4N NAP I . 0.77 12.90 -26.35
C5N NAP I . 1.25 11.68 -26.64
C6N NAP I . 2.31 11.53 -27.51
P2B NAP I . 13.39 10.13 -27.73
O1X NAP I . 13.05 11.59 -27.51
O2X NAP I . 12.47 9.55 -28.78
O3X NAP I . 14.83 10.02 -28.19
C1 BG6 J . 21.04 26.31 -20.26
C2 BG6 J . 22.22 25.72 -21.00
O1 BG6 J . 21.09 25.90 -18.96
O5 BG6 J . 19.72 25.89 -20.85
C3 BG6 J . 22.14 25.94 -22.47
O2 BG6 J . 23.44 26.33 -20.51
C4 BG6 J . 20.83 25.48 -23.03
O3 BG6 J . 23.20 25.19 -23.11
C5 BG6 J . 19.66 26.13 -22.30
O4 BG6 J . 20.76 25.85 -24.42
C6 BG6 J . 18.36 25.56 -22.83
O6 BG6 J . 17.30 25.93 -21.95
P BG6 J . 15.89 26.52 -22.63
O1P BG6 J . 14.98 25.34 -22.99
O2P BG6 J . 15.19 27.42 -21.62
O3P BG6 J . 16.22 27.31 -23.87
PA NAP K . -3.92 -52.21 5.73
O1A NAP K . -3.06 -53.19 4.96
O2A NAP K . -3.98 -52.61 7.17
O5B NAP K . -5.44 -52.20 5.09
C5B NAP K . -6.52 -52.00 5.97
C4B NAP K . -7.62 -53.06 5.72
O4B NAP K . -7.95 -53.10 4.45
C3B NAP K . -7.07 -54.47 6.00
O3B NAP K . -7.35 -54.84 7.29
C2B NAP K . -7.92 -55.28 5.02
O2B NAP K . -9.21 -55.67 5.65
C1B NAP K . -8.14 -54.46 4.02
N9A NAP K . -7.24 -54.76 2.94
C8A NAP K . -5.90 -54.69 2.91
N7A NAP K . -5.50 -55.07 1.70
C5A NAP K . -6.59 -55.38 0.97
C6A NAP K . -6.74 -55.81 -0.33
N6A NAP K . -5.82 -56.11 -1.41
N1A NAP K . -7.95 -56.04 -0.81
C2A NAP K . -9.04 -55.84 -0.03
N3A NAP K . -8.88 -55.42 1.25
C4A NAP K . -7.66 -55.18 1.74
O3 NAP K . -3.27 -50.69 5.60
PN NAP K . -4.01 -49.34 6.19
O1N NAP K . -4.61 -49.64 7.55
O2N NAP K . -2.99 -48.23 6.34
O5D NAP K . -5.20 -48.87 5.16
C5D NAP K . -6.04 -47.81 5.54
C4D NAP K . -6.04 -46.70 4.45
O4D NAP K . -5.72 -45.54 4.99
C3D NAP K . -5.00 -47.05 3.36
O3D NAP K . -5.52 -46.81 2.13
C2D NAP K . -3.86 -46.07 3.64
O2D NAP K . -3.27 -45.57 2.36
C1D NAP K . -4.59 -44.95 4.36
N1N NAP K . -3.74 -44.33 5.34
C2N NAP K . -2.97 -45.09 6.15
C3N NAP K . -2.14 -44.49 7.09
C7N NAP K . -1.27 -45.35 8.01
O7N NAP K . -1.34 -46.54 7.97
N7N NAP K . -0.33 -44.72 8.92
C4N NAP K . -2.12 -43.15 7.20
C5N NAP K . -2.89 -42.38 6.39
C6N NAP K . -3.71 -42.99 5.45
P2B NAP K . -9.32 -57.14 6.39
O1X NAP K . -10.74 -57.37 6.86
O2X NAP K . -8.39 -57.17 7.58
O3X NAP K . -8.93 -58.23 5.43
PA NAP L . 17.21 -20.42 10.90
O1A NAP L . 17.94 -19.16 10.48
O2A NAP L . 18.21 -21.45 11.34
O5B NAP L . 16.34 -21.00 9.62
C5B NAP L . 17.04 -21.54 8.53
C4B NAP L . 16.04 -22.14 7.51
O4B NAP L . 16.69 -22.71 6.53
C3B NAP L . 15.29 -23.31 8.17
O3B NAP L . 14.14 -23.57 7.51
C2B NAP L . 16.31 -24.42 7.93
O2B NAP L . 15.63 -25.75 7.79
C1B NAP L . 16.90 -24.09 6.81
N9A NAP L . 18.31 -24.37 6.87
C8A NAP L . 19.04 -24.75 7.93
N7A NAP L . 20.31 -24.88 7.53
C5A NAP L . 20.36 -24.58 6.22
C6A NAP L . 21.40 -24.56 5.32
N6A NAP L . 22.82 -24.85 5.40
N1A NAP L . 21.18 -24.22 4.06
C2A NAP L . 19.92 -23.90 3.66
N3A NAP L . 18.90 -23.93 4.53
C4A NAP L . 19.12 -24.27 5.82
O3 NAP L . 16.19 -20.08 12.15
PN NAP L . 15.34 -21.23 12.96
O1N NAP L . 15.76 -22.60 12.48
O2N NAP L . 13.86 -21.05 12.71
O5D NAP L . 15.65 -21.09 14.58
C5D NAP L . 16.56 -21.98 15.16
C4D NAP L . 15.81 -22.80 16.25
O4D NAP L . 15.14 -21.98 17.01
C3D NAP L . 14.81 -23.76 15.57
O3D NAP L . 15.16 -25.05 15.80
C2D NAP L . 13.48 -23.45 16.27
O2D NAP L . 12.82 -24.71 16.73
C1D NAP L . 13.96 -22.63 17.47
N1N NAP L . 12.97 -21.65 17.84
C2N NAP L . 11.88 -22.04 18.54
C3N NAP L . 10.94 -21.10 18.91
C7N NAP L . 9.70 -21.53 19.70
O7N NAP L . 9.65 -22.61 20.18
N7N NAP L . 8.58 -20.62 19.86
C4N NAP L . 11.10 -19.80 18.56
C5N NAP L . 12.19 -19.42 17.85
C6N NAP L . 13.14 -20.37 17.49
P2B NAP L . 16.16 -26.99 8.73
O1X NAP L . 14.99 -27.55 9.52
O2X NAP L . 17.20 -26.48 9.69
O3X NAP L . 16.75 -28.07 7.86
C1 BG6 M . 1.44 -39.23 6.19
C2 BG6 M . 2.57 -39.85 5.40
O1 BG6 M . 0.66 -38.52 5.35
O5 BG6 M . 1.95 -38.29 7.27
C3 BG6 M . 3.61 -40.47 6.28
O2 BG6 M . 2.02 -40.88 4.53
C4 BG6 M . 4.11 -39.51 7.31
O3 BG6 M . 4.70 -40.90 5.46
C5 BG6 M . 2.97 -38.92 8.12
O4 BG6 M . 4.99 -40.21 8.20
C6 BG6 M . 3.51 -37.87 9.06
O6 BG6 M . 2.44 -37.06 9.51
P BG6 M . 2.23 -36.88 11.16
O1P BG6 M . 2.97 -35.63 11.64
O2P BG6 M . 2.77 -38.09 11.89
O3P BG6 M . 0.73 -36.73 11.47
PA NAP N . 18.54 20.94 44.50
O1A NAP N . 17.72 21.95 45.25
O2A NAP N . 19.22 20.01 45.46
O5B NAP N . 19.68 21.73 43.59
C5B NAP N . 20.92 21.11 43.41
C4B NAP N . 22.07 22.08 43.81
O4B NAP N . 21.88 23.26 43.27
C3B NAP N . 22.05 22.35 45.32
O3B NAP N . 22.90 21.52 45.96
C2B NAP N . 22.59 23.79 45.34
O2B NAP N . 24.09 23.77 45.38
C1B NAP N . 22.19 24.30 44.19
N9A NAP N . 21.02 25.12 44.42
C8A NAP N . 19.83 24.77 44.93
N7A NAP N . 19.05 25.86 44.94
C5A NAP N . 19.77 26.89 44.45
C6A NAP N . 19.46 28.21 44.24
N6A NAP N . 18.28 29.02 44.47
N1A NAP N . 20.36 29.03 43.72
C2A NAP N . 21.59 28.56 43.40
N3A NAP N . 21.89 27.25 43.60
C4A NAP N . 20.98 26.42 44.13
O3 NAP N . 17.55 20.08 43.49
PN NAP N . 18.12 19.08 42.30
O1N NAP N . 19.23 18.22 42.85
O2N NAP N . 17.00 18.19 41.81
O5D NAP N . 18.69 19.98 41.05
C5D NAP N . 19.22 19.33 39.92
C4D NAP N . 18.50 19.81 38.64
O4D NAP N . 18.13 18.77 37.92
C3D NAP N . 17.26 20.64 39.01
O3D NAP N . 17.13 21.70 38.18
C2D NAP N . 16.11 19.66 38.78
O2D NAP N . 14.91 20.36 38.22
C1D NAP N . 16.72 18.74 37.73
N1N NAP N . 16.23 17.40 37.88
C2N NAP N . 16.14 16.84 39.11
C3N NAP N . 15.66 15.55 39.25
C7N NAP N . 15.56 14.92 40.65
O7N NAP N . 15.85 15.56 41.61
N7N NAP N . 15.12 13.55 40.80
C4N NAP N . 15.29 14.84 38.16
C5N NAP N . 15.38 15.40 36.93
C6N NAP N . 15.85 16.69 36.79
P2B NAP N . 24.83 23.84 46.85
O1X NAP N . 26.31 24.01 46.65
O2X NAP N . 24.57 22.56 47.61
O3X NAP N . 24.29 25.01 47.64
PA NAP O . -5.97 -3.86 27.72
O1A NAP O . -7.01 -4.25 26.69
O2A NAP O . -6.56 -4.04 29.10
O5B NAP O . -5.53 -2.29 27.51
C5B NAP O . -6.44 -1.28 27.88
C4B NAP O . -5.79 0.11 27.68
O4B NAP O . -6.59 1.04 28.12
C3B NAP O . -4.55 0.22 28.58
O3B NAP O . -3.72 1.18 28.12
C2B NAP O . -5.23 0.68 29.88
O2B NAP O . -4.31 1.53 30.68
C1B NAP O . -6.27 1.38 29.47
N9A NAP O . -7.40 1.11 30.32
C8A NAP O . -7.50 0.25 31.34
N7A NAP O . -8.75 0.34 31.83
C5A NAP O . -9.42 1.24 31.11
C6A NAP O . -10.71 1.71 31.18
N6A NAP O . -11.84 1.44 32.03
N1A NAP O . -11.13 2.62 30.32
C2A NAP O . -10.28 3.11 29.38
N3A NAP O . -9.01 2.65 29.31
C4A NAP O . -8.58 1.72 30.17
O3 NAP O . -4.64 -4.82 27.56
PN NAP O . -3.38 -4.80 28.62
O1N NAP O . -3.68 -3.82 29.73
O2N NAP O . -2.11 -4.38 27.90
O5D NAP O . -3.16 -6.31 29.25
C5D NAP O . -3.40 -6.50 30.62
C4D NAP O . -2.04 -6.84 31.31
O4D NAP O . -1.38 -7.70 30.57
C3D NAP O . -1.18 -5.56 31.42
O3D NAP O . -1.03 -5.20 32.71
C2D NAP O . 0.16 -5.99 30.82
O2D NAP O . 1.28 -5.60 31.74
C1D NAP O . 0.00 -7.51 30.81
N1N NAP O . 0.79 -8.08 29.75
C2N NAP O . 2.12 -8.19 29.90
C3N NAP O . 2.89 -8.74 28.89
C7N NAP O . 4.40 -8.85 29.06
O7N NAP O . 4.90 -8.58 30.10
N7N NAP O . 5.24 -9.28 27.95
C4N NAP O . 2.29 -9.18 27.75
C5N NAP O . 0.95 -9.09 27.61
C6N NAP O . 0.19 -8.53 28.63
P2B NAP O . -4.16 1.19 32.28
O1X NAP O . -2.70 1.29 32.68
O2X NAP O . -4.66 -0.20 32.56
O3X NAP O . -4.96 2.19 33.09
C1 BG6 P . 10.87 12.87 36.04
C2 BG6 P . 9.62 13.55 36.60
O1 BG6 P . 11.21 13.51 34.89
O5 BG6 P . 10.64 11.42 35.73
C3 BG6 P . 9.05 12.80 37.74
O2 BG6 P . 9.99 14.88 37.05
C4 BG6 P . 8.80 11.36 37.39
O3 BG6 P . 7.79 13.41 38.12
C5 BG6 P . 10.05 10.68 36.87
O4 BG6 P . 8.35 10.66 38.56
C6 BG6 P . 9.72 9.30 36.40
O6 BG6 P . 10.77 8.82 35.58
P BG6 P . 11.50 7.37 35.99
O1P BG6 P . 10.66 6.21 35.45
O2P BG6 P . 11.59 7.26 37.49
O3P BG6 P . 12.91 7.31 35.40
#